data_1ODI
#
_entry.id   1ODI
#
_cell.length_a   132.365
_cell.length_b   132.365
_cell.length_c   171.009
_cell.angle_alpha   90.00
_cell.angle_beta   90.00
_cell.angle_gamma   90.00
#
_symmetry.space_group_name_H-M   'P 43 21 2'
#
loop_
_entity.id
_entity.type
_entity.pdbx_description
1 polymer 'PURINE NUCLEOSIDE PHOSPHORYLASE'
2 non-polymer 'SULFATE ION'
3 non-polymer ADENOSINE
4 water water
#
_entity_poly.entity_id   1
_entity_poly.type   'polypeptide(L)'
_entity_poly.pdbx_seq_one_letter_code
;MSPIHVRAHPGDVAERVLLPGDPGRAEWIAKTFLQNPRRYNDHRGLWGYTGLYKGVPVSVQTTGMGTPSAAIVVEELVRL
GARVLVRVGTAGAASSDLAPGELIVAQGAVPLDGTTRQYLEGRPYAPVPDPEVFRALWRRAEALGYPHRVGLVASEDAFY
ATTPEEARAWARYGVLAFEMEASALFLLGRMRGVRTGAILAVSNRIGDPELAPPEVLQEGVRRMVEVALEAVLEV
;
_entity_poly.pdbx_strand_id   A,B,C,D,E,F
#
loop_
_chem_comp.id
_chem_comp.type
_chem_comp.name
_chem_comp.formula
ADN non-polymer ADENOSINE 'C10 H13 N5 O4'
SO4 non-polymer 'SULFATE ION' 'O4 S -2'
#
# COMPACT_ATOMS: atom_id res chain seq x y z
N SER A 2 -19.33 33.91 -1.26
CA SER A 2 -18.75 33.56 0.07
C SER A 2 -18.53 32.05 0.22
N PRO A 3 -17.32 31.64 0.63
CA PRO A 3 -17.00 30.21 0.81
C PRO A 3 -17.99 29.49 1.72
N ILE A 4 -17.97 28.17 1.66
CA ILE A 4 -18.87 27.35 2.45
C ILE A 4 -18.61 27.32 3.95
N HIS A 5 -17.35 27.37 4.38
CA HIS A 5 -17.05 27.31 5.81
C HIS A 5 -16.65 28.65 6.42
N VAL A 6 -15.67 29.32 5.83
CA VAL A 6 -15.25 30.63 6.33
C VAL A 6 -16.07 31.64 5.55
N ARG A 7 -17.27 31.90 6.03
CA ARG A 7 -18.23 32.80 5.40
C ARG A 7 -17.76 34.25 5.29
N ALA A 8 -16.76 34.50 4.44
CA ALA A 8 -16.26 35.86 4.27
C ALA A 8 -16.22 36.27 2.80
N HIS A 9 -15.79 37.51 2.54
CA HIS A 9 -15.69 38.03 1.18
C HIS A 9 -14.24 38.39 0.84
N PRO A 10 -13.91 38.50 -0.45
CA PRO A 10 -12.56 38.84 -0.91
C PRO A 10 -11.82 39.93 -0.12
N GLY A 11 -12.51 41.05 0.12
CA GLY A 11 -11.89 42.14 0.84
C GLY A 11 -11.75 41.98 2.34
N ASP A 12 -12.21 40.84 2.88
CA ASP A 12 -12.12 40.59 4.32
C ASP A 12 -10.79 39.99 4.75
N VAL A 13 -10.11 39.30 3.83
CA VAL A 13 -8.84 38.65 4.17
C VAL A 13 -7.61 39.31 3.57
N ALA A 14 -6.62 39.55 4.42
CA ALA A 14 -5.37 40.18 3.99
C ALA A 14 -4.49 39.20 3.24
N GLU A 15 -3.47 39.71 2.56
CA GLU A 15 -2.56 38.83 1.82
C GLU A 15 -1.77 37.94 2.78
N ARG A 16 -1.49 38.47 3.96
CA ARG A 16 -0.73 37.75 4.97
C ARG A 16 -1.65 37.19 6.05
N VAL A 17 -1.59 35.89 6.31
CA VAL A 17 -2.45 35.27 7.31
C VAL A 17 -1.74 34.32 8.26
N LEU A 18 -1.98 34.49 9.57
CA LEU A 18 -1.41 33.59 10.57
C LEU A 18 -2.51 32.57 10.80
N LEU A 19 -2.11 31.30 10.92
CA LEU A 19 -3.06 30.21 11.08
C LEU A 19 -2.93 29.40 12.38
N PRO A 20 -3.59 29.86 13.45
CA PRO A 20 -3.52 29.11 14.71
C PRO A 20 -4.59 28.03 14.59
N GLY A 21 -4.49 26.97 15.37
CA GLY A 21 -5.49 25.92 15.30
C GLY A 21 -6.67 26.17 16.23
N ASP A 22 -6.38 26.78 17.36
CA ASP A 22 -7.38 27.07 18.36
C ASP A 22 -7.96 28.49 18.22
N PRO A 23 -9.29 28.60 18.10
CA PRO A 23 -9.91 29.92 17.97
C PRO A 23 -9.55 30.83 19.14
N GLY A 24 -9.24 30.20 20.28
CA GLY A 24 -8.87 30.97 21.46
C GLY A 24 -7.58 31.76 21.28
N ARG A 25 -6.64 31.20 20.52
CA ARG A 25 -5.38 31.88 20.29
C ARG A 25 -5.59 32.91 19.19
N ALA A 26 -6.49 32.60 18.28
CA ALA A 26 -6.81 33.51 17.18
C ALA A 26 -7.27 34.81 17.81
N GLU A 27 -8.30 34.72 18.66
CA GLU A 27 -8.84 35.90 19.33
C GLU A 27 -7.76 36.61 20.14
N TRP A 28 -6.95 35.82 20.83
CA TRP A 28 -5.88 36.38 21.65
C TRP A 28 -4.83 37.12 20.81
N ILE A 29 -4.51 36.60 19.64
CA ILE A 29 -3.53 37.25 18.78
C ILE A 29 -4.11 38.57 18.27
N ALA A 30 -5.35 38.53 17.79
CA ALA A 30 -6.03 39.72 17.27
C ALA A 30 -6.03 40.84 18.30
N LYS A 31 -6.47 40.53 19.50
CA LYS A 31 -6.53 41.52 20.57
C LYS A 31 -5.18 41.95 21.12
N THR A 32 -4.23 41.02 21.21
CA THR A 32 -2.91 41.31 21.75
C THR A 32 -1.89 41.94 20.79
N PHE A 33 -1.91 41.56 19.52
CA PHE A 33 -0.93 42.09 18.57
C PHE A 33 -1.45 43.01 17.47
N LEU A 34 -2.71 42.80 17.05
CA LEU A 34 -3.28 43.59 15.97
C LEU A 34 -3.98 44.89 16.36
N GLN A 35 -3.81 45.90 15.51
CA GLN A 35 -4.43 47.19 15.75
C GLN A 35 -5.75 47.21 15.00
N ASN A 36 -6.82 47.63 15.69
CA ASN A 36 -8.11 47.74 15.06
C ASN A 36 -8.53 46.40 14.42
N PRO A 37 -8.46 45.30 15.18
CA PRO A 37 -8.82 43.99 14.67
C PRO A 37 -10.33 43.84 14.50
N ARG A 38 -10.76 43.18 13.42
CA ARG A 38 -12.17 42.97 13.16
C ARG A 38 -12.42 41.51 12.81
N ARG A 39 -13.38 40.88 13.48
CA ARG A 39 -13.70 39.47 13.23
C ARG A 39 -14.62 39.33 12.03
N TYR A 40 -14.11 38.73 10.96
CA TYR A 40 -14.90 38.56 9.74
C TYR A 40 -15.63 37.23 9.65
N ASN A 41 -15.37 36.33 10.59
CA ASN A 41 -16.05 35.04 10.57
C ASN A 41 -16.05 34.34 11.92
N ASP A 42 -17.15 33.65 12.20
CA ASP A 42 -17.30 32.91 13.44
C ASP A 42 -18.09 31.64 13.13
N HIS A 43 -18.45 31.48 11.86
CA HIS A 43 -19.19 30.30 11.45
C HIS A 43 -18.34 29.06 11.78
N ARG A 44 -18.98 28.04 12.33
CA ARG A 44 -18.34 26.79 12.72
C ARG A 44 -17.23 26.98 13.75
N GLY A 45 -17.20 28.14 14.39
CA GLY A 45 -16.17 28.42 15.38
C GLY A 45 -14.83 28.78 14.75
N LEU A 46 -14.79 28.75 13.43
CA LEU A 46 -13.58 29.08 12.70
C LEU A 46 -13.33 30.60 12.74
N TRP A 47 -13.04 31.10 13.93
CA TRP A 47 -12.81 32.53 14.16
C TRP A 47 -11.72 33.16 13.31
N GLY A 48 -12.12 34.18 12.55
CA GLY A 48 -11.19 34.86 11.68
C GLY A 48 -11.18 36.35 11.92
N TYR A 49 -9.97 36.91 11.99
CA TYR A 49 -9.81 38.33 12.24
C TYR A 49 -8.85 38.98 11.26
N THR A 50 -9.07 40.26 10.99
CA THR A 50 -8.18 41.04 10.14
C THR A 50 -7.96 42.35 10.87
N GLY A 51 -6.72 42.83 10.84
CA GLY A 51 -6.40 44.07 11.50
C GLY A 51 -5.09 44.57 10.95
N LEU A 52 -4.43 45.45 11.69
CA LEU A 52 -3.15 45.96 11.24
C LEU A 52 -2.03 45.65 12.21
N TYR A 53 -0.86 45.37 11.66
CA TYR A 53 0.33 45.13 12.47
C TYR A 53 1.39 46.06 11.90
N LYS A 54 1.79 47.07 12.67
CA LYS A 54 2.77 48.03 12.21
C LYS A 54 2.37 48.58 10.85
N GLY A 55 1.09 48.84 10.68
CA GLY A 55 0.59 49.39 9.44
C GLY A 55 0.28 48.40 8.33
N VAL A 56 0.75 47.17 8.47
CA VAL A 56 0.50 46.17 7.45
C VAL A 56 -0.73 45.32 7.79
N PRO A 57 -1.63 45.14 6.81
CA PRO A 57 -2.80 44.32 7.12
C PRO A 57 -2.42 42.86 7.35
N VAL A 58 -2.97 42.30 8.42
CA VAL A 58 -2.69 40.92 8.77
C VAL A 58 -3.94 40.20 9.25
N SER A 59 -4.19 39.04 8.67
CA SER A 59 -5.35 38.23 9.06
C SER A 59 -4.90 37.07 9.95
N VAL A 60 -5.77 36.70 10.89
CA VAL A 60 -5.52 35.61 11.81
C VAL A 60 -6.75 34.70 11.71
N GLN A 61 -6.58 33.58 11.03
CA GLN A 61 -7.67 32.63 10.80
C GLN A 61 -7.53 31.34 11.61
N THR A 62 -8.64 30.90 12.20
CA THR A 62 -8.65 29.67 12.97
C THR A 62 -8.77 28.53 11.98
N THR A 63 -7.95 27.49 12.15
CA THR A 63 -7.97 26.36 11.24
C THR A 63 -8.74 25.16 11.80
N GLY A 64 -8.77 25.04 13.11
CA GLY A 64 -9.43 23.90 13.73
C GLY A 64 -8.32 22.87 13.87
N MET A 65 -8.62 21.67 14.37
CA MET A 65 -7.61 20.64 14.52
C MET A 65 -7.70 19.58 13.42
N GLY A 66 -6.55 19.21 12.87
CA GLY A 66 -6.53 18.17 11.85
C GLY A 66 -6.43 18.75 10.45
N THR A 67 -5.69 18.07 9.59
CA THR A 67 -5.49 18.51 8.22
C THR A 67 -6.79 18.59 7.41
N PRO A 68 -7.82 17.83 7.79
CA PRO A 68 -9.05 17.92 7.01
C PRO A 68 -9.71 19.28 7.23
N SER A 69 -9.66 19.75 8.46
CA SER A 69 -10.24 21.03 8.82
C SER A 69 -9.38 22.13 8.22
N ALA A 70 -8.08 22.08 8.51
CA ALA A 70 -7.13 23.08 8.00
C ALA A 70 -7.13 23.18 6.48
N ALA A 71 -7.26 22.04 5.81
CA ALA A 71 -7.27 22.02 4.35
C ALA A 71 -8.49 22.77 3.83
N ILE A 72 -9.63 22.58 4.47
CA ILE A 72 -10.85 23.29 4.08
C ILE A 72 -10.61 24.79 4.24
N VAL A 73 -10.02 25.16 5.37
CA VAL A 73 -9.73 26.55 5.68
C VAL A 73 -8.67 27.20 4.76
N VAL A 74 -7.63 26.45 4.42
CA VAL A 74 -6.58 26.98 3.55
C VAL A 74 -7.08 27.14 2.12
N GLU A 75 -7.86 26.17 1.66
CA GLU A 75 -8.40 26.24 0.31
C GLU A 75 -9.25 27.50 0.20
N GLU A 76 -10.08 27.75 1.21
CA GLU A 76 -10.94 28.92 1.20
C GLU A 76 -10.21 30.25 1.39
N LEU A 77 -9.14 30.28 2.19
CA LEU A 77 -8.39 31.51 2.38
C LEU A 77 -7.74 31.95 1.08
N VAL A 78 -7.19 30.97 0.34
CA VAL A 78 -6.56 31.24 -0.94
C VAL A 78 -7.61 31.85 -1.86
N ARG A 79 -8.78 31.23 -1.91
CA ARG A 79 -9.89 31.72 -2.73
C ARG A 79 -10.14 33.20 -2.41
N LEU A 80 -10.06 33.52 -1.12
CA LEU A 80 -10.29 34.88 -0.62
C LEU A 80 -9.10 35.85 -0.72
N GLY A 81 -8.06 35.44 -1.44
CA GLY A 81 -6.90 36.29 -1.64
C GLY A 81 -5.69 36.13 -0.71
N ALA A 82 -5.62 35.02 0.02
CA ALA A 82 -4.48 34.79 0.91
C ALA A 82 -3.26 34.47 0.06
N ARG A 83 -2.13 35.10 0.35
CA ARG A 83 -0.90 34.89 -0.41
C ARG A 83 0.20 34.30 0.47
N VAL A 84 0.32 34.79 1.70
CA VAL A 84 1.32 34.30 2.64
C VAL A 84 0.60 33.78 3.87
N LEU A 85 0.73 32.48 4.13
CA LEU A 85 0.07 31.85 5.27
C LEU A 85 1.04 31.13 6.18
N VAL A 86 1.13 31.59 7.43
CA VAL A 86 2.04 30.97 8.38
C VAL A 86 1.30 30.41 9.57
N ARG A 87 1.38 29.09 9.74
CA ARG A 87 0.73 28.42 10.84
C ARG A 87 1.50 28.69 12.14
N VAL A 88 0.78 29.14 13.16
CA VAL A 88 1.38 29.38 14.47
C VAL A 88 0.65 28.45 15.43
N GLY A 89 1.18 27.23 15.59
CA GLY A 89 0.52 26.27 16.47
C GLY A 89 1.38 25.71 17.59
N THR A 90 0.94 24.59 18.15
CA THR A 90 1.68 23.94 19.22
C THR A 90 1.93 22.51 18.76
N ALA A 91 2.85 21.81 19.42
CA ALA A 91 3.17 20.43 19.06
C ALA A 91 3.68 19.63 20.25
N GLY A 92 3.69 18.30 20.11
CA GLY A 92 4.17 17.44 21.17
C GLY A 92 5.55 16.90 20.86
N ALA A 93 6.52 17.16 21.75
CA ALA A 93 7.90 16.70 21.55
C ALA A 93 8.03 15.18 21.41
N ALA A 94 8.80 14.74 20.41
CA ALA A 94 9.00 13.33 20.14
C ALA A 94 10.07 12.73 21.04
N SER A 95 10.91 13.59 21.60
CA SER A 95 11.98 13.13 22.49
C SER A 95 12.03 13.95 23.78
N SER A 96 12.75 13.42 24.78
CA SER A 96 12.89 14.09 26.08
C SER A 96 13.66 15.39 26.07
N ASP A 97 14.54 15.58 25.08
CA ASP A 97 15.36 16.78 24.97
C ASP A 97 14.61 18.05 24.55
N LEU A 98 13.44 17.93 23.94
CA LEU A 98 12.70 19.12 23.55
C LEU A 98 11.72 19.51 24.66
N ALA A 99 11.99 20.63 25.33
CA ALA A 99 11.16 21.07 26.45
C ALA A 99 10.02 22.00 26.04
N PRO A 100 8.94 22.00 26.84
CA PRO A 100 7.77 22.85 26.56
C PRO A 100 8.14 24.32 26.55
N GLY A 101 7.67 25.04 25.52
CA GLY A 101 7.98 26.45 25.41
C GLY A 101 8.98 26.70 24.29
N GLU A 102 9.78 25.69 23.97
CA GLU A 102 10.75 25.86 22.89
C GLU A 102 10.02 26.05 21.57
N LEU A 103 10.65 26.79 20.67
CA LEU A 103 10.07 27.07 19.36
C LEU A 103 10.62 26.17 18.26
N ILE A 104 9.77 25.81 17.31
CA ILE A 104 10.20 24.98 16.19
C ILE A 104 9.85 25.63 14.86
N VAL A 105 10.85 25.87 14.02
CA VAL A 105 10.61 26.44 12.70
C VAL A 105 10.59 25.17 11.85
N ALA A 106 9.42 24.83 11.32
CA ALA A 106 9.24 23.62 10.52
C ALA A 106 9.86 23.61 9.13
N GLN A 107 10.93 22.85 8.98
CA GLN A 107 11.64 22.74 7.71
C GLN A 107 10.84 21.83 6.75
N GLY A 108 9.99 21.01 7.34
CA GLY A 108 9.18 20.10 6.55
C GLY A 108 8.25 19.35 7.49
N ALA A 109 7.33 18.58 6.93
CA ALA A 109 6.40 17.84 7.75
C ALA A 109 6.13 16.45 7.21
N VAL A 110 6.52 15.45 7.98
CA VAL A 110 6.27 14.06 7.59
C VAL A 110 4.76 13.96 7.41
N PRO A 111 4.29 13.49 6.24
CA PRO A 111 2.85 13.36 5.98
C PRO A 111 2.20 12.06 6.47
N LEU A 112 1.80 12.02 7.75
CA LEU A 112 1.15 10.84 8.30
C LEU A 112 -0.36 10.95 8.25
N ASP A 113 -0.86 12.04 7.70
CA ASP A 113 -2.29 12.29 7.62
C ASP A 113 -2.89 11.77 6.33
N GLY A 114 -4.20 11.63 6.33
CA GLY A 114 -4.91 11.14 5.16
C GLY A 114 -5.35 12.25 4.22
N THR A 115 -5.31 13.49 4.67
CA THR A 115 -5.72 14.60 3.81
C THR A 115 -4.72 14.77 2.67
N THR A 116 -3.43 14.85 2.99
CA THR A 116 -2.41 14.99 1.97
C THR A 116 -2.51 13.76 1.06
N ARG A 117 -2.69 12.60 1.68
CA ARG A 117 -2.82 11.36 0.94
C ARG A 117 -3.91 11.46 -0.12
N GLN A 118 -5.10 11.93 0.26
CA GLN A 118 -6.20 12.05 -0.69
C GLN A 118 -5.80 12.99 -1.84
N TYR A 119 -5.23 14.15 -1.52
CA TYR A 119 -4.82 15.10 -2.54
C TYR A 119 -3.75 14.48 -3.46
N LEU A 120 -2.79 13.78 -2.86
CA LEU A 120 -1.70 13.16 -3.59
C LEU A 120 -2.04 11.81 -4.23
N GLU A 121 -3.27 11.35 -4.02
CA GLU A 121 -3.70 10.07 -4.55
C GLU A 121 -2.70 8.96 -4.17
N GLY A 122 -2.27 8.99 -2.92
CA GLY A 122 -1.35 7.99 -2.42
C GLY A 122 0.12 8.10 -2.81
N ARG A 123 0.51 9.17 -3.49
CA ARG A 123 1.91 9.34 -3.91
C ARG A 123 2.82 9.86 -2.81
N PRO A 124 4.09 9.40 -2.79
CA PRO A 124 5.05 9.85 -1.78
C PRO A 124 5.20 11.36 -1.94
N TYR A 125 5.77 12.02 -0.94
CA TYR A 125 5.91 13.46 -1.05
C TYR A 125 6.68 14.03 0.13
N ALA A 126 7.22 15.22 -0.07
CA ALA A 126 7.97 15.90 0.98
C ALA A 126 7.31 17.25 1.26
N PRO A 127 6.36 17.28 2.21
CA PRO A 127 5.69 18.54 2.52
C PRO A 127 6.70 19.57 3.05
N VAL A 128 6.88 20.65 2.31
CA VAL A 128 7.82 21.69 2.74
C VAL A 128 7.23 23.07 2.61
N PRO A 129 7.70 24.01 3.45
CA PRO A 129 7.20 25.38 3.41
C PRO A 129 7.73 26.10 2.19
N ASP A 130 7.27 27.32 1.98
CA ASP A 130 7.78 28.13 0.89
C ASP A 130 9.18 28.48 1.37
N PRO A 131 10.21 28.23 0.55
CA PRO A 131 11.58 28.55 0.97
C PRO A 131 11.82 29.93 1.58
N GLU A 132 11.31 30.98 0.94
CA GLU A 132 11.51 32.33 1.47
C GLU A 132 10.83 32.54 2.82
N VAL A 133 9.64 31.98 3.00
CA VAL A 133 8.94 32.13 4.27
C VAL A 133 9.71 31.38 5.36
N PHE A 134 10.11 30.14 5.06
CA PHE A 134 10.87 29.33 6.00
C PHE A 134 12.08 30.12 6.48
N ARG A 135 12.82 30.69 5.54
CA ARG A 135 14.01 31.47 5.85
C ARG A 135 13.68 32.75 6.63
N ALA A 136 12.56 33.38 6.31
CA ALA A 136 12.16 34.59 6.99
C ALA A 136 11.88 34.27 8.47
N LEU A 137 11.18 33.17 8.72
CA LEU A 137 10.87 32.75 10.09
C LEU A 137 12.15 32.43 10.86
N TRP A 138 13.11 31.79 10.20
CA TRP A 138 14.37 31.43 10.82
C TRP A 138 15.18 32.69 11.16
N ARG A 139 15.13 33.68 10.27
CA ARG A 139 15.87 34.92 10.49
C ARG A 139 15.30 35.77 11.61
N ARG A 140 13.99 35.99 11.59
CA ARG A 140 13.36 36.79 12.64
C ARG A 140 13.65 36.14 13.99
N ALA A 141 13.53 34.81 14.05
CA ALA A 141 13.80 34.11 15.31
C ALA A 141 15.20 34.45 15.81
N GLU A 142 16.16 34.52 14.89
CA GLU A 142 17.54 34.85 15.24
C GLU A 142 17.68 36.33 15.56
N ALA A 143 17.13 37.17 14.70
CA ALA A 143 17.20 38.62 14.89
C ALA A 143 16.60 39.04 16.23
N LEU A 144 15.61 38.30 16.70
CA LEU A 144 14.94 38.61 17.95
C LEU A 144 15.63 37.99 19.17
N GLY A 145 16.60 37.13 18.91
CA GLY A 145 17.32 36.49 20.00
C GLY A 145 16.51 35.48 20.79
N TYR A 146 15.61 34.77 20.13
CA TYR A 146 14.80 33.77 20.80
C TYR A 146 15.28 32.38 20.39
N PRO A 147 15.70 31.55 21.37
CA PRO A 147 16.16 30.21 21.00
C PRO A 147 15.08 29.47 20.20
N HIS A 148 15.51 28.55 19.34
CA HIS A 148 14.59 27.82 18.50
C HIS A 148 15.23 26.61 17.85
N ARG A 149 14.39 25.69 17.40
CA ARG A 149 14.85 24.49 16.70
C ARG A 149 14.30 24.59 15.29
N VAL A 150 15.11 24.16 14.33
CA VAL A 150 14.72 24.15 12.94
C VAL A 150 14.78 22.69 12.52
N GLY A 151 13.66 22.15 12.06
CA GLY A 151 13.64 20.76 11.66
C GLY A 151 12.28 20.23 11.25
N LEU A 152 12.20 18.90 11.23
CA LEU A 152 10.98 18.22 10.83
C LEU A 152 9.97 17.98 11.93
N VAL A 153 8.69 18.08 11.58
CA VAL A 153 7.64 17.79 12.51
C VAL A 153 6.86 16.75 11.75
N ALA A 154 5.91 16.09 12.41
CA ALA A 154 5.13 15.07 11.75
C ALA A 154 3.66 15.41 11.91
N SER A 155 2.95 15.46 10.78
CA SER A 155 1.52 15.76 10.81
C SER A 155 0.76 14.45 10.85
N GLU A 156 0.04 14.23 11.94
CA GLU A 156 -0.72 12.99 12.12
C GLU A 156 -2.23 13.22 12.21
N ASP A 157 -2.99 12.13 12.16
CA ASP A 157 -4.44 12.19 12.22
C ASP A 157 -4.97 11.77 13.59
N ALA A 158 -4.35 10.75 14.18
CA ALA A 158 -4.79 10.22 15.46
C ALA A 158 -4.00 10.69 16.67
N PHE A 159 -4.56 11.66 17.38
CA PHE A 159 -3.89 12.20 18.55
C PHE A 159 -3.61 11.12 19.58
N TYR A 160 -4.63 10.31 19.87
CA TYR A 160 -4.50 9.25 20.88
C TYR A 160 -4.00 7.87 20.43
N ALA A 161 -3.47 7.76 19.23
CA ALA A 161 -2.95 6.47 18.77
C ALA A 161 -1.46 6.41 19.11
N THR A 162 -0.72 7.41 18.64
CA THR A 162 0.72 7.50 18.87
C THR A 162 1.11 7.37 20.33
N THR A 163 1.98 6.40 20.62
CA THR A 163 2.46 6.17 21.97
C THR A 163 3.87 6.78 22.07
N PRO A 164 4.36 6.98 23.30
CA PRO A 164 5.70 7.56 23.51
C PRO A 164 6.83 6.77 22.83
N GLU A 165 6.65 5.46 22.69
CA GLU A 165 7.68 4.63 22.06
C GLU A 165 7.72 4.89 20.56
N GLU A 166 6.54 4.98 19.96
CA GLU A 166 6.42 5.23 18.53
C GLU A 166 6.98 6.61 18.18
N ALA A 167 6.73 7.59 19.04
CA ALA A 167 7.20 8.95 18.83
C ALA A 167 8.73 9.02 18.83
N ARG A 168 9.34 8.36 19.81
CA ARG A 168 10.80 8.35 19.91
C ARG A 168 11.41 7.58 18.75
N ALA A 169 10.68 6.60 18.22
CA ALA A 169 11.19 5.84 17.10
C ALA A 169 11.28 6.83 15.93
N TRP A 170 10.25 7.65 15.78
CA TRP A 170 10.22 8.65 14.71
C TRP A 170 11.30 9.71 14.90
N ALA A 171 11.73 9.91 16.15
CA ALA A 171 12.74 10.90 16.44
C ALA A 171 14.07 10.52 15.80
N ARG A 172 14.30 9.22 15.64
CA ARG A 172 15.53 8.73 15.04
C ARG A 172 15.63 9.14 13.57
N TYR A 173 14.48 9.38 12.95
CA TYR A 173 14.43 9.78 11.55
C TYR A 173 14.43 11.30 11.44
N GLY A 174 14.61 11.97 12.58
CA GLY A 174 14.65 13.41 12.58
C GLY A 174 13.37 14.14 12.94
N VAL A 175 12.33 13.42 13.36
CA VAL A 175 11.08 14.06 13.73
C VAL A 175 11.22 14.70 15.10
N LEU A 176 11.06 16.02 15.16
CA LEU A 176 11.20 16.73 16.42
C LEU A 176 9.91 16.74 17.23
N ALA A 177 8.77 16.80 16.55
CA ALA A 177 7.50 16.84 17.27
C ALA A 177 6.32 16.47 16.38
N PHE A 178 5.20 16.13 17.02
CA PHE A 178 4.01 15.77 16.30
C PHE A 178 2.96 16.84 16.44
N GLU A 179 2.33 17.16 15.31
CA GLU A 179 1.27 18.15 15.27
C GLU A 179 0.27 17.67 14.22
N MET A 180 -0.80 18.43 13.97
CA MET A 180 -1.83 17.97 13.05
C MET A 180 -2.32 18.90 11.93
N GLU A 181 -1.44 19.73 11.36
CA GLU A 181 -1.91 20.60 10.29
C GLU A 181 -0.89 20.92 9.22
N ALA A 182 0.39 20.97 9.60
CA ALA A 182 1.46 21.35 8.67
C ALA A 182 1.53 20.71 7.30
N SER A 183 1.66 19.39 7.23
CA SER A 183 1.76 18.70 5.94
C SER A 183 0.82 19.19 4.85
N ALA A 184 -0.46 19.32 5.16
CA ALA A 184 -1.45 19.77 4.18
C ALA A 184 -1.26 21.26 3.83
N LEU A 185 -0.85 22.05 4.81
CA LEU A 185 -0.61 23.46 4.56
C LEU A 185 0.52 23.59 3.54
N PHE A 186 1.59 22.83 3.75
CA PHE A 186 2.73 22.85 2.85
C PHE A 186 2.34 22.36 1.47
N LEU A 187 1.63 21.24 1.40
CA LEU A 187 1.19 20.69 0.12
C LEU A 187 0.33 21.71 -0.65
N LEU A 188 -0.74 22.17 -0.02
CA LEU A 188 -1.62 23.13 -0.67
C LEU A 188 -0.85 24.39 -1.08
N GLY A 189 0.22 24.70 -0.36
CA GLY A 189 1.02 25.85 -0.71
C GLY A 189 1.57 25.70 -2.11
N ARG A 190 2.06 24.50 -2.42
CA ARG A 190 2.62 24.22 -3.75
C ARG A 190 1.52 24.07 -4.80
N MET A 191 0.45 23.36 -4.43
CA MET A 191 -0.66 23.12 -5.35
C MET A 191 -1.40 24.41 -5.72
N ARG A 192 -1.56 25.32 -4.76
CA ARG A 192 -2.27 26.56 -5.06
C ARG A 192 -1.36 27.76 -5.29
N GLY A 193 -0.05 27.52 -5.31
CA GLY A 193 0.89 28.61 -5.56
C GLY A 193 0.93 29.75 -4.57
N VAL A 194 0.87 29.44 -3.28
CA VAL A 194 0.96 30.49 -2.27
C VAL A 194 2.10 30.16 -1.31
N ARG A 195 2.72 31.20 -0.75
CA ARG A 195 3.84 31.04 0.19
C ARG A 195 3.31 30.66 1.58
N THR A 196 3.82 29.57 2.13
CA THR A 196 3.38 29.13 3.45
C THR A 196 4.55 28.73 4.33
N GLY A 197 4.33 28.83 5.63
CA GLY A 197 5.35 28.47 6.60
C GLY A 197 4.69 27.98 7.89
N ALA A 198 5.49 27.43 8.79
CA ALA A 198 4.95 26.96 10.04
C ALA A 198 5.92 27.13 11.19
N ILE A 199 5.43 27.63 12.31
CA ILE A 199 6.24 27.80 13.49
C ILE A 199 5.43 27.24 14.65
N LEU A 200 6.08 26.46 15.50
CA LEU A 200 5.40 25.82 16.60
C LEU A 200 6.01 26.05 17.96
N ALA A 201 5.17 25.97 18.98
CA ALA A 201 5.59 26.11 20.35
C ALA A 201 5.28 24.77 21.03
N VAL A 202 6.31 24.07 21.47
CA VAL A 202 6.10 22.79 22.13
C VAL A 202 5.24 23.02 23.37
N SER A 203 4.11 22.34 23.46
CA SER A 203 3.21 22.50 24.60
C SER A 203 3.19 21.28 25.51
N ASN A 204 3.83 20.21 25.05
CA ASN A 204 3.87 18.97 25.82
C ASN A 204 4.78 17.93 25.19
N ARG A 205 5.11 16.92 25.98
CA ARG A 205 5.91 15.81 25.49
C ARG A 205 4.87 14.72 25.21
N ILE A 206 5.04 13.97 24.13
CA ILE A 206 4.08 12.94 23.79
C ILE A 206 3.83 11.96 24.92
N GLY A 207 2.56 11.79 25.29
CA GLY A 207 2.21 10.87 26.35
C GLY A 207 1.80 11.56 27.64
N ASP A 208 2.00 12.87 27.70
CA ASP A 208 1.64 13.64 28.89
C ASP A 208 0.12 13.70 29.05
N PRO A 209 -0.36 13.49 30.28
CA PRO A 209 -1.80 13.53 30.55
C PRO A 209 -2.38 14.93 30.28
N GLU A 210 -1.61 15.96 30.64
CA GLU A 210 -2.04 17.34 30.43
C GLU A 210 -0.95 18.16 29.71
N LEU A 211 -1.26 19.42 29.42
CA LEU A 211 -0.30 20.30 28.75
C LEU A 211 0.53 20.99 29.84
N ALA A 212 1.56 21.72 29.43
CA ALA A 212 2.41 22.42 30.39
C ALA A 212 1.68 23.60 31.03
N PRO A 213 2.17 24.06 32.19
CA PRO A 213 1.54 25.19 32.90
C PRO A 213 1.59 26.49 32.07
N PRO A 214 0.42 27.14 31.90
CA PRO A 214 0.18 28.39 31.17
C PRO A 214 1.33 29.38 30.99
N GLU A 215 1.96 29.82 32.09
CA GLU A 215 3.04 30.79 31.97
C GLU A 215 4.20 30.32 31.10
N VAL A 216 4.79 29.19 31.48
CA VAL A 216 5.91 28.62 30.74
C VAL A 216 5.61 28.61 29.25
N LEU A 217 4.40 28.16 28.91
CA LEU A 217 3.96 28.05 27.53
C LEU A 217 3.61 29.38 26.86
N GLN A 218 2.93 30.27 27.59
CA GLN A 218 2.51 31.55 27.04
C GLN A 218 3.63 32.42 26.47
N GLU A 219 4.78 32.44 27.14
CA GLU A 219 5.89 33.24 26.63
C GLU A 219 6.35 32.66 25.29
N GLY A 220 6.39 31.33 25.21
CA GLY A 220 6.80 30.68 23.98
C GLY A 220 5.81 30.99 22.87
N VAL A 221 4.53 31.02 23.23
CA VAL A 221 3.47 31.31 22.26
C VAL A 221 3.58 32.78 21.82
N ARG A 222 3.83 33.68 22.78
CA ARG A 222 3.95 35.08 22.45
C ARG A 222 5.12 35.28 21.49
N ARG A 223 6.25 34.65 21.81
CA ARG A 223 7.45 34.75 20.98
C ARG A 223 7.17 34.22 19.59
N MET A 224 6.52 33.07 19.54
CA MET A 224 6.16 32.43 18.29
C MET A 224 5.36 33.39 17.41
N VAL A 225 4.31 33.97 18.00
CA VAL A 225 3.44 34.90 17.28
C VAL A 225 4.22 36.12 16.81
N GLU A 226 5.07 36.65 17.68
CA GLU A 226 5.86 37.81 17.32
C GLU A 226 6.77 37.49 16.14
N VAL A 227 7.37 36.31 16.13
CA VAL A 227 8.25 35.94 15.03
C VAL A 227 7.45 35.82 13.74
N ALA A 228 6.30 35.17 13.82
CA ALA A 228 5.46 34.98 12.63
C ALA A 228 5.05 36.29 11.98
N LEU A 229 4.55 37.24 12.77
CA LEU A 229 4.13 38.54 12.25
C LEU A 229 5.32 39.27 11.62
N GLU A 230 6.48 39.20 12.26
CA GLU A 230 7.65 39.90 11.72
C GLU A 230 8.10 39.26 10.41
N ALA A 231 7.92 37.95 10.31
CA ALA A 231 8.34 37.24 9.10
C ALA A 231 7.39 37.47 7.96
N VAL A 232 6.08 37.50 8.22
CA VAL A 232 5.15 37.72 7.12
C VAL A 232 5.32 39.11 6.50
N LEU A 233 5.77 40.09 7.28
CA LEU A 233 5.98 41.42 6.74
C LEU A 233 7.24 41.45 5.89
N GLU A 234 8.13 40.49 6.11
CA GLU A 234 9.40 40.40 5.39
C GLU A 234 9.22 39.89 3.97
N VAL A 235 8.16 39.11 3.75
CA VAL A 235 7.91 38.58 2.42
C VAL A 235 6.66 39.23 1.82
N SER B 2 -8.60 16.62 34.05
CA SER B 2 -9.53 17.07 32.97
C SER B 2 -8.90 16.80 31.60
N PRO B 3 -9.70 16.37 30.61
CA PRO B 3 -9.17 16.08 29.27
C PRO B 3 -8.46 17.28 28.64
N ILE B 4 -7.54 16.99 27.73
CA ILE B 4 -6.77 18.03 27.06
C ILE B 4 -7.60 18.99 26.21
N HIS B 5 -8.63 18.48 25.54
CA HIS B 5 -9.43 19.35 24.67
C HIS B 5 -10.84 19.68 25.18
N VAL B 6 -11.62 18.65 25.51
CA VAL B 6 -12.94 18.89 26.05
C VAL B 6 -12.71 18.96 27.55
N ARG B 7 -12.44 20.16 28.05
CA ARG B 7 -12.15 20.39 29.45
C ARG B 7 -13.35 20.40 30.37
N ALA B 8 -13.95 19.23 30.56
CA ALA B 8 -15.11 19.07 31.41
C ALA B 8 -14.70 18.28 32.64
N HIS B 9 -15.60 18.15 33.60
CA HIS B 9 -15.29 17.42 34.81
C HIS B 9 -16.17 16.20 35.11
N PRO B 10 -15.89 15.50 36.22
CA PRO B 10 -16.63 14.31 36.65
C PRO B 10 -18.08 14.12 36.19
N GLY B 11 -18.96 15.01 36.61
CA GLY B 11 -20.35 14.81 36.24
C GLY B 11 -20.95 15.56 35.06
N ASP B 12 -20.14 16.38 34.40
CA ASP B 12 -20.63 17.18 33.28
C ASP B 12 -21.27 16.44 32.11
N VAL B 13 -20.65 15.38 31.63
CA VAL B 13 -21.19 14.65 30.48
C VAL B 13 -22.12 13.49 30.81
N ALA B 14 -23.28 13.48 30.15
CA ALA B 14 -24.28 12.45 30.34
C ALA B 14 -23.95 11.19 29.53
N GLU B 15 -24.56 10.06 29.88
CA GLU B 15 -24.31 8.80 29.18
C GLU B 15 -24.71 8.89 27.72
N ARG B 16 -25.76 9.65 27.44
CA ARG B 16 -26.25 9.83 26.08
C ARG B 16 -25.76 11.17 25.50
N VAL B 17 -25.05 11.09 24.38
CA VAL B 17 -24.50 12.28 23.74
C VAL B 17 -24.79 12.38 22.24
N LEU B 18 -25.05 13.59 21.77
CA LEU B 18 -25.26 13.83 20.33
C LEU B 18 -23.98 14.54 19.86
N LEU B 19 -23.52 14.20 18.66
CA LEU B 19 -22.30 14.80 18.15
C LEU B 19 -22.40 15.59 16.87
N PRO B 20 -22.82 16.85 16.95
CA PRO B 20 -22.90 17.66 15.72
C PRO B 20 -21.47 18.08 15.42
N GLY B 21 -21.14 18.33 14.17
CA GLY B 21 -19.79 18.75 13.87
C GLY B 21 -19.62 20.24 14.08
N ASP B 22 -20.69 20.98 13.82
CA ASP B 22 -20.69 22.43 13.96
C ASP B 22 -21.12 22.96 15.35
N PRO B 23 -20.26 23.76 15.99
CA PRO B 23 -20.60 24.31 17.31
C PRO B 23 -21.90 25.12 17.30
N GLY B 24 -22.25 25.67 16.14
CA GLY B 24 -23.46 26.46 16.01
C GLY B 24 -24.71 25.59 16.09
N ARG B 25 -24.63 24.39 15.53
CA ARG B 25 -25.77 23.47 15.58
C ARG B 25 -25.89 22.94 17.01
N ALA B 26 -24.76 22.68 17.64
CA ALA B 26 -24.75 22.16 19.02
C ALA B 26 -25.54 23.10 19.92
N GLU B 27 -25.20 24.38 19.86
CA GLU B 27 -25.85 25.41 20.65
C GLU B 27 -27.37 25.44 20.42
N TRP B 28 -27.76 25.38 19.15
CA TRP B 28 -29.17 25.39 18.78
C TRP B 28 -29.91 24.19 19.35
N ILE B 29 -29.28 23.02 19.29
CA ILE B 29 -29.87 21.80 19.82
C ILE B 29 -30.11 21.93 21.33
N ALA B 30 -29.12 22.44 22.05
CA ALA B 30 -29.22 22.58 23.50
C ALA B 30 -30.34 23.53 23.92
N LYS B 31 -30.45 24.67 23.25
CA LYS B 31 -31.48 25.64 23.57
C LYS B 31 -32.87 25.24 23.10
N THR B 32 -32.93 24.59 21.95
CA THR B 32 -34.21 24.18 21.37
C THR B 32 -34.81 22.89 21.94
N PHE B 33 -33.96 21.94 22.33
CA PHE B 33 -34.47 20.66 22.83
C PHE B 33 -34.21 20.29 24.28
N LEU B 34 -33.21 20.90 24.91
CA LEU B 34 -32.88 20.55 26.29
C LEU B 34 -33.40 21.50 27.35
N GLN B 35 -33.81 20.94 28.49
CA GLN B 35 -34.31 21.70 29.63
C GLN B 35 -33.11 21.85 30.56
N ASN B 36 -32.93 23.04 31.14
CA ASN B 36 -31.80 23.28 32.05
C ASN B 36 -30.47 23.00 31.36
N PRO B 37 -30.24 23.60 30.18
CA PRO B 37 -28.99 23.39 29.44
C PRO B 37 -27.82 24.14 30.05
N ARG B 38 -26.72 23.44 30.32
CA ARG B 38 -25.52 24.06 30.88
C ARG B 38 -24.34 23.75 29.96
N ARG B 39 -23.62 24.78 29.53
CA ARG B 39 -22.46 24.57 28.66
C ARG B 39 -21.27 24.23 29.54
N TYR B 40 -20.84 22.97 29.51
CA TYR B 40 -19.73 22.53 30.33
C TYR B 40 -18.33 22.78 29.74
N ASN B 41 -18.27 23.16 28.46
CA ASN B 41 -16.99 23.43 27.82
C ASN B 41 -17.10 24.27 26.56
N ASP B 42 -16.14 25.18 26.39
CA ASP B 42 -16.11 26.03 25.19
C ASP B 42 -14.68 26.17 24.68
N HIS B 43 -13.75 25.48 25.33
CA HIS B 43 -12.34 25.52 24.95
C HIS B 43 -12.18 25.01 23.53
N ARG B 44 -11.34 25.70 22.75
CA ARG B 44 -11.12 25.34 21.34
C ARG B 44 -12.38 25.35 20.50
N GLY B 45 -13.37 26.12 20.94
CA GLY B 45 -14.64 26.22 20.21
C GLY B 45 -15.43 24.93 20.20
N LEU B 46 -14.98 23.95 20.98
CA LEU B 46 -15.65 22.66 21.06
C LEU B 46 -16.83 22.70 22.04
N TRP B 47 -17.79 23.56 21.76
CA TRP B 47 -18.96 23.71 22.61
C TRP B 47 -19.66 22.38 22.90
N GLY B 48 -19.89 22.14 24.19
CA GLY B 48 -20.56 20.94 24.63
C GLY B 48 -21.56 21.32 25.71
N TYR B 49 -22.78 20.81 25.61
CA TYR B 49 -23.81 21.15 26.59
C TYR B 49 -24.44 19.92 27.18
N THR B 50 -25.11 20.12 28.31
CA THR B 50 -25.79 19.05 29.01
C THR B 50 -27.10 19.55 29.60
N GLY B 51 -28.13 18.74 29.44
CA GLY B 51 -29.42 19.11 29.97
C GLY B 51 -30.28 17.87 30.11
N LEU B 52 -31.59 18.07 30.01
CA LEU B 52 -32.51 16.97 30.12
C LEU B 52 -33.45 17.00 28.92
N TYR B 53 -33.72 15.81 28.38
CA TYR B 53 -34.64 15.68 27.26
C TYR B 53 -35.69 14.69 27.71
N LYS B 54 -36.91 15.17 27.89
CA LYS B 54 -37.99 14.31 28.32
C LYS B 54 -37.59 13.51 29.57
N GLY B 55 -37.00 14.21 30.53
CA GLY B 55 -36.61 13.60 31.79
C GLY B 55 -35.27 12.88 31.83
N VAL B 56 -34.69 12.63 30.66
CA VAL B 56 -33.42 11.93 30.60
C VAL B 56 -32.23 12.85 30.32
N PRO B 57 -31.12 12.66 31.05
CA PRO B 57 -29.94 13.50 30.83
C PRO B 57 -29.39 13.28 29.43
N VAL B 58 -29.11 14.37 28.72
CA VAL B 58 -28.56 14.27 27.37
C VAL B 58 -27.50 15.35 27.14
N SER B 59 -26.41 14.96 26.50
CA SER B 59 -25.34 15.91 26.21
C SER B 59 -25.27 16.15 24.71
N VAL B 60 -24.80 17.33 24.33
CA VAL B 60 -24.64 17.70 22.93
C VAL B 60 -23.22 18.22 22.84
N GLN B 61 -22.34 17.48 22.17
CA GLN B 61 -20.94 17.83 22.07
C GLN B 61 -20.46 18.09 20.63
N THR B 62 -19.78 19.22 20.44
CA THR B 62 -19.24 19.60 19.14
C THR B 62 -18.00 18.78 18.86
N THR B 63 -17.88 18.28 17.63
CA THR B 63 -16.72 17.46 17.26
C THR B 63 -15.72 18.20 16.41
N GLY B 64 -16.20 19.18 15.65
CA GLY B 64 -15.32 19.90 14.75
C GLY B 64 -15.37 19.12 13.45
N MET B 65 -14.68 19.59 12.41
CA MET B 65 -14.71 18.89 11.15
C MET B 65 -13.53 17.96 10.96
N GLY B 66 -13.78 16.81 10.34
CA GLY B 66 -12.74 15.82 10.09
C GLY B 66 -12.66 14.79 11.19
N THR B 67 -12.20 13.59 10.85
CA THR B 67 -12.08 12.54 11.85
C THR B 67 -10.96 12.81 12.84
N PRO B 68 -9.94 13.58 12.45
CA PRO B 68 -8.89 13.83 13.43
C PRO B 68 -9.46 14.56 14.64
N SER B 69 -10.25 15.59 14.34
CA SER B 69 -10.89 16.41 15.36
C SER B 69 -11.92 15.58 16.13
N ALA B 70 -12.77 14.89 15.39
CA ALA B 70 -13.84 14.08 15.98
C ALA B 70 -13.32 12.95 16.86
N ALA B 71 -12.23 12.31 16.43
CA ALA B 71 -11.66 11.21 17.20
C ALA B 71 -11.22 11.72 18.57
N ILE B 72 -10.62 12.90 18.60
CA ILE B 72 -10.18 13.47 19.86
C ILE B 72 -11.35 13.64 20.80
N VAL B 73 -12.42 14.27 20.32
CA VAL B 73 -13.61 14.50 21.13
C VAL B 73 -14.24 13.20 21.65
N VAL B 74 -14.34 12.19 20.77
CA VAL B 74 -14.91 10.90 21.15
C VAL B 74 -14.10 10.21 22.26
N GLU B 75 -12.81 10.06 22.05
CA GLU B 75 -11.94 9.43 23.03
C GLU B 75 -12.12 10.11 24.40
N GLU B 76 -12.14 11.44 24.40
CA GLU B 76 -12.30 12.18 25.64
C GLU B 76 -13.72 12.09 26.20
N LEU B 77 -14.72 12.06 25.32
CA LEU B 77 -16.09 11.91 25.79
C LEU B 77 -16.27 10.54 26.48
N VAL B 78 -15.61 9.51 25.95
CA VAL B 78 -15.69 8.18 26.52
C VAL B 78 -15.03 8.18 27.91
N ARG B 79 -13.98 8.97 28.07
CA ARG B 79 -13.29 9.06 29.36
C ARG B 79 -14.19 9.77 30.39
N LEU B 80 -14.90 10.79 29.92
CA LEU B 80 -15.79 11.55 30.78
C LEU B 80 -17.03 10.77 31.18
N GLY B 81 -17.32 9.68 30.46
CA GLY B 81 -18.48 8.88 30.81
C GLY B 81 -19.50 8.58 29.73
N ALA B 82 -19.34 9.15 28.54
CA ALA B 82 -20.29 8.91 27.44
C ALA B 82 -20.44 7.41 27.15
N ARG B 83 -21.67 6.94 27.01
CA ARG B 83 -21.93 5.54 26.73
C ARG B 83 -22.55 5.35 25.34
N VAL B 84 -23.43 6.28 24.98
CA VAL B 84 -24.13 6.26 23.70
C VAL B 84 -23.88 7.58 22.96
N LEU B 85 -23.14 7.51 21.85
CA LEU B 85 -22.83 8.71 21.09
C LEU B 85 -23.38 8.64 19.66
N VAL B 86 -24.33 9.51 19.35
CA VAL B 86 -24.93 9.56 18.03
C VAL B 86 -24.57 10.85 17.31
N ARG B 87 -23.90 10.73 16.18
CA ARG B 87 -23.52 11.89 15.38
C ARG B 87 -24.72 12.37 14.58
N VAL B 88 -24.91 13.68 14.56
CA VAL B 88 -25.99 14.31 13.81
C VAL B 88 -25.31 15.39 12.98
N GLY B 89 -25.02 15.04 11.73
CA GLY B 89 -24.36 15.99 10.86
C GLY B 89 -25.02 16.19 9.51
N THR B 90 -24.19 16.61 8.55
CA THR B 90 -24.65 16.86 7.20
C THR B 90 -23.77 16.06 6.24
N ALA B 91 -24.16 16.00 4.98
CA ALA B 91 -23.39 15.26 3.99
C ALA B 91 -23.72 15.71 2.57
N GLY B 92 -22.78 15.44 1.66
CA GLY B 92 -22.97 15.81 0.27
C GLY B 92 -23.37 14.59 -0.51
N ALA B 93 -24.54 14.66 -1.15
CA ALA B 93 -25.04 13.53 -1.92
C ALA B 93 -24.02 13.14 -2.98
N ALA B 94 -23.74 11.85 -3.07
CA ALA B 94 -22.78 11.33 -4.05
C ALA B 94 -23.45 11.21 -5.40
N SER B 95 -24.72 10.83 -5.36
CA SER B 95 -25.52 10.64 -6.56
C SER B 95 -26.57 11.74 -6.72
N SER B 96 -27.55 11.49 -7.57
CA SER B 96 -28.61 12.46 -7.83
C SER B 96 -29.95 12.00 -7.27
N ASP B 97 -30.01 10.77 -6.75
CA ASP B 97 -31.25 10.26 -6.18
C ASP B 97 -31.44 10.84 -4.77
N LEU B 98 -30.37 11.43 -4.24
CA LEU B 98 -30.44 12.05 -2.92
C LEU B 98 -30.57 13.54 -3.15
N ALA B 99 -31.58 14.12 -2.50
CA ALA B 99 -31.84 15.55 -2.61
C ALA B 99 -31.65 16.21 -1.25
N PRO B 100 -31.20 17.48 -1.25
CA PRO B 100 -30.97 18.23 -0.02
C PRO B 100 -32.21 18.19 0.89
N GLY B 101 -32.00 17.89 2.17
CA GLY B 101 -33.10 17.82 3.11
C GLY B 101 -33.42 16.38 3.48
N GLU B 102 -32.92 15.43 2.68
CA GLU B 102 -33.16 14.03 2.91
C GLU B 102 -32.29 13.55 4.07
N LEU B 103 -32.78 12.57 4.83
CA LEU B 103 -32.01 12.05 5.95
C LEU B 103 -31.31 10.74 5.59
N ILE B 104 -30.18 10.49 6.24
CA ILE B 104 -29.44 9.26 5.99
C ILE B 104 -29.08 8.57 7.31
N VAL B 105 -29.56 7.36 7.49
CA VAL B 105 -29.22 6.60 8.70
C VAL B 105 -28.03 5.76 8.26
N ALA B 106 -26.83 6.24 8.60
CA ALA B 106 -25.61 5.58 8.23
C ALA B 106 -25.52 4.11 8.70
N GLN B 107 -25.59 3.19 7.73
CA GLN B 107 -25.49 1.76 8.03
C GLN B 107 -24.01 1.36 8.14
N GLY B 108 -23.17 2.19 7.55
CA GLY B 108 -21.72 1.96 7.59
C GLY B 108 -21.04 3.18 6.99
N ALA B 109 -19.73 3.27 7.14
CA ALA B 109 -19.00 4.41 6.59
C ALA B 109 -17.70 3.94 5.93
N VAL B 110 -17.56 4.21 4.64
CA VAL B 110 -16.35 3.82 3.93
C VAL B 110 -15.21 4.64 4.50
N PRO B 111 -14.16 3.97 4.98
CA PRO B 111 -13.00 4.65 5.57
C PRO B 111 -12.00 5.22 4.59
N LEU B 112 -12.19 6.47 4.17
CA LEU B 112 -11.26 7.10 3.24
C LEU B 112 -10.43 8.13 4.01
N ASP B 113 -10.43 8.01 5.33
CA ASP B 113 -9.71 8.92 6.21
C ASP B 113 -8.48 8.26 6.82
N GLY B 114 -7.50 9.09 7.17
CA GLY B 114 -6.27 8.56 7.76
C GLY B 114 -6.32 8.31 9.26
N THR B 115 -7.38 8.81 9.92
CA THR B 115 -7.53 8.63 11.36
C THR B 115 -7.82 7.16 11.65
N THR B 116 -8.84 6.61 11.00
CA THR B 116 -9.15 5.19 11.22
C THR B 116 -7.92 4.40 10.78
N ARG B 117 -7.28 4.87 9.71
CA ARG B 117 -6.11 4.21 9.18
C ARG B 117 -4.95 4.15 10.19
N GLN B 118 -4.79 5.20 10.98
CA GLN B 118 -3.71 5.20 11.97
C GLN B 118 -4.06 4.32 13.19
N TYR B 119 -5.34 4.28 13.55
CA TYR B 119 -5.79 3.45 14.67
C TYR B 119 -5.72 1.97 14.28
N LEU B 120 -5.97 1.70 12.99
CA LEU B 120 -5.97 0.34 12.46
C LEU B 120 -4.61 -0.11 11.95
N GLU B 121 -3.61 0.78 11.99
CA GLU B 121 -2.27 0.46 11.51
C GLU B 121 -2.29 -0.02 10.07
N GLY B 122 -3.18 0.54 9.27
CA GLY B 122 -3.26 0.20 7.86
C GLY B 122 -4.15 -0.98 7.47
N ARG B 123 -4.68 -1.68 8.46
CA ARG B 123 -5.54 -2.83 8.18
C ARG B 123 -6.89 -2.45 7.60
N PRO B 124 -7.47 -3.33 6.77
CA PRO B 124 -8.78 -3.10 6.15
C PRO B 124 -9.82 -3.07 7.26
N TYR B 125 -11.00 -2.54 6.99
CA TYR B 125 -12.03 -2.48 8.03
C TYR B 125 -13.38 -1.96 7.51
N ALA B 126 -14.45 -2.41 8.16
CA ALA B 126 -15.79 -1.98 7.79
C ALA B 126 -16.42 -1.23 8.95
N PRO B 127 -16.25 0.11 8.97
CA PRO B 127 -16.81 0.93 10.04
C PRO B 127 -18.34 0.87 10.03
N VAL B 128 -18.92 0.34 11.09
CA VAL B 128 -20.37 0.25 11.20
C VAL B 128 -20.75 0.73 12.59
N PRO B 129 -21.96 1.29 12.72
CA PRO B 129 -22.44 1.80 14.01
C PRO B 129 -22.83 0.64 14.94
N ASP B 130 -23.23 0.97 16.16
CA ASP B 130 -23.66 -0.07 17.09
C ASP B 130 -24.94 -0.61 16.46
N PRO B 131 -25.08 -1.93 16.38
CA PRO B 131 -26.33 -2.40 15.78
C PRO B 131 -27.60 -1.86 16.42
N GLU B 132 -27.68 -1.86 17.74
CA GLU B 132 -28.88 -1.37 18.43
C GLU B 132 -29.19 0.11 18.11
N VAL B 133 -28.19 0.97 18.29
CA VAL B 133 -28.33 2.40 18.02
C VAL B 133 -28.79 2.62 16.59
N PHE B 134 -28.14 1.89 15.68
CA PHE B 134 -28.45 1.95 14.27
C PHE B 134 -29.94 1.62 14.10
N ARG B 135 -30.35 0.49 14.65
CA ARG B 135 -31.72 0.02 14.58
C ARG B 135 -32.70 1.04 15.15
N ALA B 136 -32.33 1.63 16.28
CA ALA B 136 -33.16 2.64 16.95
C ALA B 136 -33.37 3.86 16.05
N LEU B 137 -32.30 4.34 15.43
CA LEU B 137 -32.37 5.49 14.54
C LEU B 137 -33.27 5.19 13.34
N TRP B 138 -33.17 3.97 12.81
CA TRP B 138 -33.98 3.56 11.66
C TRP B 138 -35.48 3.51 12.04
N ARG B 139 -35.78 2.97 13.22
CA ARG B 139 -37.17 2.88 13.68
C ARG B 139 -37.79 4.24 13.90
N ARG B 140 -37.15 5.06 14.74
CA ARG B 140 -37.64 6.39 15.04
C ARG B 140 -37.89 7.19 13.76
N ALA B 141 -36.95 7.11 12.81
CA ALA B 141 -37.07 7.81 11.54
C ALA B 141 -38.34 7.35 10.83
N GLU B 142 -38.57 6.05 10.79
CA GLU B 142 -39.76 5.48 10.18
C GLU B 142 -40.99 5.95 10.95
N ALA B 143 -40.93 5.82 12.27
CA ALA B 143 -42.02 6.20 13.17
C ALA B 143 -42.48 7.62 12.91
N LEU B 144 -41.56 8.56 12.89
CA LEU B 144 -41.90 9.96 12.66
C LEU B 144 -42.38 10.21 11.24
N GLY B 145 -41.95 9.37 10.31
CA GLY B 145 -42.38 9.52 8.93
C GLY B 145 -41.64 10.53 8.08
N TYR B 146 -40.36 10.74 8.36
CA TYR B 146 -39.57 11.70 7.58
C TYR B 146 -38.89 10.99 6.42
N PRO B 147 -38.80 11.66 5.26
CA PRO B 147 -38.15 11.06 4.09
C PRO B 147 -36.70 10.74 4.39
N HIS B 148 -36.39 9.46 4.54
CA HIS B 148 -35.03 9.05 4.86
C HIS B 148 -34.52 7.89 4.01
N ARG B 149 -33.21 7.69 4.04
CA ARG B 149 -32.56 6.61 3.31
C ARG B 149 -31.68 5.83 4.29
N VAL B 150 -31.38 4.59 3.95
CA VAL B 150 -30.52 3.77 4.79
C VAL B 150 -29.43 3.16 3.93
N GLY B 151 -28.20 3.29 4.37
CA GLY B 151 -27.09 2.73 3.62
C GLY B 151 -25.74 3.32 3.96
N LEU B 152 -24.84 3.25 3.00
CA LEU B 152 -23.47 3.72 3.15
C LEU B 152 -23.17 5.18 2.90
N VAL B 153 -22.16 5.67 3.60
CA VAL B 153 -21.66 7.02 3.43
C VAL B 153 -20.16 6.79 3.38
N ALA B 154 -19.41 7.80 2.92
CA ALA B 154 -17.97 7.67 2.87
C ALA B 154 -17.40 8.83 3.69
N SER B 155 -16.52 8.49 4.63
CA SER B 155 -15.87 9.48 5.47
C SER B 155 -14.54 9.82 4.81
N GLU B 156 -14.35 11.09 4.45
CA GLU B 156 -13.12 11.54 3.80
C GLU B 156 -12.38 12.61 4.59
N ASP B 157 -11.25 13.04 4.04
CA ASP B 157 -10.42 14.07 4.68
C ASP B 157 -10.30 15.33 3.82
N ALA B 158 -10.21 15.13 2.50
CA ALA B 158 -10.05 16.25 1.57
C ALA B 158 -11.36 16.72 0.94
N PHE B 159 -12.13 17.50 1.70
CA PHE B 159 -13.39 18.04 1.25
C PHE B 159 -13.32 18.48 -0.21
N TYR B 160 -12.30 19.27 -0.53
CA TYR B 160 -12.14 19.80 -1.89
C TYR B 160 -11.42 18.92 -2.92
N ALA B 161 -11.08 17.68 -2.58
CA ALA B 161 -10.39 16.84 -3.56
C ALA B 161 -11.33 15.94 -4.37
N THR B 162 -12.52 15.69 -3.85
CA THR B 162 -13.47 14.82 -4.52
C THR B 162 -14.26 15.49 -5.64
N THR B 163 -14.09 14.97 -6.86
CA THR B 163 -14.76 15.48 -8.06
C THR B 163 -16.10 14.77 -8.29
N PRO B 164 -17.07 15.48 -8.90
CA PRO B 164 -18.38 14.87 -9.17
C PRO B 164 -18.24 13.48 -9.80
N GLU B 165 -17.31 13.37 -10.74
CA GLU B 165 -17.07 12.09 -11.40
C GLU B 165 -16.61 11.02 -10.41
N GLU B 166 -15.78 11.41 -9.45
CA GLU B 166 -15.31 10.47 -8.46
C GLU B 166 -16.48 10.12 -7.53
N ALA B 167 -17.35 11.08 -7.28
CA ALA B 167 -18.52 10.85 -6.45
C ALA B 167 -19.41 9.80 -7.09
N ARG B 168 -19.63 9.94 -8.40
CA ARG B 168 -20.46 9.01 -9.16
C ARG B 168 -19.86 7.62 -9.13
N ALA B 169 -18.53 7.54 -9.27
CA ALA B 169 -17.84 6.26 -9.26
C ALA B 169 -18.07 5.56 -7.92
N TRP B 170 -18.08 6.33 -6.84
CA TRP B 170 -18.30 5.79 -5.51
C TRP B 170 -19.74 5.32 -5.30
N ALA B 171 -20.69 6.04 -5.90
CA ALA B 171 -22.11 5.70 -5.78
C ALA B 171 -22.35 4.32 -6.39
N ARG B 172 -21.58 3.98 -7.41
CA ARG B 172 -21.77 2.67 -8.02
C ARG B 172 -21.34 1.58 -7.05
N TYR B 173 -20.75 1.99 -5.93
CA TYR B 173 -20.34 1.04 -4.90
C TYR B 173 -21.26 1.09 -3.68
N GLY B 174 -22.35 1.85 -3.79
CA GLY B 174 -23.29 1.96 -2.70
C GLY B 174 -23.18 3.20 -1.84
N VAL B 175 -22.17 4.02 -2.07
CA VAL B 175 -22.03 5.24 -1.26
C VAL B 175 -23.10 6.24 -1.65
N LEU B 176 -23.93 6.59 -0.67
CA LEU B 176 -25.02 7.53 -0.86
C LEU B 176 -24.58 8.97 -0.72
N ALA B 177 -23.52 9.21 0.05
CA ALA B 177 -23.04 10.57 0.27
C ALA B 177 -21.70 10.61 1.00
N PHE B 178 -21.10 11.80 1.00
CA PHE B 178 -19.82 12.02 1.65
C PHE B 178 -19.93 12.89 2.90
N GLU B 179 -19.14 12.56 3.92
CA GLU B 179 -19.09 13.31 5.16
C GLU B 179 -17.67 13.16 5.72
N MET B 180 -17.40 13.68 6.93
CA MET B 180 -16.03 13.60 7.46
C MET B 180 -15.87 13.25 8.95
N GLU B 181 -16.68 12.36 9.49
CA GLU B 181 -16.55 12.01 10.90
C GLU B 181 -17.00 10.60 11.26
N ALA B 182 -18.00 10.09 10.55
CA ALA B 182 -18.54 8.79 10.83
C ALA B 182 -17.55 7.63 11.04
N SER B 183 -16.72 7.34 10.05
CA SER B 183 -15.78 6.21 10.17
C SER B 183 -15.03 6.11 11.49
N ALA B 184 -14.38 7.18 11.90
CA ALA B 184 -13.62 7.18 13.15
C ALA B 184 -14.52 6.95 14.36
N LEU B 185 -15.72 7.54 14.33
CA LEU B 185 -16.68 7.37 15.42
C LEU B 185 -17.02 5.90 15.58
N PHE B 186 -17.43 5.29 14.47
CA PHE B 186 -17.80 3.88 14.45
C PHE B 186 -16.64 3.02 14.89
N LEU B 187 -15.45 3.30 14.38
CA LEU B 187 -14.29 2.52 14.76
C LEU B 187 -14.04 2.63 16.25
N LEU B 188 -14.05 3.86 16.77
CA LEU B 188 -13.80 4.03 18.19
C LEU B 188 -14.90 3.41 19.04
N GLY B 189 -16.11 3.34 18.47
CA GLY B 189 -17.22 2.75 19.18
C GLY B 189 -16.88 1.31 19.55
N ARG B 190 -16.35 0.56 18.60
CA ARG B 190 -15.97 -0.83 18.85
C ARG B 190 -14.69 -0.95 19.68
N MET B 191 -13.73 -0.08 19.41
CA MET B 191 -12.47 -0.10 20.14
C MET B 191 -12.62 0.19 21.63
N ARG B 192 -13.43 1.19 21.97
CA ARG B 192 -13.63 1.59 23.35
C ARG B 192 -14.87 0.99 24.00
N GLY B 193 -15.54 0.11 23.28
CA GLY B 193 -16.73 -0.55 23.80
C GLY B 193 -17.91 0.32 24.15
N VAL B 194 -18.24 1.29 23.30
CA VAL B 194 -19.38 2.17 23.54
C VAL B 194 -20.32 2.11 22.35
N ARG B 195 -21.58 2.46 22.56
CA ARG B 195 -22.56 2.42 21.49
C ARG B 195 -22.62 3.71 20.66
N THR B 196 -22.43 3.60 19.35
CA THR B 196 -22.45 4.79 18.48
C THR B 196 -23.35 4.63 17.26
N GLY B 197 -23.64 5.76 16.62
CA GLY B 197 -24.50 5.76 15.47
C GLY B 197 -24.42 7.10 14.78
N ALA B 198 -24.87 7.16 13.53
CA ALA B 198 -24.85 8.41 12.80
C ALA B 198 -26.02 8.57 11.85
N ILE B 199 -26.60 9.77 11.89
CA ILE B 199 -27.71 10.12 11.01
C ILE B 199 -27.29 11.45 10.41
N LEU B 200 -27.51 11.61 9.10
CA LEU B 200 -27.10 12.82 8.42
C LEU B 200 -28.22 13.49 7.66
N ALA B 201 -28.03 14.77 7.37
CA ALA B 201 -29.00 15.53 6.60
C ALA B 201 -28.25 16.03 5.35
N VAL B 202 -28.71 15.60 4.18
CA VAL B 202 -28.07 16.01 2.93
C VAL B 202 -28.19 17.53 2.78
N SER B 203 -27.06 18.22 2.74
CA SER B 203 -27.06 19.67 2.60
C SER B 203 -26.56 20.15 1.25
N ASN B 204 -26.17 19.23 0.38
CA ASN B 204 -25.65 19.60 -0.93
C ASN B 204 -25.26 18.38 -1.75
N ARG B 205 -24.96 18.63 -3.03
CA ARG B 205 -24.50 17.55 -3.91
C ARG B 205 -23.02 17.83 -4.15
N ILE B 206 -22.21 16.77 -4.18
CA ILE B 206 -20.79 16.92 -4.39
C ILE B 206 -20.55 17.83 -5.60
N GLY B 207 -19.72 18.85 -5.43
CA GLY B 207 -19.42 19.76 -6.53
C GLY B 207 -20.14 21.10 -6.44
N ASP B 208 -21.22 21.18 -5.68
CA ASP B 208 -21.97 22.42 -5.53
C ASP B 208 -21.17 23.53 -4.86
N PRO B 209 -21.15 24.72 -5.47
CA PRO B 209 -20.40 25.83 -4.90
C PRO B 209 -20.98 26.34 -3.58
N GLU B 210 -22.24 25.99 -3.30
CA GLU B 210 -22.92 26.42 -2.07
C GLU B 210 -23.87 25.36 -1.53
N LEU B 211 -24.28 25.53 -0.27
CA LEU B 211 -25.20 24.57 0.36
C LEU B 211 -26.63 24.89 -0.06
N ALA B 212 -27.57 23.98 0.23
CA ALA B 212 -28.96 24.20 -0.14
C ALA B 212 -29.55 25.38 0.62
N PRO B 213 -30.66 25.94 0.13
CA PRO B 213 -31.30 27.09 0.79
C PRO B 213 -31.41 26.83 2.30
N PRO B 214 -31.03 27.82 3.12
CA PRO B 214 -31.10 27.67 4.58
C PRO B 214 -32.40 27.07 5.11
N GLU B 215 -33.53 27.42 4.50
CA GLU B 215 -34.82 26.89 4.94
C GLU B 215 -34.78 25.37 4.86
N VAL B 216 -34.56 24.87 3.65
CA VAL B 216 -34.49 23.43 3.38
C VAL B 216 -33.56 22.74 4.36
N LEU B 217 -32.38 23.32 4.54
CA LEU B 217 -31.39 22.75 5.45
C LEU B 217 -31.91 22.62 6.87
N GLN B 218 -32.32 23.73 7.45
CA GLN B 218 -32.83 23.75 8.82
C GLN B 218 -33.88 22.68 9.08
N GLU B 219 -34.85 22.53 8.18
CA GLU B 219 -35.88 21.54 8.39
C GLU B 219 -35.32 20.11 8.51
N GLY B 220 -34.33 19.80 7.69
CA GLY B 220 -33.73 18.47 7.74
C GLY B 220 -32.99 18.27 9.04
N VAL B 221 -32.31 19.32 9.49
CA VAL B 221 -31.56 19.27 10.73
C VAL B 221 -32.50 19.03 11.91
N ARG B 222 -33.62 19.73 11.94
CA ARG B 222 -34.58 19.57 13.03
C ARG B 222 -35.02 18.12 13.09
N ARG B 223 -35.47 17.58 11.96
CA ARG B 223 -35.93 16.20 11.89
C ARG B 223 -34.85 15.23 12.36
N MET B 224 -33.63 15.43 11.84
CA MET B 224 -32.51 14.57 12.19
C MET B 224 -32.25 14.57 13.68
N VAL B 225 -32.22 15.76 14.29
CA VAL B 225 -31.97 15.88 15.73
C VAL B 225 -33.09 15.21 16.52
N GLU B 226 -34.32 15.39 16.06
CA GLU B 226 -35.46 14.79 16.74
C GLU B 226 -35.37 13.26 16.66
N VAL B 227 -34.94 12.74 15.52
CA VAL B 227 -34.81 11.29 15.39
C VAL B 227 -33.73 10.82 16.35
N ALA B 228 -32.57 11.46 16.27
CA ALA B 228 -31.44 11.10 17.12
C ALA B 228 -31.80 11.12 18.59
N LEU B 229 -32.51 12.17 19.02
CA LEU B 229 -32.91 12.32 20.41
C LEU B 229 -33.84 11.20 20.88
N GLU B 230 -34.86 10.90 20.08
CA GLU B 230 -35.78 9.83 20.43
C GLU B 230 -35.04 8.50 20.43
N ALA B 231 -34.09 8.34 19.51
CA ALA B 231 -33.32 7.13 19.38
C ALA B 231 -32.37 6.85 20.56
N VAL B 232 -31.65 7.88 21.02
CA VAL B 232 -30.71 7.70 22.13
C VAL B 232 -31.42 7.27 23.40
N LEU B 233 -32.70 7.59 23.51
CA LEU B 233 -33.46 7.23 24.69
C LEU B 233 -33.86 5.76 24.61
N GLU B 234 -33.95 5.25 23.38
CA GLU B 234 -34.32 3.86 23.13
C GLU B 234 -33.29 2.87 23.66
N VAL B 235 -32.02 3.25 23.58
CA VAL B 235 -30.95 2.38 24.04
C VAL B 235 -30.43 2.79 25.40
N SER C 2 -25.80 -19.93 -21.54
CA SER C 2 -25.58 -20.48 -20.19
C SER C 2 -24.23 -20.05 -19.62
N PRO C 3 -24.20 -19.63 -18.34
CA PRO C 3 -22.97 -19.19 -17.65
C PRO C 3 -21.85 -20.22 -17.68
N ILE C 4 -20.62 -19.74 -17.49
CA ILE C 4 -19.43 -20.59 -17.53
C ILE C 4 -19.26 -21.55 -16.35
N HIS C 5 -19.78 -21.19 -15.18
CA HIS C 5 -19.60 -22.05 -14.02
C HIS C 5 -20.89 -22.66 -13.49
N VAL C 6 -21.90 -21.84 -13.30
CA VAL C 6 -23.18 -22.34 -12.85
C VAL C 6 -23.99 -22.49 -14.12
N ARG C 7 -23.85 -23.65 -14.76
CA ARG C 7 -24.55 -23.90 -16.01
C ARG C 7 -26.05 -24.13 -15.83
N ALA C 8 -26.76 -23.02 -15.64
CA ALA C 8 -28.20 -23.06 -15.47
C ALA C 8 -28.81 -22.22 -16.58
N HIS C 9 -30.08 -22.47 -16.88
CA HIS C 9 -30.78 -21.72 -17.91
C HIS C 9 -31.96 -20.97 -17.33
N PRO C 10 -32.36 -19.86 -17.97
CA PRO C 10 -33.50 -19.05 -17.50
C PRO C 10 -34.60 -19.92 -16.93
N GLY C 11 -34.99 -19.65 -15.69
CA GLY C 11 -36.04 -20.42 -15.05
C GLY C 11 -35.57 -21.35 -13.95
N ASP C 12 -34.29 -21.71 -13.98
CA ASP C 12 -33.75 -22.62 -12.96
C ASP C 12 -33.60 -21.98 -11.60
N VAL C 13 -33.05 -20.76 -11.56
CA VAL C 13 -32.83 -20.04 -10.32
C VAL C 13 -33.98 -19.11 -9.97
N ALA C 14 -34.38 -19.15 -8.71
CA ALA C 14 -35.47 -18.31 -8.21
C ALA C 14 -34.98 -16.92 -7.84
N GLU C 15 -35.91 -16.01 -7.56
CA GLU C 15 -35.56 -14.66 -7.15
C GLU C 15 -34.77 -14.75 -5.84
N ARG C 16 -35.32 -15.51 -4.90
CA ARG C 16 -34.72 -15.72 -3.60
C ARG C 16 -33.77 -16.90 -3.62
N VAL C 17 -32.56 -16.71 -3.08
CA VAL C 17 -31.56 -17.76 -3.09
C VAL C 17 -30.77 -17.80 -1.78
N LEU C 18 -30.41 -19.00 -1.33
CA LEU C 18 -29.58 -19.13 -0.13
C LEU C 18 -28.19 -19.54 -0.64
N LEU C 19 -27.14 -19.00 -0.03
CA LEU C 19 -25.78 -19.30 -0.49
C LEU C 19 -24.87 -20.02 0.48
N PRO C 20 -25.08 -21.33 0.69
CA PRO C 20 -24.21 -22.07 1.60
C PRO C 20 -22.88 -22.31 0.89
N GLY C 21 -21.79 -22.35 1.64
CA GLY C 21 -20.49 -22.58 1.03
C GLY C 21 -20.28 -24.04 0.70
N ASP C 22 -20.77 -24.90 1.59
CA ASP C 22 -20.64 -26.34 1.44
C ASP C 22 -21.79 -26.92 0.62
N PRO C 23 -21.48 -27.65 -0.47
CA PRO C 23 -22.51 -28.26 -1.33
C PRO C 23 -23.30 -29.35 -0.61
N GLY C 24 -22.67 -29.97 0.39
CA GLY C 24 -23.35 -31.01 1.15
C GLY C 24 -24.50 -30.42 1.95
N ARG C 25 -24.30 -29.20 2.45
CA ARG C 25 -25.34 -28.52 3.21
C ARG C 25 -26.44 -28.05 2.25
N ALA C 26 -26.04 -27.65 1.06
CA ALA C 26 -27.01 -27.21 0.05
C ALA C 26 -27.99 -28.35 -0.18
N GLU C 27 -27.44 -29.54 -0.42
CA GLU C 27 -28.26 -30.73 -0.67
C GLU C 27 -29.21 -30.95 0.50
N TRP C 28 -28.64 -30.90 1.70
CA TRP C 28 -29.41 -31.09 2.91
C TRP C 28 -30.53 -30.08 3.08
N ILE C 29 -30.22 -28.81 2.81
CA ILE C 29 -31.21 -27.76 2.93
C ILE C 29 -32.36 -28.01 1.95
N ALA C 30 -32.00 -28.37 0.73
CA ALA C 30 -32.99 -28.64 -0.31
C ALA C 30 -33.97 -29.74 0.10
N LYS C 31 -33.43 -30.90 0.47
CA LYS C 31 -34.26 -32.02 0.86
C LYS C 31 -35.02 -31.78 2.16
N THR C 32 -34.35 -31.14 3.12
CA THR C 32 -34.97 -30.87 4.42
C THR C 32 -36.03 -29.78 4.50
N PHE C 33 -35.88 -28.69 3.74
CA PHE C 33 -36.84 -27.59 3.83
C PHE C 33 -37.74 -27.34 2.62
N LEU C 34 -37.33 -27.78 1.43
CA LEU C 34 -38.12 -27.51 0.23
C LEU C 34 -39.03 -28.60 -0.32
N GLN C 35 -40.16 -28.19 -0.89
CA GLN C 35 -41.10 -29.12 -1.49
C GLN C 35 -40.68 -29.25 -2.95
N ASN C 36 -40.70 -30.47 -3.47
CA ASN C 36 -40.33 -30.72 -4.87
C ASN C 36 -38.95 -30.14 -5.23
N PRO C 37 -37.93 -30.38 -4.38
CA PRO C 37 -36.60 -29.87 -4.69
C PRO C 37 -36.08 -30.42 -6.00
N ARG C 38 -35.32 -29.60 -6.72
CA ARG C 38 -34.76 -30.00 -8.00
C ARG C 38 -33.36 -29.39 -8.14
N ARG C 39 -32.39 -30.22 -8.52
CA ARG C 39 -31.01 -29.73 -8.68
C ARG C 39 -30.76 -29.32 -10.12
N TYR C 40 -30.61 -28.01 -10.34
CA TYR C 40 -30.40 -27.47 -11.68
C TYR C 40 -28.93 -27.37 -12.10
N ASN C 41 -28.02 -27.66 -11.18
CA ASN C 41 -26.61 -27.59 -11.54
C ASN C 41 -25.75 -28.41 -10.60
N ASP C 42 -24.73 -29.05 -11.17
CA ASP C 42 -23.80 -29.85 -10.39
C ASP C 42 -22.39 -29.66 -10.95
N HIS C 43 -22.29 -28.90 -12.03
CA HIS C 43 -21.00 -28.62 -12.65
C HIS C 43 -20.01 -28.05 -11.62
N ARG C 44 -18.76 -28.50 -11.71
CA ARG C 44 -17.70 -28.08 -10.80
C ARG C 44 -18.04 -28.23 -9.32
N GLY C 45 -19.05 -29.04 -9.02
CA GLY C 45 -19.43 -29.25 -7.64
C GLY C 45 -20.31 -28.16 -7.04
N LEU C 46 -20.63 -27.15 -7.84
CA LEU C 46 -21.45 -26.04 -7.38
C LEU C 46 -22.94 -26.43 -7.34
N TRP C 47 -23.25 -27.46 -6.56
CA TRP C 47 -24.62 -27.95 -6.44
C TRP C 47 -25.63 -26.86 -6.16
N GLY C 48 -26.56 -26.69 -7.10
CA GLY C 48 -27.60 -25.68 -6.95
C GLY C 48 -28.98 -26.26 -7.12
N TYR C 49 -29.83 -26.06 -6.11
CA TYR C 49 -31.20 -26.56 -6.15
C TYR C 49 -32.22 -25.44 -6.18
N THR C 50 -33.47 -25.82 -6.35
CA THR C 50 -34.58 -24.89 -6.39
C THR C 50 -35.86 -25.64 -6.06
N GLY C 51 -36.56 -25.16 -5.05
CA GLY C 51 -37.80 -25.78 -4.63
C GLY C 51 -38.71 -24.70 -4.08
N LEU C 52 -39.82 -25.10 -3.47
CA LEU C 52 -40.74 -24.14 -2.90
C LEU C 52 -40.68 -24.21 -1.38
N TYR C 53 -40.66 -23.06 -0.74
CA TYR C 53 -40.67 -23.01 0.71
C TYR C 53 -41.93 -22.24 1.05
N LYS C 54 -42.89 -22.95 1.63
CA LYS C 54 -44.15 -22.32 1.97
C LYS C 54 -44.72 -21.67 0.70
N GLY C 55 -44.73 -22.45 -0.37
CA GLY C 55 -45.27 -21.98 -1.64
C GLY C 55 -44.43 -21.00 -2.44
N VAL C 56 -43.37 -20.47 -1.86
CA VAL C 56 -42.54 -19.52 -2.59
C VAL C 56 -41.29 -20.16 -3.18
N PRO C 57 -40.93 -19.79 -4.42
CA PRO C 57 -39.74 -20.34 -5.06
C PRO C 57 -38.49 -19.89 -4.31
N VAL C 58 -37.65 -20.86 -3.96
CA VAL C 58 -36.41 -20.58 -3.24
C VAL C 58 -35.33 -21.50 -3.80
N SER C 59 -34.19 -20.91 -4.14
CA SER C 59 -33.05 -21.66 -4.67
C SER C 59 -31.96 -21.75 -3.61
N VAL C 60 -31.15 -22.80 -3.69
CA VAL C 60 -30.04 -22.99 -2.76
C VAL C 60 -28.81 -23.31 -3.60
N GLN C 61 -27.99 -22.28 -3.83
CA GLN C 61 -26.79 -22.39 -4.65
C GLN C 61 -25.47 -22.43 -3.87
N THR C 62 -24.70 -23.49 -4.07
CA THR C 62 -23.41 -23.65 -3.42
C THR C 62 -22.47 -22.55 -3.93
N THR C 63 -21.58 -22.05 -3.08
CA THR C 63 -20.66 -21.01 -3.51
C THR C 63 -19.23 -21.52 -3.62
N GLY C 64 -18.87 -22.44 -2.74
CA GLY C 64 -17.51 -22.95 -2.72
C GLY C 64 -16.82 -22.16 -1.62
N MET C 65 -15.56 -22.45 -1.36
CA MET C 65 -14.85 -21.73 -0.31
C MET C 65 -13.99 -20.60 -0.88
N GLY C 66 -14.01 -19.45 -0.19
CA GLY C 66 -13.22 -18.31 -0.62
C GLY C 66 -14.02 -17.33 -1.47
N THR C 67 -13.67 -16.05 -1.40
CA THR C 67 -14.39 -15.05 -2.18
C THR C 67 -14.21 -15.20 -3.69
N PRO C 68 -13.03 -15.67 -4.15
CA PRO C 68 -12.90 -15.82 -5.59
C PRO C 68 -14.00 -16.73 -6.16
N SER C 69 -14.27 -17.82 -5.44
CA SER C 69 -15.29 -18.79 -5.83
C SER C 69 -16.70 -18.22 -5.74
N ALA C 70 -17.06 -17.75 -4.55
CA ALA C 70 -18.38 -17.19 -4.33
C ALA C 70 -18.67 -16.06 -5.32
N ALA C 71 -17.67 -15.25 -5.60
CA ALA C 71 -17.81 -14.12 -6.51
C ALA C 71 -18.35 -14.63 -7.84
N ILE C 72 -17.72 -15.69 -8.35
CA ILE C 72 -18.13 -16.30 -9.60
C ILE C 72 -19.59 -16.75 -9.55
N VAL C 73 -19.93 -17.48 -8.48
CA VAL C 73 -21.28 -17.96 -8.30
C VAL C 73 -22.29 -16.81 -8.23
N VAL C 74 -22.01 -15.82 -7.40
CA VAL C 74 -22.90 -14.66 -7.25
C VAL C 74 -23.09 -13.86 -8.53
N GLU C 75 -22.00 -13.52 -9.21
CA GLU C 75 -22.11 -12.77 -10.45
C GLU C 75 -23.04 -13.52 -11.42
N GLU C 76 -22.82 -14.81 -11.56
CA GLU C 76 -23.64 -15.61 -12.46
C GLU C 76 -25.08 -15.78 -11.99
N LEU C 77 -25.30 -16.01 -10.69
CA LEU C 77 -26.67 -16.14 -10.21
C LEU C 77 -27.44 -14.85 -10.55
N VAL C 78 -26.77 -13.71 -10.43
CA VAL C 78 -27.38 -12.42 -10.72
C VAL C 78 -27.80 -12.36 -12.18
N ARG C 79 -26.94 -12.82 -13.09
CA ARG C 79 -27.26 -12.82 -14.52
C ARG C 79 -28.50 -13.67 -14.74
N LEU C 80 -28.59 -14.77 -13.99
CA LEU C 80 -29.69 -15.71 -14.10
C LEU C 80 -30.99 -15.26 -13.44
N GLY C 81 -30.95 -14.12 -12.74
CA GLY C 81 -32.15 -13.60 -12.11
C GLY C 81 -32.19 -13.47 -10.60
N ALA C 82 -31.13 -13.88 -9.92
CA ALA C 82 -31.13 -13.77 -8.47
C ALA C 82 -31.29 -12.31 -8.04
N ARG C 83 -32.19 -12.05 -7.09
CA ARG C 83 -32.43 -10.70 -6.61
C ARG C 83 -32.18 -10.53 -5.11
N VAL C 84 -32.40 -11.60 -4.35
CA VAL C 84 -32.19 -11.60 -2.91
C VAL C 84 -31.32 -12.81 -2.57
N LEU C 85 -30.08 -12.56 -2.17
CA LEU C 85 -29.14 -13.63 -1.85
C LEU C 85 -28.63 -13.56 -0.42
N VAL C 86 -28.88 -14.63 0.33
CA VAL C 86 -28.43 -14.69 1.70
C VAL C 86 -27.51 -15.87 1.94
N ARG C 87 -26.28 -15.57 2.32
CA ARG C 87 -25.31 -16.59 2.61
C ARG C 87 -25.63 -17.20 3.96
N VAL C 88 -25.65 -18.52 3.99
CA VAL C 88 -25.89 -19.25 5.24
C VAL C 88 -24.68 -20.16 5.38
N GLY C 89 -23.67 -19.68 6.09
CA GLY C 89 -22.47 -20.46 6.28
C GLY C 89 -22.08 -20.63 7.73
N THR C 90 -20.80 -20.93 7.94
CA THR C 90 -20.25 -21.12 9.27
C THR C 90 -19.06 -20.18 9.43
N ALA C 91 -18.59 -20.03 10.65
CA ALA C 91 -17.46 -19.15 10.92
C ALA C 91 -16.66 -19.64 12.12
N GLY C 92 -15.49 -19.02 12.32
CA GLY C 92 -14.65 -19.39 13.44
C GLY C 92 -14.59 -18.23 14.43
N ALA C 93 -14.96 -18.51 15.67
CA ALA C 93 -14.96 -17.48 16.71
C ALA C 93 -13.58 -16.85 16.87
N ALA C 94 -13.55 -15.52 16.87
CA ALA C 94 -12.32 -14.77 17.01
C ALA C 94 -12.10 -14.45 18.49
N SER C 95 -13.20 -14.36 19.21
CA SER C 95 -13.19 -14.05 20.62
C SER C 95 -13.48 -15.29 21.46
N SER C 96 -13.74 -15.09 22.75
CA SER C 96 -14.04 -16.19 23.65
C SER C 96 -15.49 -16.17 24.12
N ASP C 97 -16.22 -15.10 23.80
CA ASP C 97 -17.62 -14.99 24.21
C ASP C 97 -18.54 -15.67 23.19
N LEU C 98 -18.00 -15.95 22.01
CA LEU C 98 -18.76 -16.62 20.98
C LEU C 98 -18.57 -18.12 21.12
N ALA C 99 -19.65 -18.80 21.49
CA ALA C 99 -19.61 -20.25 21.69
C ALA C 99 -20.08 -21.00 20.46
N PRO C 100 -19.33 -22.04 20.05
CA PRO C 100 -19.70 -22.83 18.87
C PRO C 100 -21.18 -23.17 18.88
N GLY C 101 -21.83 -22.99 17.73
CA GLY C 101 -23.25 -23.26 17.63
C GLY C 101 -24.03 -21.95 17.60
N GLU C 102 -23.48 -20.92 18.24
CA GLU C 102 -24.13 -19.62 18.29
C GLU C 102 -24.28 -19.01 16.89
N LEU C 103 -25.34 -18.23 16.69
CA LEU C 103 -25.60 -17.59 15.41
C LEU C 103 -25.10 -16.15 15.34
N ILE C 104 -24.69 -15.73 14.15
CA ILE C 104 -24.22 -14.36 13.92
C ILE C 104 -24.93 -13.76 12.71
N VAL C 105 -25.61 -12.63 12.90
CA VAL C 105 -26.26 -11.94 11.80
C VAL C 105 -25.19 -10.92 11.39
N ALA C 106 -24.60 -11.11 10.22
CA ALA C 106 -23.54 -10.23 9.74
C ALA C 106 -23.99 -8.81 9.43
N GLN C 107 -23.51 -7.85 10.23
CA GLN C 107 -23.85 -6.44 10.06
C GLN C 107 -22.87 -5.82 9.08
N GLY C 108 -21.69 -6.41 8.97
CA GLY C 108 -20.67 -5.91 8.07
C GLY C 108 -19.56 -6.93 8.00
N ALA C 109 -18.72 -6.84 6.97
CA ALA C 109 -17.64 -7.81 6.81
C ALA C 109 -16.32 -7.13 6.47
N VAL C 110 -15.35 -7.20 7.38
CA VAL C 110 -14.06 -6.61 7.13
C VAL C 110 -13.52 -7.29 5.88
N PRO C 111 -13.07 -6.51 4.89
CA PRO C 111 -12.55 -7.09 3.66
C PRO C 111 -11.05 -7.42 3.69
N LEU C 112 -10.71 -8.63 4.13
CA LEU C 112 -9.30 -9.04 4.18
C LEU C 112 -8.98 -9.91 2.97
N ASP C 113 -9.92 -10.01 2.03
CA ASP C 113 -9.75 -10.83 0.84
C ASP C 113 -9.28 -10.02 -0.37
N GLY C 114 -8.77 -10.71 -1.38
CA GLY C 114 -8.27 -10.05 -2.56
C GLY C 114 -9.30 -9.88 -3.66
N THR C 115 -10.44 -10.55 -3.53
CA THR C 115 -11.49 -10.43 -4.53
C THR C 115 -12.12 -9.05 -4.46
N THR C 116 -12.46 -8.60 -3.25
CA THR C 116 -13.05 -7.28 -3.12
C THR C 116 -12.01 -6.24 -3.52
N ARG C 117 -10.76 -6.53 -3.22
CA ARG C 117 -9.67 -5.62 -3.55
C ARG C 117 -9.55 -5.43 -5.06
N GLN C 118 -9.77 -6.50 -5.82
CA GLN C 118 -9.67 -6.40 -7.26
C GLN C 118 -10.86 -5.66 -7.87
N TYR C 119 -12.05 -5.96 -7.36
CA TYR C 119 -13.25 -5.30 -7.85
C TYR C 119 -13.22 -3.81 -7.50
N LEU C 120 -12.56 -3.49 -6.39
CA LEU C 120 -12.46 -2.10 -5.91
C LEU C 120 -11.17 -1.40 -6.34
N GLU C 121 -10.28 -2.12 -7.00
CA GLU C 121 -9.01 -1.54 -7.42
C GLU C 121 -8.17 -0.99 -6.27
N GLY C 122 -8.31 -1.59 -5.09
CA GLY C 122 -7.51 -1.14 -3.95
C GLY C 122 -8.16 -0.09 -3.07
N ARG C 123 -9.30 0.43 -3.50
CA ARG C 123 -9.99 1.44 -2.72
C ARG C 123 -10.49 0.88 -1.38
N PRO C 124 -10.55 1.74 -0.35
CA PRO C 124 -11.03 1.30 0.98
C PRO C 124 -12.53 1.01 0.83
N TYR C 125 -13.11 0.25 1.76
CA TYR C 125 -14.53 -0.06 1.66
C TYR C 125 -15.11 -0.65 2.94
N ALA C 126 -16.42 -0.50 3.10
CA ALA C 126 -17.12 -1.03 4.26
C ALA C 126 -18.24 -1.98 3.78
N PRO C 127 -17.90 -3.25 3.51
CA PRO C 127 -18.88 -4.24 3.05
C PRO C 127 -20.01 -4.42 4.04
N VAL C 128 -21.23 -4.18 3.59
CA VAL C 128 -22.41 -4.33 4.42
C VAL C 128 -23.51 -5.04 3.64
N PRO C 129 -24.39 -5.75 4.35
CA PRO C 129 -25.48 -6.45 3.65
C PRO C 129 -26.51 -5.40 3.25
N ASP C 130 -27.56 -5.85 2.60
CA ASP C 130 -28.64 -4.93 2.22
C ASP C 130 -29.34 -4.63 3.55
N PRO C 131 -29.61 -3.36 3.84
CA PRO C 131 -30.28 -3.04 5.11
C PRO C 131 -31.55 -3.85 5.36
N GLU C 132 -32.44 -3.88 4.39
CA GLU C 132 -33.69 -4.62 4.53
C GLU C 132 -33.46 -6.09 4.87
N VAL C 133 -32.56 -6.73 4.13
CA VAL C 133 -32.26 -8.14 4.38
C VAL C 133 -31.69 -8.33 5.79
N PHE C 134 -30.70 -7.50 6.14
CA PHE C 134 -30.06 -7.55 7.44
C PHE C 134 -31.13 -7.45 8.52
N ARG C 135 -32.02 -6.49 8.35
CA ARG C 135 -33.09 -6.23 9.28
C ARG C 135 -34.01 -7.44 9.41
N ALA C 136 -34.39 -8.00 8.27
CA ALA C 136 -35.27 -9.17 8.24
C ALA C 136 -34.64 -10.34 8.99
N LEU C 137 -33.36 -10.57 8.74
CA LEU C 137 -32.65 -11.66 9.40
C LEU C 137 -32.64 -11.45 10.90
N TRP C 138 -32.38 -10.22 11.31
CA TRP C 138 -32.34 -9.89 12.72
C TRP C 138 -33.71 -10.16 13.35
N ARG C 139 -34.75 -9.57 12.77
CA ARG C 139 -36.10 -9.74 13.31
C ARG C 139 -36.56 -11.19 13.37
N ARG C 140 -36.32 -11.94 12.31
CA ARG C 140 -36.74 -13.34 12.28
C ARG C 140 -36.05 -14.14 13.38
N ALA C 141 -34.79 -13.83 13.65
CA ALA C 141 -34.07 -14.54 14.69
C ALA C 141 -34.78 -14.28 16.00
N GLU C 142 -35.15 -13.03 16.22
CA GLU C 142 -35.86 -12.62 17.44
C GLU C 142 -37.22 -13.28 17.55
N ALA C 143 -38.00 -13.22 16.48
CA ALA C 143 -39.34 -13.80 16.46
C ALA C 143 -39.32 -15.30 16.73
N LEU C 144 -38.26 -15.98 16.30
CA LEU C 144 -38.16 -17.42 16.51
C LEU C 144 -37.56 -17.76 17.86
N GLY C 145 -37.18 -16.72 18.59
CA GLY C 145 -36.60 -16.91 19.90
C GLY C 145 -35.27 -17.65 19.87
N TYR C 146 -34.52 -17.46 18.78
CA TYR C 146 -33.22 -18.12 18.66
C TYR C 146 -32.14 -17.13 19.08
N PRO C 147 -31.33 -17.50 20.09
CA PRO C 147 -30.28 -16.59 20.53
C PRO C 147 -29.42 -16.23 19.34
N HIS C 148 -28.88 -15.00 19.35
CA HIS C 148 -28.05 -14.54 18.23
C HIS C 148 -27.18 -13.34 18.55
N ARG C 149 -26.15 -13.16 17.74
CA ARG C 149 -25.25 -12.04 17.86
C ARG C 149 -25.31 -11.26 16.56
N VAL C 150 -25.28 -9.93 16.67
CA VAL C 150 -25.32 -9.08 15.51
C VAL C 150 -24.01 -8.31 15.50
N GLY C 151 -23.29 -8.37 14.40
CA GLY C 151 -22.03 -7.65 14.35
C GLY C 151 -21.18 -7.91 13.13
N LEU C 152 -19.89 -7.59 13.27
CA LEU C 152 -18.92 -7.73 12.21
C LEU C 152 -18.24 -9.08 12.15
N VAL C 153 -17.89 -9.48 10.94
CA VAL C 153 -17.14 -10.71 10.73
C VAL C 153 -16.03 -10.25 9.80
N ALA C 154 -14.97 -11.05 9.71
CA ALA C 154 -13.87 -10.71 8.84
C ALA C 154 -13.80 -11.79 7.77
N SER C 155 -13.84 -11.37 6.50
CA SER C 155 -13.74 -12.29 5.37
C SER C 155 -12.26 -12.37 4.99
N GLU C 156 -11.68 -13.56 5.14
CA GLU C 156 -10.26 -13.75 4.84
C GLU C 156 -10.02 -14.73 3.70
N ASP C 157 -8.81 -14.67 3.15
CA ASP C 157 -8.40 -15.54 2.06
C ASP C 157 -7.63 -16.77 2.52
N ALA C 158 -6.70 -16.56 3.45
CA ALA C 158 -5.86 -17.64 3.95
C ALA C 158 -6.35 -18.30 5.24
N PHE C 159 -7.10 -19.38 5.10
CA PHE C 159 -7.65 -20.10 6.23
C PHE C 159 -6.60 -20.47 7.29
N TYR C 160 -5.49 -21.04 6.85
CA TYR C 160 -4.44 -21.45 7.79
C TYR C 160 -3.42 -20.39 8.18
N ALA C 161 -3.64 -19.15 7.80
CA ALA C 161 -2.71 -18.07 8.11
C ALA C 161 -2.97 -17.37 9.46
N THR C 162 -4.24 -17.14 9.77
CA THR C 162 -4.66 -16.46 11.00
C THR C 162 -4.32 -17.18 12.31
N THR C 163 -3.57 -16.50 13.17
CA THR C 163 -3.19 -17.07 14.46
C THR C 163 -4.13 -16.56 15.57
N PRO C 164 -4.38 -17.38 16.60
CA PRO C 164 -5.26 -16.98 17.69
C PRO C 164 -4.90 -15.58 18.21
N GLU C 165 -3.60 -15.29 18.22
CA GLU C 165 -3.13 -13.99 18.68
C GLU C 165 -3.59 -12.91 17.69
N GLU C 166 -3.59 -13.24 16.41
CA GLU C 166 -4.02 -12.29 15.39
C GLU C 166 -5.53 -12.13 15.49
N ALA C 167 -6.20 -13.20 15.88
CA ALA C 167 -7.65 -13.19 16.02
C ALA C 167 -8.08 -12.28 17.18
N ARG C 168 -7.45 -12.46 18.34
CA ARG C 168 -7.77 -11.65 19.51
C ARG C 168 -7.60 -10.18 19.19
N ALA C 169 -6.64 -9.87 18.32
CA ALA C 169 -6.39 -8.49 17.94
C ALA C 169 -7.59 -7.94 17.17
N TRP C 170 -8.09 -8.75 16.24
CA TRP C 170 -9.24 -8.36 15.44
C TRP C 170 -10.51 -8.28 16.30
N ALA C 171 -10.58 -9.09 17.34
CA ALA C 171 -11.74 -9.08 18.21
C ALA C 171 -11.83 -7.73 18.91
N ARG C 172 -10.66 -7.14 19.19
CA ARG C 172 -10.60 -5.84 19.85
C ARG C 172 -11.12 -4.72 18.96
N TYR C 173 -11.28 -5.01 17.68
CA TYR C 173 -11.79 -4.02 16.71
C TYR C 173 -13.24 -4.32 16.39
N GLY C 174 -13.82 -5.29 17.09
CA GLY C 174 -15.21 -5.63 16.87
C GLY C 174 -15.49 -6.87 16.05
N VAL C 175 -14.44 -7.52 15.54
CA VAL C 175 -14.63 -8.73 14.74
C VAL C 175 -15.06 -9.90 15.62
N LEU C 176 -16.26 -10.41 15.35
CA LEU C 176 -16.81 -11.52 16.12
C LEU C 176 -16.26 -12.86 15.65
N ALA C 177 -16.18 -13.04 14.34
CA ALA C 177 -15.68 -14.30 13.81
C ALA C 177 -15.12 -14.16 12.39
N PHE C 178 -14.44 -15.21 11.93
CA PHE C 178 -13.83 -15.23 10.61
C PHE C 178 -14.52 -16.21 9.67
N GLU C 179 -14.76 -15.78 8.44
CA GLU C 179 -15.34 -16.63 7.41
C GLU C 179 -14.69 -16.24 6.08
N MET C 180 -15.14 -16.79 4.97
CA MET C 180 -14.48 -16.51 3.70
C MET C 180 -15.36 -16.17 2.51
N GLU C 181 -16.54 -15.60 2.72
CA GLU C 181 -17.38 -15.26 1.56
C GLU C 181 -18.15 -13.95 1.63
N ALA C 182 -18.57 -13.56 2.82
CA ALA C 182 -19.39 -12.35 3.00
C ALA C 182 -19.00 -11.06 2.27
N SER C 183 -17.78 -10.57 2.48
CA SER C 183 -17.33 -9.32 1.85
C SER C 183 -17.67 -9.16 0.36
N ALA C 184 -17.28 -10.14 -0.45
CA ALA C 184 -17.54 -10.07 -1.88
C ALA C 184 -19.05 -10.15 -2.18
N LEU C 185 -19.79 -10.85 -1.32
CA LEU C 185 -21.23 -10.96 -1.53
C LEU C 185 -21.81 -9.57 -1.33
N PHE C 186 -21.48 -8.96 -0.20
CA PHE C 186 -21.94 -7.63 0.14
C PHE C 186 -21.54 -6.62 -0.94
N LEU C 187 -20.26 -6.62 -1.34
CA LEU C 187 -19.79 -5.71 -2.37
C LEU C 187 -20.58 -5.89 -3.67
N LEU C 188 -20.60 -7.10 -4.20
CA LEU C 188 -21.35 -7.37 -5.43
C LEU C 188 -22.80 -6.98 -5.29
N GLY C 189 -23.32 -7.12 -4.06
CA GLY C 189 -24.70 -6.76 -3.79
C GLY C 189 -24.93 -5.31 -4.20
N ARG C 190 -24.05 -4.42 -3.77
CA ARG C 190 -24.17 -3.01 -4.10
C ARG C 190 -23.80 -2.72 -5.56
N MET C 191 -22.79 -3.43 -6.06
CA MET C 191 -22.33 -3.25 -7.43
C MET C 191 -23.36 -3.68 -8.49
N ARG C 192 -24.10 -4.75 -8.20
CA ARG C 192 -25.09 -5.26 -9.15
C ARG C 192 -26.54 -4.90 -8.82
N GLY C 193 -26.74 -4.11 -7.77
CA GLY C 193 -28.09 -3.71 -7.42
C GLY C 193 -29.02 -4.79 -6.92
N VAL C 194 -28.50 -5.74 -6.15
CA VAL C 194 -29.32 -6.81 -5.59
C VAL C 194 -29.19 -6.70 -4.07
N ARG C 195 -30.11 -7.33 -3.36
CA ARG C 195 -30.10 -7.29 -1.89
C ARG C 195 -29.45 -8.56 -1.34
N THR C 196 -28.39 -8.40 -0.55
CA THR C 196 -27.73 -9.56 0.02
C THR C 196 -27.73 -9.55 1.54
N GLY C 197 -27.29 -10.66 2.12
CA GLY C 197 -27.23 -10.78 3.56
C GLY C 197 -26.45 -12.02 3.93
N ALA C 198 -26.14 -12.15 5.22
CA ALA C 198 -25.40 -13.32 5.67
C ALA C 198 -25.67 -13.62 7.13
N ILE C 199 -25.96 -14.88 7.42
CA ILE C 199 -26.18 -15.34 8.78
C ILE C 199 -25.22 -16.50 8.92
N LEU C 200 -24.46 -16.54 10.00
CA LEU C 200 -23.48 -17.59 10.18
C LEU C 200 -23.62 -18.37 11.48
N ALA C 201 -23.23 -19.65 11.44
CA ALA C 201 -23.25 -20.50 12.61
C ALA C 201 -21.80 -20.78 12.99
N VAL C 202 -21.39 -20.37 14.19
CA VAL C 202 -20.02 -20.60 14.63
C VAL C 202 -19.80 -22.11 14.69
N SER C 203 -18.70 -22.58 14.11
CA SER C 203 -18.41 -24.01 14.10
C SER C 203 -17.13 -24.37 14.83
N ASN C 204 -16.40 -23.37 15.27
CA ASN C 204 -15.15 -23.57 15.99
C ASN C 204 -14.64 -22.23 16.49
N ARG C 205 -13.53 -22.26 17.20
CA ARG C 205 -12.93 -21.03 17.72
C ARG C 205 -11.51 -21.04 17.17
N ILE C 206 -11.22 -20.16 16.21
CA ILE C 206 -9.91 -20.09 15.58
C ILE C 206 -8.75 -20.63 16.41
N GLY C 207 -8.11 -21.65 15.86
CA GLY C 207 -7.00 -22.30 16.53
C GLY C 207 -7.33 -23.77 16.73
N ASP C 208 -8.63 -24.08 16.81
CA ASP C 208 -9.08 -25.46 17.02
C ASP C 208 -8.70 -26.41 15.89
N PRO C 209 -8.16 -27.58 16.25
CA PRO C 209 -7.75 -28.61 15.29
C PRO C 209 -8.93 -29.23 14.55
N GLU C 210 -10.12 -29.14 15.16
CA GLU C 210 -11.33 -29.68 14.57
C GLU C 210 -12.54 -28.76 14.75
N LEU C 211 -13.66 -29.18 14.17
CA LEU C 211 -14.91 -28.43 14.27
C LEU C 211 -15.65 -28.94 15.50
N ALA C 212 -16.87 -28.46 15.74
CA ALA C 212 -17.65 -28.86 16.90
C ALA C 212 -18.56 -30.08 16.69
N PRO C 213 -18.95 -30.75 17.80
CA PRO C 213 -19.81 -31.93 17.80
C PRO C 213 -21.04 -31.74 16.92
N PRO C 214 -21.21 -32.61 15.91
CA PRO C 214 -22.34 -32.54 14.99
C PRO C 214 -23.64 -32.02 15.59
N GLU C 215 -24.09 -32.63 16.67
CA GLU C 215 -25.34 -32.25 17.31
C GLU C 215 -25.44 -30.79 17.78
N VAL C 216 -24.42 -30.33 18.49
CA VAL C 216 -24.40 -28.96 19.00
C VAL C 216 -24.38 -27.95 17.86
N LEU C 217 -23.59 -28.26 16.84
CA LEU C 217 -23.45 -27.40 15.67
C LEU C 217 -24.62 -27.55 14.70
N GLN C 218 -25.17 -28.75 14.61
CA GLN C 218 -26.27 -29.00 13.70
C GLN C 218 -27.51 -28.19 14.04
N GLU C 219 -27.92 -28.17 15.31
CA GLU C 219 -29.10 -27.39 15.65
C GLU C 219 -28.86 -25.93 15.24
N GLY C 220 -27.62 -25.48 15.34
CA GLY C 220 -27.31 -24.12 14.96
C GLY C 220 -27.57 -23.94 13.46
N VAL C 221 -27.08 -24.89 12.67
CA VAL C 221 -27.24 -24.84 11.23
C VAL C 221 -28.71 -24.87 10.83
N ARG C 222 -29.51 -25.66 11.54
CA ARG C 222 -30.93 -25.74 11.22
C ARG C 222 -31.60 -24.38 11.46
N ARG C 223 -31.31 -23.78 12.60
CA ARG C 223 -31.90 -22.48 12.96
C ARG C 223 -31.53 -21.39 11.96
N MET C 224 -30.25 -21.36 11.61
CA MET C 224 -29.73 -20.39 10.66
C MET C 224 -30.52 -20.42 9.36
N VAL C 225 -30.73 -21.63 8.84
CA VAL C 225 -31.45 -21.79 7.58
C VAL C 225 -32.90 -21.32 7.68
N GLU C 226 -33.57 -21.70 8.76
CA GLU C 226 -34.96 -21.31 8.99
C GLU C 226 -35.05 -19.79 9.01
N VAL C 227 -34.21 -19.16 9.82
CA VAL C 227 -34.20 -17.69 9.91
C VAL C 227 -34.01 -17.13 8.50
N ALA C 228 -32.99 -17.62 7.81
CA ALA C 228 -32.69 -17.17 6.45
C ALA C 228 -33.88 -17.36 5.50
N LEU C 229 -34.56 -18.49 5.60
CA LEU C 229 -35.71 -18.75 4.73
C LEU C 229 -36.86 -17.81 5.04
N GLU C 230 -37.16 -17.64 6.33
CA GLU C 230 -38.24 -16.75 6.72
C GLU C 230 -37.92 -15.35 6.21
N ALA C 231 -36.67 -14.93 6.37
CA ALA C 231 -36.24 -13.61 5.95
C ALA C 231 -36.35 -13.34 4.45
N VAL C 232 -35.93 -14.26 3.59
CA VAL C 232 -36.01 -14.01 2.15
C VAL C 232 -37.42 -13.86 1.64
N LEU C 233 -38.40 -14.41 2.37
CA LEU C 233 -39.79 -14.28 1.96
C LEU C 233 -40.34 -12.94 2.43
N GLU C 234 -39.73 -12.39 3.50
CA GLU C 234 -40.14 -11.11 4.07
C GLU C 234 -39.83 -9.96 3.12
N VAL C 235 -38.67 -10.02 2.48
CA VAL C 235 -38.24 -8.97 1.55
C VAL C 235 -38.60 -9.36 0.12
N SER D 2 -7.27 -36.08 11.16
CA SER D 2 -8.08 -35.96 9.91
C SER D 2 -8.37 -34.48 9.56
N PRO D 3 -7.86 -34.00 8.42
CA PRO D 3 -8.06 -32.62 7.96
C PRO D 3 -9.50 -32.13 8.05
N ILE D 4 -9.68 -30.84 8.25
CA ILE D 4 -11.01 -30.23 8.36
C ILE D 4 -11.82 -30.22 7.07
N HIS D 5 -11.15 -30.17 5.92
CA HIS D 5 -11.86 -30.15 4.64
C HIS D 5 -11.69 -31.41 3.82
N VAL D 6 -10.45 -31.75 3.48
CA VAL D 6 -10.19 -32.97 2.73
C VAL D 6 -10.16 -34.05 3.81
N ARG D 7 -11.33 -34.59 4.11
CA ARG D 7 -11.47 -35.59 5.16
C ARG D 7 -10.89 -36.95 4.80
N ALA D 8 -9.56 -36.99 4.70
CA ALA D 8 -8.85 -38.21 4.40
C ALA D 8 -7.83 -38.44 5.51
N HIS D 9 -7.13 -39.57 5.44
CA HIS D 9 -6.14 -39.87 6.46
C HIS D 9 -4.83 -40.22 5.77
N PRO D 10 -3.70 -40.00 6.45
CA PRO D 10 -2.41 -40.32 5.84
C PRO D 10 -2.45 -41.76 5.38
N GLY D 11 -2.13 -41.99 4.11
CA GLY D 11 -2.17 -43.32 3.56
C GLY D 11 -3.17 -43.34 2.42
N ASP D 12 -4.20 -42.51 2.54
CA ASP D 12 -5.22 -42.42 1.50
C ASP D 12 -4.64 -41.63 0.33
N VAL D 13 -3.66 -40.78 0.64
CA VAL D 13 -3.03 -39.96 -0.38
C VAL D 13 -1.60 -40.37 -0.71
N ALA D 14 -1.29 -40.49 -2.00
CA ALA D 14 0.04 -40.87 -2.45
C ALA D 14 0.96 -39.66 -2.38
N GLU D 15 2.26 -39.89 -2.56
CA GLU D 15 3.22 -38.79 -2.53
C GLU D 15 3.08 -37.93 -3.78
N ARG D 16 2.64 -38.56 -4.85
CA ARG D 16 2.46 -37.86 -6.11
C ARG D 16 0.98 -37.53 -6.29
N VAL D 17 0.70 -36.23 -6.42
CA VAL D 17 -0.66 -35.75 -6.56
C VAL D 17 -0.83 -34.75 -7.68
N LEU D 18 -1.93 -34.87 -8.41
CA LEU D 18 -2.26 -33.94 -9.47
C LEU D 18 -3.37 -33.07 -8.87
N LEU D 19 -3.33 -31.78 -9.15
CA LEU D 19 -4.31 -30.88 -8.58
C LEU D 19 -5.21 -30.18 -9.58
N PRO D 20 -6.34 -30.80 -9.95
CA PRO D 20 -7.27 -30.18 -10.90
C PRO D 20 -8.23 -29.26 -10.14
N GLY D 21 -8.71 -28.21 -10.79
CA GLY D 21 -9.62 -27.31 -10.12
C GLY D 21 -11.01 -27.90 -10.07
N ASP D 22 -11.47 -28.42 -11.21
CA ASP D 22 -12.78 -29.01 -11.39
C ASP D 22 -12.89 -30.45 -10.86
N PRO D 23 -13.89 -30.71 -10.01
CA PRO D 23 -14.04 -32.08 -9.47
C PRO D 23 -14.43 -33.13 -10.52
N GLY D 24 -15.07 -32.68 -11.59
CA GLY D 24 -15.46 -33.59 -12.65
C GLY D 24 -14.24 -33.99 -13.47
N ARG D 25 -13.26 -33.09 -13.53
CA ARG D 25 -12.03 -33.36 -14.26
C ARG D 25 -11.24 -34.34 -13.40
N ALA D 26 -11.35 -34.19 -12.08
CA ALA D 26 -10.65 -35.06 -11.15
C ALA D 26 -11.14 -36.49 -11.35
N GLU D 27 -12.46 -36.66 -11.45
CA GLU D 27 -13.05 -37.97 -11.63
C GLU D 27 -12.62 -38.58 -12.97
N TRP D 28 -12.65 -37.76 -14.00
CA TRP D 28 -12.26 -38.20 -15.33
C TRP D 28 -10.83 -38.74 -15.38
N ILE D 29 -9.91 -38.08 -14.69
CA ILE D 29 -8.52 -38.48 -14.67
C ILE D 29 -8.29 -39.78 -13.91
N ALA D 30 -9.04 -39.99 -12.83
CA ALA D 30 -8.90 -41.19 -12.03
C ALA D 30 -9.35 -42.43 -12.82
N LYS D 31 -10.54 -42.37 -13.38
CA LYS D 31 -11.09 -43.48 -14.14
C LYS D 31 -10.38 -43.69 -15.48
N THR D 32 -9.76 -42.64 -16.00
CA THR D 32 -9.09 -42.71 -17.29
C THR D 32 -7.63 -43.18 -17.28
N PHE D 33 -6.83 -42.68 -16.33
CA PHE D 33 -5.42 -43.05 -16.28
C PHE D 33 -4.99 -43.92 -15.10
N LEU D 34 -5.82 -44.01 -14.07
CA LEU D 34 -5.47 -44.79 -12.90
C LEU D 34 -6.08 -46.18 -12.82
N GLN D 35 -5.30 -47.11 -12.29
CA GLN D 35 -5.75 -48.49 -12.14
C GLN D 35 -6.19 -48.66 -10.70
N ASN D 36 -7.39 -49.21 -10.50
CA ASN D 36 -7.93 -49.40 -9.16
C ASN D 36 -8.22 -48.09 -8.46
N PRO D 37 -8.85 -47.14 -9.17
CA PRO D 37 -9.18 -45.84 -8.59
C PRO D 37 -10.03 -45.96 -7.34
N ARG D 38 -9.69 -45.20 -6.33
CA ARG D 38 -10.45 -45.19 -5.09
C ARG D 38 -10.63 -43.76 -4.63
N ARG D 39 -11.89 -43.39 -4.36
CA ARG D 39 -12.19 -42.04 -3.90
C ARG D 39 -12.09 -42.04 -2.37
N TYR D 40 -11.19 -41.20 -1.85
CA TYR D 40 -10.97 -41.13 -0.41
C TYR D 40 -11.63 -39.91 0.24
N ASN D 41 -12.15 -39.01 -0.59
CA ASN D 41 -12.82 -37.82 -0.08
C ASN D 41 -13.76 -37.19 -1.08
N ASP D 42 -14.89 -36.73 -0.56
CA ASP D 42 -15.92 -36.08 -1.35
C ASP D 42 -16.53 -34.94 -0.55
N HIS D 43 -16.04 -34.74 0.66
CA HIS D 43 -16.56 -33.69 1.52
C HIS D 43 -16.35 -32.35 0.83
N ARG D 44 -17.37 -31.51 0.89
CA ARG D 44 -17.33 -30.19 0.28
C ARG D 44 -17.08 -30.25 -1.23
N GLY D 45 -17.45 -31.38 -1.83
CA GLY D 45 -17.29 -31.55 -3.25
C GLY D 45 -15.84 -31.59 -3.72
N LEU D 46 -14.92 -31.65 -2.77
CA LEU D 46 -13.48 -31.69 -3.07
C LEU D 46 -13.05 -33.12 -3.36
N TRP D 47 -13.61 -33.69 -4.42
CA TRP D 47 -13.33 -35.07 -4.81
C TRP D 47 -11.85 -35.41 -4.95
N GLY D 48 -11.43 -36.47 -4.26
CA GLY D 48 -10.05 -36.90 -4.30
C GLY D 48 -9.94 -38.40 -4.57
N TYR D 49 -9.04 -38.77 -5.47
CA TYR D 49 -8.86 -40.16 -5.83
C TYR D 49 -7.42 -40.66 -5.69
N THR D 50 -7.27 -41.97 -5.61
CA THR D 50 -5.95 -42.58 -5.49
C THR D 50 -5.92 -43.93 -6.20
N GLY D 51 -4.84 -44.15 -6.94
CA GLY D 51 -4.69 -45.39 -7.66
C GLY D 51 -3.28 -45.51 -8.16
N LEU D 52 -3.08 -46.34 -9.18
CA LEU D 52 -1.76 -46.52 -9.74
C LEU D 52 -1.66 -46.06 -11.17
N TYR D 53 -0.53 -45.46 -11.50
CA TYR D 53 -0.26 -45.03 -12.87
C TYR D 53 1.06 -45.73 -13.18
N LYS D 54 1.01 -46.65 -14.15
CA LYS D 54 2.19 -47.41 -14.53
C LYS D 54 2.86 -48.02 -13.30
N GLY D 55 2.03 -48.59 -12.42
CA GLY D 55 2.52 -49.23 -11.21
C GLY D 55 2.92 -48.33 -10.06
N VAL D 56 2.71 -47.03 -10.20
CA VAL D 56 3.07 -46.10 -9.14
C VAL D 56 1.82 -45.45 -8.53
N PRO D 57 1.79 -45.31 -7.20
CA PRO D 57 0.61 -44.69 -6.57
C PRO D 57 0.52 -43.18 -6.89
N VAL D 58 -0.66 -42.75 -7.32
CA VAL D 58 -0.90 -41.34 -7.67
C VAL D 58 -2.27 -40.86 -7.21
N SER D 59 -2.33 -39.63 -6.72
CA SER D 59 -3.58 -39.05 -6.26
C SER D 59 -4.05 -37.92 -7.18
N VAL D 60 -5.37 -37.78 -7.28
CA VAL D 60 -5.97 -36.73 -8.09
C VAL D 60 -6.91 -36.04 -7.12
N GLN D 61 -6.48 -34.90 -6.59
CA GLN D 61 -7.27 -34.16 -5.61
C GLN D 61 -7.79 -32.85 -6.15
N THR D 62 -9.10 -32.64 -6.01
CA THR D 62 -9.74 -31.40 -6.46
C THR D 62 -9.35 -30.27 -5.51
N THR D 63 -9.19 -29.06 -6.04
CA THR D 63 -8.83 -27.93 -5.17
C THR D 63 -9.96 -26.92 -5.09
N GLY D 64 -10.83 -26.93 -6.10
CA GLY D 64 -11.92 -25.98 -6.14
C GLY D 64 -11.35 -24.75 -6.82
N MET D 65 -12.16 -23.70 -7.00
CA MET D 65 -11.67 -22.50 -7.65
C MET D 65 -11.15 -21.43 -6.71
N GLY D 66 -10.03 -20.81 -7.07
CA GLY D 66 -9.47 -19.76 -6.24
C GLY D 66 -8.35 -20.21 -5.33
N THR D 67 -7.45 -19.29 -5.02
CA THR D 67 -6.32 -19.59 -4.14
C THR D 67 -6.76 -19.84 -2.70
N PRO D 68 -7.92 -19.29 -2.29
CA PRO D 68 -8.33 -19.55 -0.91
C PRO D 68 -8.65 -21.04 -0.76
N SER D 69 -9.45 -21.56 -1.67
CA SER D 69 -9.82 -22.96 -1.63
C SER D 69 -8.59 -23.84 -1.86
N ALA D 70 -7.80 -23.51 -2.89
CA ALA D 70 -6.61 -24.28 -3.21
C ALA D 70 -5.60 -24.32 -2.05
N ALA D 71 -5.38 -23.18 -1.41
CA ALA D 71 -4.42 -23.14 -0.31
C ALA D 71 -4.83 -24.09 0.81
N ILE D 72 -6.13 -24.21 1.02
CA ILE D 72 -6.65 -25.10 2.06
C ILE D 72 -6.32 -26.56 1.70
N VAL D 73 -6.72 -26.95 0.48
CA VAL D 73 -6.48 -28.30 -0.02
C VAL D 73 -4.98 -28.65 0.00
N VAL D 74 -4.14 -27.72 -0.47
CA VAL D 74 -2.70 -27.92 -0.49
C VAL D 74 -2.15 -28.09 0.93
N GLU D 75 -2.54 -27.20 1.84
CA GLU D 75 -2.09 -27.28 3.23
C GLU D 75 -2.45 -28.61 3.86
N GLU D 76 -3.59 -29.17 3.46
CA GLU D 76 -4.02 -30.43 4.04
C GLU D 76 -3.39 -31.64 3.35
N LEU D 77 -3.20 -31.53 2.04
CA LEU D 77 -2.57 -32.61 1.29
C LEU D 77 -1.13 -32.79 1.80
N VAL D 78 -0.53 -31.69 2.24
CA VAL D 78 0.82 -31.77 2.76
C VAL D 78 0.77 -32.51 4.08
N ARG D 79 -0.26 -32.24 4.85
CA ARG D 79 -0.46 -32.88 6.15
C ARG D 79 -0.65 -34.38 5.94
N LEU D 80 -1.38 -34.73 4.88
CA LEU D 80 -1.63 -36.12 4.55
C LEU D 80 -0.37 -36.77 3.96
N GLY D 81 0.68 -35.96 3.82
CA GLY D 81 1.94 -36.47 3.32
C GLY D 81 2.21 -36.37 1.82
N ALA D 82 1.68 -35.35 1.17
CA ALA D 82 1.92 -35.19 -0.27
C ALA D 82 3.32 -34.60 -0.40
N ARG D 83 4.09 -35.12 -1.35
CA ARG D 83 5.46 -34.63 -1.58
C ARG D 83 5.61 -33.89 -2.91
N VAL D 84 4.91 -34.35 -3.94
CA VAL D 84 4.95 -33.71 -5.26
C VAL D 84 3.52 -33.39 -5.65
N LEU D 85 3.23 -32.11 -5.84
CA LEU D 85 1.89 -31.70 -6.21
C LEU D 85 1.93 -30.88 -7.49
N VAL D 86 1.29 -31.38 -8.53
CA VAL D 86 1.28 -30.68 -9.81
C VAL D 86 -0.12 -30.28 -10.24
N ARG D 87 -0.35 -28.97 -10.31
CA ARG D 87 -1.64 -28.47 -10.72
C ARG D 87 -1.85 -28.74 -12.21
N VAL D 88 -3.05 -29.20 -12.56
CA VAL D 88 -3.42 -29.48 -13.95
C VAL D 88 -4.73 -28.75 -14.19
N GLY D 89 -4.63 -27.49 -14.63
CA GLY D 89 -5.84 -26.74 -14.83
C GLY D 89 -6.03 -26.08 -16.19
N THR D 90 -6.91 -25.10 -16.22
CA THR D 90 -7.19 -24.37 -17.45
C THR D 90 -6.78 -22.92 -17.26
N ALA D 91 -6.89 -22.13 -18.31
CA ALA D 91 -6.50 -20.74 -18.19
C ALA D 91 -7.07 -19.90 -19.32
N GLY D 92 -7.16 -18.60 -19.08
CA GLY D 92 -7.65 -17.67 -20.07
C GLY D 92 -6.48 -16.92 -20.68
N ALA D 93 -6.34 -17.01 -22.00
CA ALA D 93 -5.25 -16.35 -22.71
C ALA D 93 -5.28 -14.84 -22.50
N ALA D 94 -4.12 -14.27 -22.27
CA ALA D 94 -4.02 -12.83 -22.07
C ALA D 94 -3.65 -12.19 -23.41
N SER D 95 -2.81 -12.88 -24.17
CA SER D 95 -2.36 -12.40 -25.47
C SER D 95 -3.33 -12.89 -26.53
N SER D 96 -2.98 -12.69 -27.79
CA SER D 96 -3.81 -13.13 -28.90
C SER D 96 -3.10 -14.27 -29.61
N ASP D 97 -1.83 -14.48 -29.26
CA ASP D 97 -1.03 -15.54 -29.86
C ASP D 97 -1.32 -16.91 -29.23
N LEU D 98 -1.77 -16.91 -27.98
CA LEU D 98 -2.10 -18.17 -27.30
C LEU D 98 -3.52 -18.59 -27.69
N ALA D 99 -3.63 -19.74 -28.33
CA ALA D 99 -4.94 -20.24 -28.76
C ALA D 99 -5.47 -21.31 -27.84
N PRO D 100 -6.80 -21.49 -27.83
CA PRO D 100 -7.43 -22.51 -26.96
C PRO D 100 -6.85 -23.88 -27.29
N GLY D 101 -6.53 -24.64 -26.26
CA GLY D 101 -5.98 -25.97 -26.47
C GLY D 101 -4.48 -26.02 -26.31
N GLU D 102 -3.84 -24.85 -26.39
CA GLU D 102 -2.39 -24.77 -26.25
C GLU D 102 -2.02 -24.97 -24.78
N LEU D 103 -0.89 -25.61 -24.52
CA LEU D 103 -0.46 -25.86 -23.15
C LEU D 103 0.56 -24.87 -22.64
N ILE D 104 0.54 -24.62 -21.33
CA ILE D 104 1.48 -23.71 -20.70
C ILE D 104 2.15 -24.38 -19.51
N VAL D 105 3.47 -24.26 -19.43
CA VAL D 105 4.23 -24.82 -18.31
C VAL D 105 4.62 -23.63 -17.45
N ALA D 106 3.83 -23.36 -16.41
CA ALA D 106 4.07 -22.21 -15.55
C ALA D 106 5.48 -22.14 -14.97
N GLN D 107 6.24 -21.15 -15.42
CA GLN D 107 7.60 -20.94 -14.94
C GLN D 107 7.49 -20.11 -13.67
N GLY D 108 6.43 -19.31 -13.61
CA GLY D 108 6.17 -18.48 -12.46
C GLY D 108 4.70 -18.08 -12.48
N ALA D 109 4.24 -17.51 -11.38
CA ALA D 109 2.86 -17.08 -11.28
C ALA D 109 2.75 -15.73 -10.58
N VAL D 110 2.35 -14.70 -11.32
CA VAL D 110 2.19 -13.37 -10.74
C VAL D 110 1.11 -13.46 -9.67
N PRO D 111 1.43 -13.03 -8.44
CA PRO D 111 0.48 -13.07 -7.32
C PRO D 111 -0.47 -11.87 -7.26
N LEU D 112 -1.68 -12.02 -7.80
CA LEU D 112 -2.66 -10.94 -7.79
C LEU D 112 -3.77 -11.28 -6.80
N ASP D 113 -3.59 -12.40 -6.11
CA ASP D 113 -4.56 -12.90 -5.15
C ASP D 113 -4.26 -12.48 -3.71
N GLY D 114 -5.28 -12.51 -2.87
CA GLY D 114 -5.12 -12.13 -1.47
C GLY D 114 -4.57 -13.25 -0.59
N THR D 115 -4.73 -14.50 -1.02
CA THR D 115 -4.23 -15.61 -0.23
C THR D 115 -2.71 -15.49 -0.03
N THR D 116 -1.96 -15.43 -1.13
CA THR D 116 -0.51 -15.31 -1.02
C THR D 116 -0.17 -14.04 -0.26
N ARG D 117 -0.95 -13.00 -0.52
CA ARG D 117 -0.76 -11.70 0.12
C ARG D 117 -0.84 -11.83 1.63
N GLN D 118 -1.83 -12.58 2.11
CA GLN D 118 -2.00 -12.76 3.55
C GLN D 118 -0.83 -13.57 4.12
N TYR D 119 -0.48 -14.66 3.44
CA TYR D 119 0.63 -15.50 3.87
C TYR D 119 1.94 -14.71 3.93
N LEU D 120 2.17 -13.88 2.91
CA LEU D 120 3.39 -13.10 2.84
C LEU D 120 3.32 -11.83 3.68
N GLU D 121 2.13 -11.52 4.18
CA GLU D 121 1.93 -10.34 5.00
C GLU D 121 2.25 -9.08 4.22
N GLY D 122 1.82 -9.03 2.97
CA GLY D 122 2.05 -7.87 2.13
C GLY D 122 3.36 -7.82 1.39
N ARG D 123 4.32 -8.65 1.79
CA ARG D 123 5.63 -8.68 1.16
C ARG D 123 5.67 -9.09 -0.31
N PRO D 124 6.53 -8.43 -1.09
CA PRO D 124 6.67 -8.75 -2.51
C PRO D 124 7.16 -10.18 -2.59
N TYR D 125 6.86 -10.85 -3.70
CA TYR D 125 7.30 -12.22 -3.85
C TYR D 125 7.26 -12.66 -5.31
N ALA D 126 8.00 -13.73 -5.60
CA ALA D 126 8.05 -14.26 -6.95
C ALA D 126 7.69 -15.74 -6.90
N PRO D 127 6.38 -16.06 -6.96
CA PRO D 127 5.88 -17.44 -6.94
C PRO D 127 6.47 -18.27 -8.06
N VAL D 128 7.21 -19.32 -7.71
CA VAL D 128 7.81 -20.23 -8.69
C VAL D 128 7.62 -21.69 -8.26
N PRO D 129 7.56 -22.60 -9.24
CA PRO D 129 7.38 -24.02 -8.93
C PRO D 129 8.70 -24.57 -8.43
N ASP D 130 8.71 -25.87 -8.12
CA ASP D 130 9.93 -26.53 -7.69
C ASP D 130 10.78 -26.62 -8.96
N PRO D 131 12.08 -26.29 -8.87
CA PRO D 131 12.94 -26.37 -10.06
C PRO D 131 12.83 -27.70 -10.82
N GLU D 132 12.97 -28.81 -10.10
CA GLU D 132 12.91 -30.12 -10.75
C GLU D 132 11.55 -30.47 -11.36
N VAL D 133 10.46 -30.17 -10.64
CA VAL D 133 9.13 -30.45 -11.17
C VAL D 133 8.99 -29.69 -12.50
N PHE D 134 9.38 -28.43 -12.45
CA PHE D 134 9.33 -27.54 -13.61
C PHE D 134 10.06 -28.16 -14.80
N ARG D 135 11.30 -28.59 -14.58
CA ARG D 135 12.11 -29.21 -15.61
C ARG D 135 11.48 -30.49 -16.15
N ALA D 136 10.97 -31.32 -15.24
CA ALA D 136 10.34 -32.57 -15.66
C ALA D 136 9.15 -32.30 -16.59
N LEU D 137 8.31 -31.32 -16.24
CA LEU D 137 7.14 -30.98 -17.05
C LEU D 137 7.57 -30.45 -18.41
N TRP D 138 8.54 -29.54 -18.41
CA TRP D 138 9.04 -28.96 -19.63
C TRP D 138 9.59 -30.06 -20.52
N ARG D 139 10.41 -30.95 -19.94
CA ARG D 139 11.00 -32.04 -20.71
C ARG D 139 9.96 -33.02 -21.27
N ARG D 140 9.04 -33.46 -20.43
CA ARG D 140 8.00 -34.39 -20.85
C ARG D 140 7.13 -33.83 -21.98
N ALA D 141 6.88 -32.53 -21.97
CA ALA D 141 6.06 -31.91 -23.01
C ALA D 141 6.80 -31.88 -24.33
N GLU D 142 8.13 -31.72 -24.26
CA GLU D 142 8.95 -31.70 -25.45
C GLU D 142 8.99 -33.11 -26.04
N ALA D 143 9.26 -34.09 -25.18
CA ALA D 143 9.35 -35.48 -25.60
C ALA D 143 8.06 -35.94 -26.27
N LEU D 144 6.91 -35.66 -25.65
CA LEU D 144 5.63 -36.06 -26.20
C LEU D 144 5.26 -35.18 -27.40
N GLY D 145 6.19 -34.33 -27.79
CA GLY D 145 5.98 -33.46 -28.93
C GLY D 145 4.68 -32.67 -28.98
N TYR D 146 4.21 -32.19 -27.83
CA TYR D 146 2.98 -31.42 -27.80
C TYR D 146 3.32 -29.93 -27.80
N PRO D 147 2.73 -29.17 -28.74
CA PRO D 147 3.01 -27.73 -28.79
C PRO D 147 2.65 -27.08 -27.45
N HIS D 148 3.60 -26.35 -26.88
CA HIS D 148 3.41 -25.72 -25.59
C HIS D 148 4.17 -24.41 -25.47
N ARG D 149 3.98 -23.72 -24.34
CA ARG D 149 4.67 -22.48 -24.06
C ARG D 149 5.21 -22.56 -22.64
N VAL D 150 6.34 -21.91 -22.41
CA VAL D 150 6.97 -21.91 -21.10
C VAL D 150 7.15 -20.46 -20.66
N GLY D 151 6.42 -20.06 -19.63
CA GLY D 151 6.52 -18.70 -19.15
C GLY D 151 5.61 -18.42 -17.97
N LEU D 152 5.19 -17.15 -17.85
CA LEU D 152 4.34 -16.69 -16.75
C LEU D 152 2.84 -16.71 -16.95
N VAL D 153 2.14 -17.01 -15.85
CA VAL D 153 0.69 -17.00 -15.81
C VAL D 153 0.39 -16.02 -14.67
N ALA D 154 -0.84 -15.54 -14.60
CA ALA D 154 -1.24 -14.63 -13.55
C ALA D 154 -2.35 -15.30 -12.75
N SER D 155 -2.24 -15.26 -11.42
CA SER D 155 -3.24 -15.84 -10.53
C SER D 155 -4.03 -14.70 -9.89
N GLU D 156 -5.31 -14.62 -10.21
CA GLU D 156 -6.17 -13.56 -9.70
C GLU D 156 -7.31 -14.10 -8.83
N ASP D 157 -8.06 -13.16 -8.24
CA ASP D 157 -9.18 -13.52 -7.37
C ASP D 157 -10.52 -13.25 -8.02
N ALA D 158 -10.61 -12.15 -8.79
CA ALA D 158 -11.86 -11.77 -9.43
C ALA D 158 -11.90 -12.13 -10.91
N PHE D 159 -12.58 -13.23 -11.21
CA PHE D 159 -12.73 -13.76 -12.56
C PHE D 159 -13.38 -12.75 -13.50
N TYR D 160 -14.49 -12.15 -13.07
CA TYR D 160 -15.20 -11.20 -13.92
C TYR D 160 -14.74 -9.75 -13.87
N ALA D 161 -13.59 -9.49 -13.26
CA ALA D 161 -13.08 -8.13 -13.15
C ALA D 161 -12.12 -7.76 -14.28
N THR D 162 -11.17 -8.65 -14.55
CA THR D 162 -10.18 -8.42 -15.59
C THR D 162 -10.81 -8.20 -16.96
N THR D 163 -10.31 -7.20 -17.68
CA THR D 163 -10.81 -6.85 -19.01
C THR D 163 -9.76 -7.15 -20.06
N PRO D 164 -10.18 -7.31 -21.33
CA PRO D 164 -9.26 -7.61 -22.43
C PRO D 164 -8.09 -6.62 -22.45
N GLU D 165 -8.40 -5.37 -22.13
CA GLU D 165 -7.38 -4.32 -22.10
C GLU D 165 -6.39 -4.51 -20.96
N GLU D 166 -6.89 -4.91 -19.78
CA GLU D 166 -6.01 -5.11 -18.64
C GLU D 166 -5.13 -6.32 -18.90
N ALA D 167 -5.68 -7.31 -19.61
CA ALA D 167 -4.93 -8.52 -19.92
C ALA D 167 -3.82 -8.26 -20.93
N ARG D 168 -4.11 -7.50 -21.98
CA ARG D 168 -3.10 -7.18 -22.97
C ARG D 168 -1.97 -6.41 -22.30
N ALA D 169 -2.36 -5.54 -21.37
CA ALA D 169 -1.38 -4.74 -20.66
C ALA D 169 -0.43 -5.69 -19.94
N TRP D 170 -0.99 -6.64 -19.21
CA TRP D 170 -0.17 -7.62 -18.49
C TRP D 170 0.67 -8.50 -19.42
N ALA D 171 0.16 -8.74 -20.63
CA ALA D 171 0.88 -9.56 -21.59
C ALA D 171 2.19 -8.87 -21.91
N ARG D 172 2.19 -7.55 -21.89
CA ARG D 172 3.39 -6.78 -22.18
C ARG D 172 4.46 -6.99 -21.11
N TYR D 173 4.09 -7.58 -19.98
CA TYR D 173 5.05 -7.83 -18.92
C TYR D 173 5.45 -9.30 -18.89
N GLY D 174 4.94 -10.09 -19.84
CA GLY D 174 5.27 -11.50 -19.88
C GLY D 174 4.15 -12.45 -19.47
N VAL D 175 3.07 -11.94 -18.92
CA VAL D 175 1.95 -12.79 -18.52
C VAL D 175 1.34 -13.45 -19.73
N LEU D 176 1.35 -14.78 -19.76
CA LEU D 176 0.81 -15.53 -20.90
C LEU D 176 -0.67 -15.82 -20.76
N ALA D 177 -1.11 -16.05 -19.51
CA ALA D 177 -2.51 -16.37 -19.26
C ALA D 177 -2.91 -16.16 -17.81
N PHE D 178 -4.22 -16.11 -17.58
CA PHE D 178 -4.76 -15.93 -16.24
C PHE D 178 -5.41 -17.20 -15.70
N GLU D 179 -5.23 -17.44 -14.40
CA GLU D 179 -5.81 -18.59 -13.75
C GLU D 179 -6.02 -18.22 -12.28
N MET D 180 -6.47 -19.17 -11.46
CA MET D 180 -6.76 -18.81 -10.06
C MET D 180 -6.24 -19.75 -8.97
N GLU D 181 -5.02 -20.28 -9.10
CA GLU D 181 -4.50 -21.18 -8.06
C GLU D 181 -2.98 -21.29 -7.98
N ALA D 182 -2.30 -21.20 -9.11
CA ALA D 182 -0.84 -21.34 -9.15
C ALA D 182 -0.02 -20.64 -8.08
N SER D 183 -0.21 -19.33 -7.95
CA SER D 183 0.55 -18.55 -6.97
C SER D 183 0.62 -19.18 -5.59
N ALA D 184 -0.55 -19.43 -4.99
CA ALA D 184 -0.62 -20.02 -3.65
C ALA D 184 0.07 -21.39 -3.59
N LEU D 185 -0.08 -22.17 -4.65
CA LEU D 185 0.52 -23.48 -4.70
C LEU D 185 2.04 -23.37 -4.60
N PHE D 186 2.60 -22.48 -5.42
CA PHE D 186 4.04 -22.28 -5.45
C PHE D 186 4.58 -21.75 -4.14
N LEU D 187 3.85 -20.80 -3.53
CA LEU D 187 4.26 -20.22 -2.26
C LEU D 187 4.31 -21.28 -1.18
N LEU D 188 3.19 -21.98 -1.04
CA LEU D 188 3.08 -23.03 -0.06
C LEU D 188 4.12 -24.12 -0.28
N GLY D 189 4.46 -24.37 -1.54
CA GLY D 189 5.48 -25.37 -1.84
C GLY D 189 6.78 -25.01 -1.14
N ARG D 190 7.22 -23.76 -1.30
CA ARG D 190 8.44 -23.28 -0.68
C ARG D 190 8.34 -23.22 0.86
N MET D 191 7.15 -22.89 1.35
CA MET D 191 6.92 -22.76 2.79
C MET D 191 6.79 -24.08 3.55
N ARG D 192 6.19 -25.08 2.91
CA ARG D 192 5.99 -26.37 3.56
C ARG D 192 7.02 -27.44 3.18
N GLY D 193 7.97 -27.07 2.32
CA GLY D 193 9.00 -28.01 1.91
C GLY D 193 8.57 -29.10 0.95
N VAL D 194 7.72 -28.77 0.00
CA VAL D 194 7.27 -29.75 -0.97
C VAL D 194 7.56 -29.25 -2.38
N ARG D 195 7.47 -30.17 -3.34
CA ARG D 195 7.73 -29.84 -4.74
C ARG D 195 6.40 -29.63 -5.45
N THR D 196 6.24 -28.47 -6.08
CA THR D 196 5.01 -28.18 -6.80
C THR D 196 5.29 -27.75 -8.22
N GLY D 197 4.26 -27.78 -9.04
CA GLY D 197 4.40 -27.39 -10.43
C GLY D 197 3.00 -27.16 -10.98
N ALA D 198 2.91 -26.54 -12.14
CA ALA D 198 1.61 -26.28 -12.74
C ALA D 198 1.68 -26.28 -14.25
N ILE D 199 0.77 -27.02 -14.86
CA ILE D 199 0.68 -27.06 -16.32
C ILE D 199 -0.77 -26.71 -16.59
N LEU D 200 -0.97 -25.81 -17.55
CA LEU D 200 -2.31 -25.34 -17.88
C LEU D 200 -2.67 -25.48 -19.34
N ALA D 201 -3.96 -25.67 -19.60
CA ALA D 201 -4.46 -25.79 -20.97
C ALA D 201 -5.39 -24.59 -21.15
N VAL D 202 -5.09 -23.74 -22.14
CA VAL D 202 -5.91 -22.56 -22.38
C VAL D 202 -7.30 -22.93 -22.89
N SER D 203 -8.32 -22.49 -22.15
CA SER D 203 -9.70 -22.78 -22.50
C SER D 203 -10.47 -21.60 -23.08
N ASN D 204 -9.89 -20.40 -23.00
CA ASN D 204 -10.56 -19.21 -23.51
C ASN D 204 -9.63 -18.00 -23.57
N ARG D 205 -10.15 -16.89 -24.03
CA ARG D 205 -9.40 -15.64 -24.08
C ARG D 205 -10.14 -14.70 -23.15
N ILE D 206 -9.41 -14.00 -22.27
CA ILE D 206 -10.04 -13.06 -21.34
C ILE D 206 -11.09 -12.24 -22.06
N GLY D 207 -12.27 -12.17 -21.48
CA GLY D 207 -13.35 -11.42 -22.09
C GLY D 207 -14.34 -12.31 -22.83
N ASP D 208 -13.89 -13.48 -23.26
CA ASP D 208 -14.76 -14.41 -23.97
C ASP D 208 -15.96 -14.80 -23.11
N PRO D 209 -17.17 -14.78 -23.72
CA PRO D 209 -18.41 -15.12 -23.03
C PRO D 209 -18.53 -16.62 -22.76
N GLU D 210 -17.95 -17.42 -23.65
CA GLU D 210 -17.98 -18.87 -23.51
C GLU D 210 -16.59 -19.47 -23.70
N LEU D 211 -16.42 -20.72 -23.25
CA LEU D 211 -15.16 -21.42 -23.38
C LEU D 211 -15.01 -21.91 -24.82
N ALA D 212 -13.91 -22.58 -25.12
CA ALA D 212 -13.67 -23.08 -26.46
C ALA D 212 -14.49 -24.34 -26.71
N PRO D 213 -14.65 -24.75 -27.99
CA PRO D 213 -15.42 -25.95 -28.31
C PRO D 213 -15.00 -27.14 -27.44
N PRO D 214 -15.99 -27.92 -26.94
CA PRO D 214 -15.72 -29.08 -26.10
C PRO D 214 -14.57 -29.95 -26.62
N GLU D 215 -14.63 -30.24 -27.92
CA GLU D 215 -13.64 -31.09 -28.59
C GLU D 215 -12.21 -30.56 -28.55
N VAL D 216 -12.03 -29.29 -28.88
CA VAL D 216 -10.71 -28.67 -28.91
C VAL D 216 -10.10 -28.63 -27.51
N LEU D 217 -10.92 -28.25 -26.54
CA LEU D 217 -10.49 -28.14 -25.16
C LEU D 217 -10.13 -29.50 -24.56
N GLN D 218 -10.97 -30.50 -24.82
CA GLN D 218 -10.74 -31.84 -24.27
C GLN D 218 -9.39 -32.47 -24.60
N GLU D 219 -8.93 -32.33 -25.84
CA GLU D 219 -7.65 -32.92 -26.22
C GLU D 219 -6.51 -32.28 -25.43
N GLY D 220 -6.56 -30.96 -25.27
CA GLY D 220 -5.53 -30.27 -24.54
C GLY D 220 -5.45 -30.79 -23.12
N VAL D 221 -6.61 -30.97 -22.48
CA VAL D 221 -6.65 -31.48 -21.12
C VAL D 221 -6.03 -32.86 -21.05
N ARG D 222 -6.24 -33.65 -22.10
CA ARG D 222 -5.71 -35.00 -22.17
C ARG D 222 -4.17 -34.98 -22.20
N ARG D 223 -3.60 -34.12 -23.04
CA ARG D 223 -2.15 -34.03 -23.14
C ARG D 223 -1.57 -33.50 -21.84
N MET D 224 -2.20 -32.46 -21.31
CA MET D 224 -1.78 -31.87 -20.07
C MET D 224 -1.63 -32.92 -18.98
N VAL D 225 -2.67 -33.74 -18.79
CA VAL D 225 -2.64 -34.78 -17.76
C VAL D 225 -1.55 -35.81 -18.04
N GLU D 226 -1.40 -36.20 -19.31
CA GLU D 226 -0.38 -37.17 -19.66
C GLU D 226 0.96 -36.59 -19.20
N VAL D 227 1.25 -35.37 -19.66
CA VAL D 227 2.50 -34.69 -19.30
C VAL D 227 2.69 -34.67 -17.77
N ALA D 228 1.65 -34.28 -17.05
CA ALA D 228 1.71 -34.19 -15.60
C ALA D 228 1.99 -35.55 -14.95
N LEU D 229 1.26 -36.57 -15.38
CA LEU D 229 1.44 -37.91 -14.84
C LEU D 229 2.83 -38.46 -15.13
N GLU D 230 3.32 -38.22 -16.35
CA GLU D 230 4.64 -38.69 -16.74
C GLU D 230 5.69 -37.96 -15.91
N ALA D 231 5.43 -36.69 -15.60
CA ALA D 231 6.36 -35.87 -14.84
C ALA D 231 6.48 -36.21 -13.35
N VAL D 232 5.36 -36.25 -12.63
CA VAL D 232 5.40 -36.56 -11.19
C VAL D 232 6.08 -37.90 -10.90
N LEU D 233 6.09 -38.79 -11.89
CA LEU D 233 6.71 -40.09 -11.73
C LEU D 233 8.22 -39.96 -11.87
N GLU D 234 8.68 -38.82 -12.40
CA GLU D 234 10.12 -38.61 -12.59
C GLU D 234 10.80 -37.80 -11.49
N VAL D 235 10.14 -37.68 -10.34
CA VAL D 235 10.71 -36.95 -9.22
C VAL D 235 10.11 -37.46 -7.91
N SER E 2 23.68 7.71 -29.73
CA SER E 2 24.54 7.08 -28.68
C SER E 2 23.88 7.27 -27.31
N PRO E 3 23.73 6.17 -26.55
CA PRO E 3 23.13 6.19 -25.21
C PRO E 3 23.68 7.25 -24.27
N ILE E 4 22.85 7.67 -23.32
CA ILE E 4 23.21 8.71 -22.36
C ILE E 4 24.29 8.32 -21.34
N HIS E 5 24.29 7.06 -20.93
CA HIS E 5 25.25 6.58 -19.93
C HIS E 5 26.32 5.67 -20.51
N VAL E 6 25.92 4.53 -21.08
CA VAL E 6 26.90 3.65 -21.69
C VAL E 6 27.13 4.25 -23.08
N ARG E 7 28.11 5.14 -23.20
CA ARG E 7 28.37 5.79 -24.47
C ARG E 7 29.10 4.90 -25.49
N ALA E 8 28.33 4.00 -26.10
CA ALA E 8 28.86 3.07 -27.07
C ALA E 8 28.07 3.15 -28.39
N HIS E 9 28.66 2.57 -29.42
CA HIS E 9 28.09 2.53 -30.76
C HIS E 9 27.53 1.12 -30.92
N PRO E 10 26.45 0.96 -31.70
CA PRO E 10 25.82 -0.34 -31.93
C PRO E 10 26.77 -1.51 -32.18
N GLY E 11 27.73 -1.32 -33.09
CA GLY E 11 28.66 -2.38 -33.39
C GLY E 11 29.52 -2.80 -32.20
N ASP E 12 29.70 -1.88 -31.25
CA ASP E 12 30.50 -2.18 -30.06
C ASP E 12 29.96 -3.33 -29.23
N VAL E 13 28.63 -3.41 -29.12
CA VAL E 13 27.99 -4.44 -28.30
C VAL E 13 27.57 -5.68 -29.08
N ALA E 14 27.90 -6.85 -28.55
CA ALA E 14 27.55 -8.13 -29.16
C ALA E 14 26.14 -8.55 -28.74
N GLU E 15 25.59 -9.53 -29.43
CA GLU E 15 24.24 -10.02 -29.11
C GLU E 15 24.23 -10.63 -27.71
N ARG E 16 25.36 -11.23 -27.35
CA ARG E 16 25.53 -11.88 -26.06
C ARG E 16 26.32 -11.01 -25.10
N VAL E 17 25.79 -10.84 -23.89
CA VAL E 17 26.45 -9.99 -22.90
C VAL E 17 26.39 -10.55 -21.50
N LEU E 18 27.50 -10.42 -20.77
CA LEU E 18 27.54 -10.85 -19.38
C LEU E 18 27.46 -9.53 -18.63
N LEU E 19 26.71 -9.50 -17.53
CA LEU E 19 26.53 -8.27 -16.78
C LEU E 19 26.99 -8.31 -15.34
N PRO E 20 28.30 -8.10 -15.10
CA PRO E 20 28.82 -8.11 -13.73
C PRO E 20 28.51 -6.72 -13.15
N GLY E 21 28.32 -6.64 -11.84
CA GLY E 21 28.03 -5.35 -11.25
C GLY E 21 29.29 -4.53 -11.01
N ASP E 22 30.38 -5.22 -10.69
CA ASP E 22 31.67 -4.60 -10.42
C ASP E 22 32.51 -4.37 -11.67
N PRO E 23 32.89 -3.11 -11.94
CA PRO E 23 33.70 -2.81 -13.13
C PRO E 23 35.02 -3.59 -13.12
N GLY E 24 35.57 -3.81 -11.93
CA GLY E 24 36.81 -4.55 -11.81
C GLY E 24 36.66 -5.98 -12.28
N ARG E 25 35.49 -6.58 -12.05
CA ARG E 25 35.26 -7.96 -12.47
C ARG E 25 35.04 -8.00 -13.98
N ALA E 26 34.39 -6.97 -14.52
CA ALA E 26 34.13 -6.89 -15.96
C ALA E 26 35.48 -6.92 -16.70
N GLU E 27 36.46 -6.20 -16.16
CA GLU E 27 37.78 -6.14 -16.76
C GLU E 27 38.45 -7.52 -16.65
N TRP E 28 38.45 -8.07 -15.44
CA TRP E 28 39.03 -9.37 -15.19
C TRP E 28 38.42 -10.40 -16.13
N ILE E 29 37.10 -10.37 -16.27
CA ILE E 29 36.42 -11.31 -17.15
C ILE E 29 36.95 -11.15 -18.56
N ALA E 30 36.95 -9.90 -19.04
CA ALA E 30 37.43 -9.58 -20.38
C ALA E 30 38.83 -10.09 -20.64
N LYS E 31 39.75 -9.74 -19.76
CA LYS E 31 41.16 -10.12 -19.89
C LYS E 31 41.48 -11.58 -19.61
N THR E 32 40.56 -12.30 -18.99
CA THR E 32 40.79 -13.70 -18.65
C THR E 32 40.14 -14.70 -19.59
N PHE E 33 38.96 -14.37 -20.10
CA PHE E 33 38.23 -15.29 -20.96
C PHE E 33 38.10 -14.88 -22.42
N LEU E 34 38.25 -13.60 -22.72
CA LEU E 34 38.07 -13.14 -24.09
C LEU E 34 39.33 -12.88 -24.91
N GLN E 35 39.26 -13.33 -26.16
CA GLN E 35 40.34 -13.16 -27.12
C GLN E 35 40.16 -11.79 -27.77
N ASN E 36 41.24 -11.02 -27.83
CA ASN E 36 41.19 -9.69 -28.44
C ASN E 36 40.12 -8.81 -27.79
N PRO E 37 40.15 -8.68 -26.45
CA PRO E 37 39.16 -7.85 -25.78
C PRO E 37 39.41 -6.35 -25.91
N ARG E 38 38.37 -5.61 -26.29
CA ARG E 38 38.48 -4.18 -26.47
C ARG E 38 37.42 -3.49 -25.61
N ARG E 39 37.78 -2.38 -24.98
CA ARG E 39 36.85 -1.64 -24.14
C ARG E 39 36.14 -0.61 -25.00
N TYR E 40 34.82 -0.61 -24.96
CA TYR E 40 34.05 0.34 -25.78
C TYR E 40 33.41 1.45 -24.95
N ASN E 41 33.58 1.38 -23.63
CA ASN E 41 33.03 2.41 -22.76
C ASN E 41 33.69 2.41 -21.38
N ASP E 42 33.89 3.61 -20.85
CA ASP E 42 34.46 3.78 -19.53
C ASP E 42 33.78 4.97 -18.85
N HIS E 43 32.78 5.53 -19.53
CA HIS E 43 32.04 6.68 -19.01
C HIS E 43 31.23 6.28 -17.75
N ARG E 44 31.30 7.12 -16.72
CA ARG E 44 30.60 6.83 -15.46
C ARG E 44 31.08 5.54 -14.80
N GLY E 45 32.27 5.08 -15.18
CA GLY E 45 32.82 3.87 -14.60
C GLY E 45 32.18 2.60 -15.14
N LEU E 46 31.12 2.77 -15.93
CA LEU E 46 30.40 1.64 -16.50
C LEU E 46 31.20 0.91 -17.58
N TRP E 47 32.36 0.37 -17.21
CA TRP E 47 33.23 -0.33 -18.15
C TRP E 47 32.57 -1.47 -18.94
N GLY E 48 32.61 -1.34 -20.26
CA GLY E 48 32.04 -2.37 -21.13
C GLY E 48 33.09 -2.90 -22.09
N TYR E 49 33.15 -4.23 -22.23
CA TYR E 49 34.13 -4.85 -23.11
C TYR E 49 33.47 -5.78 -24.12
N THR E 50 34.16 -5.97 -25.24
CA THR E 50 33.68 -6.88 -26.27
C THR E 50 34.87 -7.63 -26.83
N GLY E 51 34.72 -8.95 -26.91
CA GLY E 51 35.77 -9.81 -27.43
C GLY E 51 35.15 -11.07 -28.00
N LEU E 52 35.97 -12.11 -28.13
CA LEU E 52 35.50 -13.36 -28.67
C LEU E 52 35.64 -14.47 -27.66
N TYR E 53 34.62 -15.33 -27.57
CA TYR E 53 34.70 -16.47 -26.69
C TYR E 53 34.52 -17.66 -27.63
N LYS E 54 35.59 -18.42 -27.81
CA LYS E 54 35.55 -19.57 -28.70
C LYS E 54 35.01 -19.19 -30.08
N GLY E 55 35.44 -18.03 -30.58
CA GLY E 55 35.02 -17.57 -31.89
C GLY E 55 33.72 -16.78 -31.95
N VAL E 56 32.95 -16.78 -30.87
CA VAL E 56 31.68 -16.07 -30.82
C VAL E 56 31.81 -14.74 -30.08
N PRO E 57 31.33 -13.63 -30.68
CA PRO E 57 31.40 -12.31 -30.06
C PRO E 57 30.66 -12.29 -28.71
N VAL E 58 31.30 -11.73 -27.69
CA VAL E 58 30.71 -11.64 -26.37
C VAL E 58 31.10 -10.34 -25.69
N SER E 59 30.10 -9.66 -25.15
CA SER E 59 30.33 -8.41 -24.45
C SER E 59 30.21 -8.61 -22.94
N VAL E 60 30.92 -7.77 -22.20
CA VAL E 60 30.93 -7.78 -20.74
C VAL E 60 30.71 -6.34 -20.33
N GLN E 61 29.50 -6.02 -19.89
CA GLN E 61 29.14 -4.67 -19.51
C GLN E 61 28.87 -4.49 -18.02
N THR E 62 29.55 -3.52 -17.40
CA THR E 62 29.35 -3.24 -15.98
C THR E 62 27.95 -2.66 -15.72
N THR E 63 27.28 -3.13 -14.67
CA THR E 63 25.94 -2.61 -14.38
C THR E 63 25.93 -1.58 -13.26
N GLY E 64 26.89 -1.70 -12.35
CA GLY E 64 26.92 -0.80 -11.22
C GLY E 64 26.09 -1.51 -10.17
N MET E 65 25.94 -0.91 -8.99
CA MET E 65 25.15 -1.56 -7.94
C MET E 65 23.75 -1.00 -7.81
N GLY E 66 22.78 -1.90 -7.73
CA GLY E 66 21.39 -1.50 -7.59
C GLY E 66 20.57 -1.54 -8.87
N THR E 67 19.31 -1.95 -8.76
CA THR E 67 18.46 -2.02 -9.94
C THR E 67 18.39 -0.71 -10.73
N PRO E 68 18.40 0.44 -10.05
CA PRO E 68 18.35 1.70 -10.79
C PRO E 68 19.47 1.78 -11.83
N SER E 69 20.69 1.60 -11.37
CA SER E 69 21.86 1.64 -12.25
C SER E 69 21.79 0.52 -13.30
N ALA E 70 21.39 -0.67 -12.88
CA ALA E 70 21.30 -1.82 -13.76
C ALA E 70 20.25 -1.68 -14.85
N ALA E 71 19.11 -1.09 -14.50
CA ALA E 71 18.03 -0.90 -15.45
C ALA E 71 18.50 0.02 -16.56
N ILE E 72 19.20 1.08 -16.17
CA ILE E 72 19.73 2.05 -17.12
C ILE E 72 20.61 1.34 -18.13
N VAL E 73 21.59 0.59 -17.62
CA VAL E 73 22.53 -0.17 -18.41
C VAL E 73 21.84 -1.19 -19.33
N VAL E 74 20.89 -1.93 -18.76
CA VAL E 74 20.15 -2.93 -19.52
C VAL E 74 19.31 -2.26 -20.61
N GLU E 75 18.63 -1.17 -20.26
CA GLU E 75 17.81 -0.46 -21.22
C GLU E 75 18.67 -0.03 -22.40
N GLU E 76 19.81 0.59 -22.11
CA GLU E 76 20.71 1.06 -23.15
C GLU E 76 21.35 -0.06 -23.96
N LEU E 77 21.66 -1.19 -23.33
CA LEU E 77 22.24 -2.31 -24.06
C LEU E 77 21.22 -2.86 -25.06
N VAL E 78 19.96 -2.94 -24.66
CA VAL E 78 18.92 -3.44 -25.54
C VAL E 78 18.78 -2.53 -26.75
N ARG E 79 18.82 -1.22 -26.50
CA ARG E 79 18.71 -0.22 -27.56
C ARG E 79 19.95 -0.32 -28.46
N LEU E 80 21.02 -0.92 -27.94
CA LEU E 80 22.26 -1.09 -28.69
C LEU E 80 22.31 -2.39 -29.49
N GLY E 81 21.44 -3.35 -29.16
CA GLY E 81 21.43 -4.59 -29.89
C GLY E 81 21.58 -5.87 -29.09
N ALA E 82 21.84 -5.75 -27.78
CA ALA E 82 21.99 -6.92 -26.93
C ALA E 82 20.76 -7.82 -27.02
N ARG E 83 20.99 -9.11 -27.28
CA ARG E 83 19.89 -10.05 -27.41
C ARG E 83 19.81 -10.98 -26.20
N VAL E 84 20.98 -11.42 -25.71
CA VAL E 84 21.07 -12.31 -24.56
C VAL E 84 21.88 -11.64 -23.44
N LEU E 85 21.25 -11.36 -22.31
CA LEU E 85 21.92 -10.72 -21.21
C LEU E 85 21.93 -11.60 -19.97
N VAL E 86 23.13 -11.94 -19.51
CA VAL E 86 23.27 -12.80 -18.34
C VAL E 86 24.09 -12.14 -17.24
N ARG E 87 23.44 -11.91 -16.11
CA ARG E 87 24.13 -11.31 -14.98
C ARG E 87 25.03 -12.35 -14.34
N VAL E 88 26.24 -11.90 -14.00
CA VAL E 88 27.23 -12.74 -13.33
C VAL E 88 27.63 -11.91 -12.10
N GLY E 89 27.16 -12.32 -10.92
CA GLY E 89 27.49 -11.54 -9.74
C GLY E 89 27.58 -12.28 -8.42
N THR E 90 27.68 -11.50 -7.34
CA THR E 90 27.76 -12.06 -6.00
C THR E 90 26.44 -11.85 -5.26
N ALA E 91 26.29 -12.51 -4.13
CA ALA E 91 25.06 -12.39 -3.36
C ALA E 91 25.32 -12.74 -1.90
N GLY E 92 24.40 -12.33 -1.03
CA GLY E 92 24.54 -12.62 0.39
C GLY E 92 23.56 -13.69 0.82
N ALA E 93 24.08 -14.80 1.34
CA ALA E 93 23.25 -15.91 1.79
C ALA E 93 22.30 -15.48 2.90
N ALA E 94 21.06 -15.96 2.82
CA ALA E 94 20.04 -15.62 3.80
C ALA E 94 19.90 -16.73 4.82
N SER E 95 20.55 -17.85 4.57
CA SER E 95 20.47 -19.00 5.44
C SER E 95 21.83 -19.64 5.73
N SER E 96 21.82 -20.73 6.49
CA SER E 96 23.06 -21.42 6.85
C SER E 96 23.46 -22.53 5.88
N ASP E 97 22.53 -22.98 5.03
CA ASP E 97 22.85 -24.04 4.08
C ASP E 97 23.52 -23.56 2.79
N LEU E 98 23.88 -22.28 2.75
CA LEU E 98 24.56 -21.74 1.58
C LEU E 98 25.91 -21.22 2.03
N ALA E 99 26.97 -21.88 1.59
CA ALA E 99 28.32 -21.48 1.95
C ALA E 99 28.87 -20.53 0.89
N PRO E 100 29.92 -19.78 1.23
CA PRO E 100 30.54 -18.86 0.28
C PRO E 100 31.27 -19.62 -0.82
N GLY E 101 31.11 -19.17 -2.07
CA GLY E 101 31.76 -19.84 -3.18
C GLY E 101 30.79 -20.75 -3.91
N GLU E 102 29.61 -20.96 -3.31
CA GLU E 102 28.60 -21.80 -3.92
C GLU E 102 27.85 -21.02 -5.00
N LEU E 103 27.40 -21.71 -6.04
CA LEU E 103 26.70 -21.07 -7.14
C LEU E 103 25.18 -21.15 -7.07
N ILE E 104 24.53 -20.13 -7.59
CA ILE E 104 23.07 -20.11 -7.59
C ILE E 104 22.56 -19.71 -8.97
N VAL E 105 21.73 -20.56 -9.54
CA VAL E 105 21.11 -20.26 -10.83
C VAL E 105 19.75 -19.66 -10.48
N ALA E 106 19.60 -18.36 -10.72
CA ALA E 106 18.38 -17.62 -10.40
C ALA E 106 17.14 -18.10 -11.14
N GLN E 107 16.22 -18.74 -10.43
CA GLN E 107 14.98 -19.22 -11.04
C GLN E 107 14.00 -18.07 -11.09
N GLY E 108 14.16 -17.16 -10.12
CA GLY E 108 13.31 -16.00 -10.04
C GLY E 108 13.92 -15.02 -9.05
N ALA E 109 13.39 -13.81 -9.02
CA ALA E 109 13.90 -12.82 -8.10
C ALA E 109 12.80 -12.04 -7.42
N VAL E 110 12.75 -12.14 -6.10
CA VAL E 110 11.75 -11.42 -5.32
C VAL E 110 12.04 -9.93 -5.48
N PRO E 111 11.08 -9.17 -6.03
CA PRO E 111 11.20 -7.74 -6.26
C PRO E 111 11.05 -6.83 -5.04
N LEU E 112 12.11 -6.68 -4.26
CA LEU E 112 12.06 -5.82 -3.09
C LEU E 112 12.56 -4.45 -3.48
N ASP E 113 12.78 -4.25 -4.77
CA ASP E 113 13.32 -2.98 -5.25
C ASP E 113 12.29 -1.99 -5.77
N GLY E 114 12.69 -0.72 -5.85
CA GLY E 114 11.80 0.32 -6.32
C GLY E 114 11.77 0.49 -7.83
N THR E 115 12.85 0.10 -8.49
CA THR E 115 12.95 0.22 -9.94
C THR E 115 11.87 -0.62 -10.61
N THR E 116 11.77 -1.89 -10.25
CA THR E 116 10.74 -2.73 -10.86
C THR E 116 9.39 -2.17 -10.47
N ARG E 117 9.30 -1.65 -9.25
CA ARG E 117 8.06 -1.09 -8.76
C ARG E 117 7.62 0.11 -9.60
N GLN E 118 8.56 0.98 -9.94
CA GLN E 118 8.22 2.14 -10.75
C GLN E 118 7.81 1.71 -12.15
N TYR E 119 8.52 0.73 -12.70
CA TYR E 119 8.22 0.23 -14.05
C TYR E 119 6.84 -0.43 -14.09
N LEU E 120 6.49 -1.11 -13.00
CA LEU E 120 5.22 -1.82 -12.88
C LEU E 120 4.07 -0.97 -12.34
N GLU E 121 4.38 0.24 -11.91
CA GLU E 121 3.35 1.12 -11.35
C GLU E 121 2.71 0.48 -10.10
N GLY E 122 3.55 -0.18 -9.30
CA GLY E 122 3.09 -0.80 -8.07
C GLY E 122 2.45 -2.18 -8.14
N ARG E 123 2.26 -2.70 -9.34
CA ARG E 123 1.63 -4.01 -9.51
C ARG E 123 2.49 -5.15 -9.03
N PRO E 124 1.86 -6.23 -8.54
CA PRO E 124 2.59 -7.41 -8.06
C PRO E 124 3.27 -8.01 -9.29
N TYR E 125 4.20 -8.94 -9.08
CA TYR E 125 4.89 -9.52 -10.23
C TYR E 125 5.87 -10.56 -9.75
N ALA E 126 6.30 -11.42 -10.67
CA ALA E 126 7.25 -12.48 -10.35
C ALA E 126 8.41 -12.45 -11.33
N PRO E 127 9.47 -11.69 -11.01
CA PRO E 127 10.64 -11.59 -11.88
C PRO E 127 11.26 -12.95 -12.13
N VAL E 128 11.24 -13.38 -13.38
CA VAL E 128 11.83 -14.66 -13.75
C VAL E 128 12.69 -14.46 -14.98
N PRO E 129 13.67 -15.35 -15.21
CA PRO E 129 14.53 -15.21 -16.38
C PRO E 129 13.87 -15.78 -17.63
N ASP E 130 14.57 -15.70 -18.75
CA ASP E 130 14.06 -16.26 -19.98
C ASP E 130 14.17 -17.77 -19.78
N PRO E 131 13.12 -18.52 -20.15
CA PRO E 131 13.16 -19.98 -19.97
C PRO E 131 14.46 -20.62 -20.48
N GLU E 132 14.74 -20.43 -21.77
CA GLU E 132 15.92 -21.01 -22.41
C GLU E 132 17.26 -20.63 -21.77
N VAL E 133 17.42 -19.37 -21.40
CA VAL E 133 18.67 -18.95 -20.78
C VAL E 133 18.84 -19.68 -19.46
N PHE E 134 17.74 -19.74 -18.70
CA PHE E 134 17.70 -20.41 -17.41
C PHE E 134 18.09 -21.88 -17.57
N ARG E 135 17.50 -22.53 -18.56
CA ARG E 135 17.77 -23.93 -18.83
C ARG E 135 19.24 -24.13 -19.17
N ALA E 136 19.76 -23.26 -20.03
CA ALA E 136 21.16 -23.33 -20.45
C ALA E 136 22.10 -23.14 -19.26
N LEU E 137 21.79 -22.17 -18.42
CA LEU E 137 22.61 -21.92 -17.25
C LEU E 137 22.62 -23.16 -16.36
N TRP E 138 21.43 -23.71 -16.12
CA TRP E 138 21.30 -24.90 -15.29
C TRP E 138 22.06 -26.07 -15.89
N ARG E 139 21.82 -26.35 -17.16
CA ARG E 139 22.49 -27.46 -17.85
C ARG E 139 24.01 -27.35 -17.81
N ARG E 140 24.55 -26.17 -18.08
CA ARG E 140 26.00 -26.01 -18.09
C ARG E 140 26.65 -26.28 -16.74
N ALA E 141 26.06 -25.74 -15.67
CA ALA E 141 26.61 -25.95 -14.34
C ALA E 141 26.78 -27.43 -14.03
N GLU E 142 25.81 -28.24 -14.45
CA GLU E 142 25.86 -29.68 -14.22
C GLU E 142 26.93 -30.31 -15.12
N ALA E 143 27.00 -29.84 -16.36
CA ALA E 143 27.97 -30.33 -17.32
C ALA E 143 29.40 -30.11 -16.83
N LEU E 144 29.65 -28.94 -16.24
CA LEU E 144 30.99 -28.62 -15.71
C LEU E 144 31.15 -29.13 -14.29
N GLY E 145 30.14 -29.85 -13.81
CA GLY E 145 30.17 -30.43 -12.48
C GLY E 145 30.38 -29.53 -11.27
N TYR E 146 30.00 -28.26 -11.36
CA TYR E 146 30.18 -27.33 -10.25
C TYR E 146 28.99 -27.39 -9.27
N PRO E 147 29.27 -27.41 -7.95
CA PRO E 147 28.22 -27.45 -6.92
C PRO E 147 27.34 -26.21 -6.99
N HIS E 148 26.06 -26.41 -7.30
CA HIS E 148 25.13 -25.30 -7.47
C HIS E 148 23.72 -25.50 -6.91
N ARG E 149 23.05 -24.39 -6.66
CA ARG E 149 21.68 -24.40 -6.17
C ARG E 149 20.85 -23.67 -7.22
N VAL E 150 19.59 -24.06 -7.36
CA VAL E 150 18.70 -23.42 -8.32
C VAL E 150 17.48 -22.94 -7.56
N GLY E 151 17.26 -21.64 -7.53
CA GLY E 151 16.11 -21.12 -6.81
C GLY E 151 15.97 -19.61 -6.85
N LEU E 152 15.28 -19.08 -5.85
CA LEU E 152 15.03 -17.65 -5.75
C LEU E 152 16.10 -16.84 -5.04
N VAL E 153 16.21 -15.59 -5.44
CA VAL E 153 17.10 -14.63 -4.80
C VAL E 153 16.11 -13.50 -4.52
N ALA E 154 16.55 -12.47 -3.81
CA ALA E 154 15.71 -11.33 -3.52
C ALA E 154 16.54 -10.11 -3.89
N SER E 155 16.00 -9.30 -4.78
CA SER E 155 16.71 -8.09 -5.20
C SER E 155 16.27 -6.97 -4.26
N GLU E 156 17.24 -6.39 -3.54
CA GLU E 156 16.94 -5.31 -2.60
C GLU E 156 17.62 -4.00 -2.95
N ASP E 157 17.19 -2.94 -2.26
CA ASP E 157 17.74 -1.61 -2.46
C ASP E 157 18.66 -1.18 -1.32
N ALA E 158 18.27 -1.46 -0.09
CA ALA E 158 19.08 -1.09 1.07
C ALA E 158 19.98 -2.20 1.61
N PHE E 159 21.17 -2.29 1.03
CA PHE E 159 22.19 -3.27 1.39
C PHE E 159 22.38 -3.37 2.91
N TYR E 160 22.40 -2.22 3.57
CA TYR E 160 22.62 -2.16 5.01
C TYR E 160 21.38 -2.19 5.91
N ALA E 161 20.21 -2.42 5.33
CA ALA E 161 18.98 -2.47 6.12
C ALA E 161 18.59 -3.90 6.55
N THR E 162 18.86 -4.88 5.70
CA THR E 162 18.50 -6.26 6.01
C THR E 162 19.28 -6.86 7.18
N THR E 163 18.53 -7.35 8.16
CA THR E 163 19.11 -7.97 9.36
C THR E 163 19.12 -9.49 9.24
N PRO E 164 20.04 -10.16 9.95
CA PRO E 164 20.09 -11.62 9.87
C PRO E 164 18.73 -12.24 10.17
N GLU E 165 17.92 -11.56 10.99
CA GLU E 165 16.61 -12.07 11.34
C GLU E 165 15.64 -12.03 10.15
N GLU E 166 15.59 -10.89 9.46
CA GLU E 166 14.73 -10.74 8.29
C GLU E 166 15.17 -11.68 7.18
N ALA E 167 16.49 -11.87 7.07
CA ALA E 167 17.04 -12.77 6.05
C ALA E 167 16.53 -14.18 6.28
N ARG E 168 16.46 -14.59 7.54
CA ARG E 168 15.98 -15.93 7.87
C ARG E 168 14.49 -16.02 7.60
N ALA E 169 13.75 -14.96 7.92
CA ALA E 169 12.32 -14.94 7.69
C ALA E 169 12.10 -15.23 6.21
N TRP E 170 12.84 -14.52 5.36
CA TRP E 170 12.74 -14.68 3.92
C TRP E 170 13.10 -16.07 3.46
N ALA E 171 14.08 -16.67 4.11
CA ALA E 171 14.53 -18.01 3.78
C ALA E 171 13.38 -19.00 3.91
N ARG E 172 12.47 -18.77 4.85
CA ARG E 172 11.33 -19.66 5.05
C ARG E 172 10.37 -19.58 3.87
N TYR E 173 10.54 -18.54 3.05
CA TYR E 173 9.70 -18.35 1.86
C TYR E 173 10.42 -18.86 0.61
N GLY E 174 11.63 -19.38 0.78
CA GLY E 174 12.36 -19.92 -0.36
C GLY E 174 13.54 -19.12 -0.88
N VAL E 175 13.74 -17.92 -0.34
CA VAL E 175 14.84 -17.07 -0.77
C VAL E 175 16.17 -17.67 -0.32
N LEU E 176 17.10 -17.80 -1.26
CA LEU E 176 18.40 -18.38 -0.95
C LEU E 176 19.44 -17.31 -0.63
N ALA E 177 19.35 -16.18 -1.32
CA ALA E 177 20.32 -15.12 -1.12
C ALA E 177 19.81 -13.76 -1.59
N PHE E 178 20.47 -12.72 -1.11
CA PHE E 178 20.14 -11.34 -1.44
C PHE E 178 21.14 -10.72 -2.41
N GLU E 179 20.62 -9.92 -3.33
CA GLU E 179 21.44 -9.23 -4.30
C GLU E 179 20.71 -7.95 -4.72
N MET E 180 21.25 -7.22 -5.68
CA MET E 180 20.63 -5.95 -6.06
C MET E 180 20.45 -5.64 -7.53
N GLU E 181 20.17 -6.63 -8.36
CA GLU E 181 20.01 -6.36 -9.79
C GLU E 181 19.07 -7.27 -10.59
N ALA E 182 19.13 -8.56 -10.33
CA ALA E 182 18.33 -9.54 -11.05
C ALA E 182 16.87 -9.20 -11.33
N SER E 183 16.16 -8.68 -10.34
CA SER E 183 14.74 -8.36 -10.51
C SER E 183 14.46 -7.43 -11.70
N ALA E 184 15.17 -6.31 -11.76
CA ALA E 184 14.98 -5.37 -12.86
C ALA E 184 15.43 -5.97 -14.20
N LEU E 185 16.46 -6.80 -14.15
CA LEU E 185 16.96 -7.45 -15.37
C LEU E 185 15.87 -8.33 -15.94
N PHE E 186 15.32 -9.21 -15.10
CA PHE E 186 14.26 -10.13 -15.53
C PHE E 186 13.01 -9.42 -16.05
N LEU E 187 12.60 -8.36 -15.37
CA LEU E 187 11.42 -7.58 -15.78
C LEU E 187 11.67 -7.00 -17.16
N LEU E 188 12.80 -6.31 -17.32
CA LEU E 188 13.15 -5.69 -18.60
C LEU E 188 13.27 -6.73 -19.69
N GLY E 189 13.81 -7.90 -19.35
CA GLY E 189 13.95 -8.95 -20.34
C GLY E 189 12.62 -9.25 -20.99
N ARG E 190 11.57 -9.34 -20.18
CA ARG E 190 10.24 -9.61 -20.69
C ARG E 190 9.69 -8.39 -21.44
N MET E 191 9.84 -7.21 -20.83
CA MET E 191 9.34 -5.97 -21.44
C MET E 191 9.99 -5.60 -22.76
N ARG E 192 11.30 -5.76 -22.85
CA ARG E 192 12.01 -5.40 -24.07
C ARG E 192 12.23 -6.53 -25.06
N GLY E 193 11.72 -7.71 -24.74
CA GLY E 193 11.87 -8.85 -25.64
C GLY E 193 13.28 -9.41 -25.79
N VAL E 194 13.99 -9.57 -24.68
CA VAL E 194 15.33 -10.14 -24.77
C VAL E 194 15.49 -11.26 -23.75
N ARG E 195 16.35 -12.20 -24.08
CA ARG E 195 16.59 -13.35 -23.22
C ARG E 195 17.58 -13.02 -22.11
N THR E 196 17.10 -13.02 -20.87
CA THR E 196 17.96 -12.70 -19.74
C THR E 196 18.09 -13.90 -18.82
N GLY E 197 19.12 -13.85 -17.99
CA GLY E 197 19.37 -14.91 -17.04
C GLY E 197 20.28 -14.36 -15.95
N ALA E 198 20.44 -15.10 -14.86
CA ALA E 198 21.29 -14.62 -13.78
C ALA E 198 21.91 -15.78 -13.03
N ILE E 199 23.18 -15.64 -12.67
CA ILE E 199 23.88 -16.65 -11.91
C ILE E 199 24.74 -15.89 -10.90
N LEU E 200 24.67 -16.29 -9.65
CA LEU E 200 25.43 -15.60 -8.62
C LEU E 200 26.40 -16.51 -7.87
N ALA E 201 27.41 -15.91 -7.27
CA ALA E 201 28.39 -16.64 -6.48
C ALA E 201 28.27 -16.09 -5.07
N VAL E 202 27.83 -16.92 -4.12
CA VAL E 202 27.68 -16.47 -2.74
C VAL E 202 29.03 -16.02 -2.23
N SER E 203 29.11 -14.76 -1.79
CA SER E 203 30.35 -14.21 -1.30
C SER E 203 30.32 -13.90 0.19
N ASN E 204 29.15 -14.00 0.81
CA ASN E 204 29.02 -13.70 2.23
C ASN E 204 27.67 -14.12 2.79
N ARG E 205 27.53 -14.00 4.10
CA ARG E 205 26.27 -14.31 4.78
C ARG E 205 25.71 -12.96 5.22
N ILE E 206 24.40 -12.81 5.17
CA ILE E 206 23.77 -11.56 5.55
C ILE E 206 24.18 -11.18 6.96
N GLY E 207 24.79 -10.00 7.09
CA GLY E 207 25.22 -9.55 8.40
C GLY E 207 26.73 -9.62 8.59
N ASP E 208 27.45 -10.15 7.60
CA ASP E 208 28.90 -10.24 7.73
C ASP E 208 29.55 -8.87 7.56
N PRO E 209 30.56 -8.56 8.39
CA PRO E 209 31.25 -7.27 8.32
C PRO E 209 32.09 -7.22 7.05
N GLU E 210 32.72 -8.36 6.73
CA GLU E 210 33.58 -8.49 5.56
C GLU E 210 33.18 -9.65 4.65
N LEU E 211 33.74 -9.65 3.45
CA LEU E 211 33.49 -10.70 2.47
C LEU E 211 34.46 -11.85 2.74
N ALA E 212 34.22 -13.01 2.15
CA ALA E 212 35.07 -14.18 2.34
C ALA E 212 36.48 -14.03 1.74
N PRO E 213 37.41 -14.92 2.12
CA PRO E 213 38.79 -14.89 1.63
C PRO E 213 38.88 -14.84 0.09
N PRO E 214 39.73 -13.95 -0.44
CA PRO E 214 39.94 -13.77 -1.87
C PRO E 214 39.92 -15.03 -2.73
N GLU E 215 40.54 -16.11 -2.27
CA GLU E 215 40.58 -17.34 -3.07
C GLU E 215 39.31 -18.18 -3.06
N VAL E 216 38.72 -18.38 -1.89
CA VAL E 216 37.49 -19.16 -1.81
C VAL E 216 36.43 -18.57 -2.74
N LEU E 217 36.37 -17.24 -2.76
CA LEU E 217 35.41 -16.51 -3.58
C LEU E 217 35.80 -16.42 -5.05
N GLN E 218 37.10 -16.26 -5.32
CA GLN E 218 37.58 -16.14 -6.68
C GLN E 218 37.33 -17.40 -7.51
N GLU E 219 37.37 -18.57 -6.87
CA GLU E 219 37.11 -19.79 -7.61
C GLU E 219 35.63 -19.83 -7.98
N GLY E 220 34.79 -19.43 -7.03
CA GLY E 220 33.36 -19.40 -7.30
C GLY E 220 33.09 -18.50 -8.49
N VAL E 221 33.72 -17.33 -8.48
CA VAL E 221 33.56 -16.36 -9.56
C VAL E 221 33.97 -16.90 -10.93
N ARG E 222 35.06 -17.67 -10.95
CA ARG E 222 35.57 -18.23 -12.19
C ARG E 222 34.61 -19.27 -12.76
N ARG E 223 34.07 -20.11 -11.90
CA ARG E 223 33.13 -21.13 -12.35
C ARG E 223 31.86 -20.47 -12.86
N MET E 224 31.42 -19.43 -12.15
CA MET E 224 30.23 -18.69 -12.52
C MET E 224 30.40 -18.05 -13.89
N VAL E 225 31.54 -17.40 -14.11
CA VAL E 225 31.80 -16.75 -15.37
C VAL E 225 31.90 -17.76 -16.49
N GLU E 226 32.47 -18.92 -16.21
CA GLU E 226 32.60 -19.97 -17.21
C GLU E 226 31.22 -20.47 -17.63
N VAL E 227 30.39 -20.85 -16.65
CA VAL E 227 29.04 -21.34 -16.93
C VAL E 227 28.24 -20.32 -17.75
N ALA E 228 28.38 -19.05 -17.40
CA ALA E 228 27.65 -18.01 -18.12
C ALA E 228 28.13 -17.92 -19.56
N LEU E 229 29.43 -18.06 -19.78
CA LEU E 229 29.96 -17.99 -21.13
C LEU E 229 29.45 -19.16 -21.97
N GLU E 230 29.69 -20.38 -21.49
CA GLU E 230 29.23 -21.57 -22.20
C GLU E 230 27.75 -21.46 -22.49
N ALA E 231 26.99 -20.97 -21.51
CA ALA E 231 25.54 -20.84 -21.62
C ALA E 231 25.05 -19.87 -22.70
N VAL E 232 25.54 -18.65 -22.70
CA VAL E 232 25.09 -17.69 -23.70
C VAL E 232 25.41 -18.15 -25.12
N LEU E 233 26.35 -19.07 -25.27
CA LEU E 233 26.72 -19.57 -26.59
C LEU E 233 25.71 -20.58 -27.13
N GLU E 234 24.85 -21.11 -26.26
CA GLU E 234 23.85 -22.08 -26.66
C GLU E 234 22.51 -21.42 -26.95
N VAL E 235 22.36 -20.16 -26.55
CA VAL E 235 21.11 -19.43 -26.77
C VAL E 235 21.18 -18.51 -27.98
N SER F 2 37.98 -2.02 7.34
CA SER F 2 37.71 -1.28 6.07
C SER F 2 36.34 -1.64 5.47
N PRO F 3 35.56 -0.62 5.07
CA PRO F 3 34.23 -0.85 4.49
C PRO F 3 34.24 -1.82 3.30
N ILE F 4 33.09 -2.42 3.03
CA ILE F 4 32.96 -3.38 1.95
C ILE F 4 33.16 -2.84 0.53
N HIS F 5 32.66 -1.64 0.26
CA HIS F 5 32.78 -1.04 -1.07
C HIS F 5 33.80 0.08 -1.23
N VAL F 6 33.75 1.06 -0.33
CA VAL F 6 34.70 2.16 -0.39
C VAL F 6 35.82 1.76 0.57
N ARG F 7 36.80 1.05 0.03
CA ARG F 7 37.93 0.56 0.81
C ARG F 7 38.97 1.62 1.16
N ALA F 8 38.59 2.52 2.05
CA ALA F 8 39.46 3.59 2.48
C ALA F 8 40.01 3.19 3.84
N HIS F 9 41.02 3.91 4.31
CA HIS F 9 41.60 3.61 5.61
C HIS F 9 41.29 4.78 6.55
N PRO F 10 41.47 4.56 7.87
CA PRO F 10 41.18 5.64 8.81
C PRO F 10 41.93 6.90 8.43
N GLY F 11 41.24 8.04 8.50
CA GLY F 11 41.87 9.30 8.17
C GLY F 11 41.89 9.67 6.70
N ASP F 12 41.60 8.71 5.82
CA ASP F 12 41.58 9.01 4.39
C ASP F 12 40.47 9.99 4.07
N VAL F 13 39.30 9.75 4.66
CA VAL F 13 38.12 10.57 4.44
C VAL F 13 38.06 11.78 5.35
N ALA F 14 37.84 12.94 4.73
CA ALA F 14 37.73 14.20 5.46
C ALA F 14 36.33 14.34 6.05
N GLU F 15 36.17 15.27 6.98
CA GLU F 15 34.87 15.51 7.62
C GLU F 15 33.86 16.07 6.64
N ARG F 16 34.34 16.92 5.74
CA ARG F 16 33.46 17.52 4.75
C ARG F 16 33.66 16.77 3.44
N VAL F 17 32.56 16.33 2.84
CA VAL F 17 32.62 15.56 1.60
C VAL F 17 31.65 16.00 0.51
N LEU F 18 32.13 16.00 -0.73
CA LEU F 18 31.30 16.33 -1.90
C LEU F 18 30.96 14.98 -2.54
N LEU F 19 29.69 14.81 -2.90
CA LEU F 19 29.25 13.53 -3.47
C LEU F 19 28.70 13.58 -4.89
N PRO F 20 29.59 13.52 -5.90
CA PRO F 20 29.12 13.55 -7.27
C PRO F 20 28.72 12.12 -7.62
N GLY F 21 27.69 11.96 -8.44
CA GLY F 21 27.27 10.62 -8.78
C GLY F 21 28.21 9.96 -9.77
N ASP F 22 28.87 10.78 -10.59
CA ASP F 22 29.79 10.31 -11.62
C ASP F 22 31.26 10.38 -11.25
N PRO F 23 31.97 9.25 -11.36
CA PRO F 23 33.40 9.20 -11.03
C PRO F 23 34.21 10.17 -11.89
N GLY F 24 33.74 10.40 -13.11
CA GLY F 24 34.44 11.32 -14.00
C GLY F 24 34.42 12.71 -13.41
N ARG F 25 33.31 13.05 -12.77
CA ARG F 25 33.14 14.36 -12.16
C ARG F 25 33.92 14.45 -10.84
N ALA F 26 33.99 13.35 -10.11
CA ALA F 26 34.74 13.32 -8.85
C ALA F 26 36.21 13.58 -9.13
N GLU F 27 36.73 12.92 -10.16
CA GLU F 27 38.13 13.09 -10.55
C GLU F 27 38.38 14.54 -10.93
N TRP F 28 37.53 15.07 -11.80
CA TRP F 28 37.65 16.45 -12.26
C TRP F 28 37.65 17.45 -11.11
N ILE F 29 36.74 17.25 -10.15
CA ILE F 29 36.62 18.16 -9.01
C ILE F 29 37.87 18.17 -8.14
N ALA F 30 38.41 16.97 -7.87
CA ALA F 30 39.59 16.85 -7.03
C ALA F 30 40.82 17.51 -7.67
N LYS F 31 41.01 17.27 -8.96
CA LYS F 31 42.15 17.85 -9.65
C LYS F 31 41.94 19.29 -10.07
N THR F 32 40.70 19.77 -10.00
CA THR F 32 40.42 21.15 -10.39
C THR F 32 40.31 22.14 -9.24
N PHE F 33 39.74 21.72 -8.12
CA PHE F 33 39.55 22.62 -6.99
C PHE F 33 40.38 22.36 -5.74
N LEU F 34 40.96 21.18 -5.62
CA LEU F 34 41.71 20.88 -4.41
C LEU F 34 43.22 21.02 -4.54
N GLN F 35 43.88 21.09 -3.39
CA GLN F 35 45.33 21.19 -3.33
C GLN F 35 45.80 19.81 -2.90
N ASN F 36 46.83 19.29 -3.56
CA ASN F 36 47.38 17.96 -3.24
C ASN F 36 46.34 16.83 -3.29
N PRO F 37 45.54 16.76 -4.35
CA PRO F 37 44.51 15.72 -4.51
C PRO F 37 45.09 14.31 -4.38
N ARG F 38 44.53 13.51 -3.46
CA ARG F 38 45.00 12.14 -3.27
C ARG F 38 43.83 11.15 -3.39
N ARG F 39 43.97 10.16 -4.27
CA ARG F 39 42.91 9.18 -4.44
C ARG F 39 43.04 8.07 -3.41
N TYR F 40 42.06 7.97 -2.52
CA TYR F 40 42.10 6.95 -1.47
C TYR F 40 41.32 5.66 -1.81
N ASN F 41 40.48 5.72 -2.84
CA ASN F 41 39.73 4.53 -3.24
C ASN F 41 39.35 4.53 -4.71
N ASP F 42 39.28 3.34 -5.29
CA ASP F 42 38.89 3.18 -6.68
C ASP F 42 38.13 1.86 -6.88
N HIS F 43 38.03 1.07 -5.81
CA HIS F 43 37.33 -0.20 -5.86
C HIS F 43 35.89 -0.02 -6.34
N ARG F 44 35.49 -0.85 -7.31
CA ARG F 44 34.16 -0.78 -7.92
C ARG F 44 33.91 0.56 -8.63
N GLY F 45 34.99 1.26 -8.96
CA GLY F 45 34.89 2.54 -9.65
C GLY F 45 34.35 3.68 -8.81
N LEU F 46 34.25 3.44 -7.51
CA LEU F 46 33.74 4.46 -6.60
C LEU F 46 34.93 5.33 -6.19
N TRP F 47 35.41 6.11 -7.16
CA TRP F 47 36.56 6.96 -6.93
C TRP F 47 36.34 7.99 -5.84
N GLY F 48 37.28 8.02 -4.90
CA GLY F 48 37.22 8.95 -3.80
C GLY F 48 38.55 9.64 -3.62
N TYR F 49 38.51 10.96 -3.47
CA TYR F 49 39.72 11.74 -3.29
C TYR F 49 39.63 12.58 -2.02
N THR F 50 40.77 13.09 -1.60
CA THR F 50 40.83 13.94 -0.44
C THR F 50 41.92 14.96 -0.71
N GLY F 51 41.62 16.22 -0.48
CA GLY F 51 42.59 17.27 -0.70
C GLY F 51 42.31 18.43 0.22
N LEU F 52 42.82 19.59 -0.11
CA LEU F 52 42.61 20.76 0.71
C LEU F 52 41.92 21.86 -0.08
N TYR F 53 40.90 22.46 0.51
CA TYR F 53 40.22 23.58 -0.13
C TYR F 53 40.45 24.72 0.85
N LYS F 54 41.24 25.69 0.43
CA LYS F 54 41.55 26.84 1.25
C LYS F 54 42.03 26.40 2.63
N GLY F 55 42.96 25.45 2.65
CA GLY F 55 43.51 24.98 3.91
C GLY F 55 42.66 24.00 4.70
N VAL F 56 41.48 23.66 4.18
CA VAL F 56 40.62 22.72 4.89
C VAL F 56 40.54 21.39 4.17
N PRO F 57 40.60 20.28 4.92
CA PRO F 57 40.51 18.96 4.29
C PRO F 57 39.13 18.75 3.69
N VAL F 58 39.08 18.37 2.42
CA VAL F 58 37.83 18.12 1.75
C VAL F 58 37.96 16.87 0.89
N SER F 59 36.92 16.04 0.90
CA SER F 59 36.91 14.81 0.13
C SER F 59 35.87 14.92 -0.97
N VAL F 60 36.03 14.09 -2.00
CA VAL F 60 35.10 14.05 -3.12
C VAL F 60 34.87 12.57 -3.41
N GLN F 61 33.75 12.04 -2.91
CA GLN F 61 33.43 10.63 -3.08
C GLN F 61 32.36 10.33 -4.12
N THR F 62 32.67 9.41 -5.03
CA THR F 62 31.74 8.99 -6.07
C THR F 62 30.63 8.18 -5.39
N THR F 63 29.39 8.35 -5.84
CA THR F 63 28.27 7.62 -5.25
C THR F 63 27.72 6.53 -6.17
N GLY F 64 27.82 6.78 -7.47
CA GLY F 64 27.27 5.85 -8.44
C GLY F 64 25.87 6.38 -8.67
N MET F 65 25.05 5.67 -9.46
CA MET F 65 23.70 6.12 -9.73
C MET F 65 22.65 5.29 -9.01
N GLY F 66 21.59 5.94 -8.56
CA GLY F 66 20.53 5.24 -7.85
C GLY F 66 20.72 5.34 -6.35
N THR F 67 19.63 5.37 -5.60
CA THR F 67 19.73 5.47 -4.14
C THR F 67 20.35 4.23 -3.52
N PRO F 68 20.26 3.07 -4.19
CA PRO F 68 20.88 1.89 -3.58
C PRO F 68 22.40 2.04 -3.50
N SER F 69 22.98 2.55 -4.59
CA SER F 69 24.42 2.76 -4.66
C SER F 69 24.83 3.92 -3.75
N ALA F 70 24.09 5.03 -3.82
CA ALA F 70 24.36 6.20 -3.01
C ALA F 70 24.32 5.83 -1.54
N ALA F 71 23.32 5.06 -1.16
CA ALA F 71 23.12 4.63 0.22
C ALA F 71 24.32 3.84 0.75
N ILE F 72 24.88 2.95 -0.07
CA ILE F 72 26.05 2.17 0.34
C ILE F 72 27.22 3.11 0.62
N VAL F 73 27.45 4.02 -0.31
CA VAL F 73 28.54 4.98 -0.21
C VAL F 73 28.41 5.87 1.01
N VAL F 74 27.21 6.40 1.22
CA VAL F 74 26.95 7.27 2.36
C VAL F 74 27.18 6.54 3.67
N GLU F 75 26.62 5.35 3.79
CA GLU F 75 26.75 4.55 5.01
C GLU F 75 28.21 4.39 5.35
N GLU F 76 28.98 3.93 4.38
CA GLU F 76 30.40 3.72 4.58
C GLU F 76 31.20 4.99 4.85
N LEU F 77 30.78 6.12 4.29
CA LEU F 77 31.50 7.37 4.53
C LEU F 77 31.29 7.84 5.97
N VAL F 78 30.05 7.69 6.44
CA VAL F 78 29.68 8.05 7.80
C VAL F 78 30.47 7.17 8.75
N ARG F 79 30.45 5.87 8.49
CA ARG F 79 31.15 4.90 9.31
C ARG F 79 32.63 5.26 9.39
N LEU F 80 33.11 5.99 8.37
CA LEU F 80 34.50 6.41 8.31
C LEU F 80 34.78 7.76 8.97
N GLY F 81 33.74 8.46 9.42
CA GLY F 81 33.95 9.75 10.06
C GLY F 81 33.47 10.97 9.30
N ALA F 82 32.84 10.79 8.15
CA ALA F 82 32.34 11.92 7.38
C ALA F 82 31.26 12.65 8.19
N ARG F 83 31.36 13.98 8.26
CA ARG F 83 30.42 14.77 9.03
C ARG F 83 29.45 15.61 8.19
N VAL F 84 29.99 16.23 7.16
CA VAL F 84 29.22 17.08 6.25
C VAL F 84 29.30 16.46 4.83
N LEU F 85 28.15 16.07 4.30
CA LEU F 85 28.12 15.47 2.96
C LEU F 85 27.14 16.22 2.08
N VAL F 86 27.67 16.86 1.05
CA VAL F 86 26.87 17.63 0.11
C VAL F 86 26.90 17.00 -1.28
N ARG F 87 25.73 16.65 -1.79
CA ARG F 87 25.64 16.06 -3.11
C ARG F 87 25.72 17.15 -4.17
N VAL F 88 26.56 16.91 -5.17
CA VAL F 88 26.72 17.84 -6.29
C VAL F 88 26.42 17.04 -7.55
N GLY F 89 25.18 17.04 -7.98
CA GLY F 89 24.85 16.26 -9.16
C GLY F 89 24.12 16.99 -10.25
N THR F 90 23.56 16.22 -11.17
CA THR F 90 22.79 16.76 -12.28
C THR F 90 21.34 16.30 -12.13
N ALA F 91 20.42 16.95 -12.85
CA ALA F 91 19.02 16.58 -12.74
C ALA F 91 18.27 16.82 -14.04
N GLY F 92 17.07 16.27 -14.13
CA GLY F 92 16.25 16.44 -15.32
C GLY F 92 15.07 17.34 -14.99
N ALA F 93 15.00 18.50 -15.64
CA ALA F 93 13.90 19.44 -15.42
C ALA F 93 12.55 18.78 -15.66
N ALA F 94 11.55 19.18 -14.88
CA ALA F 94 10.20 18.62 -14.99
C ALA F 94 9.29 19.57 -15.79
N SER F 95 9.49 20.86 -15.59
CA SER F 95 8.70 21.87 -16.29
C SER F 95 9.61 22.60 -17.24
N SER F 96 9.03 23.52 -18.00
CA SER F 96 9.81 24.31 -18.93
C SER F 96 10.36 25.50 -18.14
N ASP F 97 9.96 25.61 -16.88
CA ASP F 97 10.41 26.71 -16.02
C ASP F 97 11.86 26.53 -15.58
N LEU F 98 12.47 25.42 -15.95
CA LEU F 98 13.86 25.15 -15.63
C LEU F 98 14.62 24.87 -16.92
N ALA F 99 15.66 25.64 -17.16
CA ALA F 99 16.47 25.47 -18.35
C ALA F 99 17.76 24.76 -18.00
N PRO F 100 18.39 24.08 -18.97
CA PRO F 100 19.66 23.39 -18.69
C PRO F 100 20.74 24.39 -18.29
N GLY F 101 21.49 24.06 -17.24
CA GLY F 101 22.56 24.94 -16.79
C GLY F 101 22.20 25.66 -15.51
N GLU F 102 20.91 25.62 -15.16
CA GLU F 102 20.42 26.27 -13.96
C GLU F 102 20.78 25.43 -12.75
N LEU F 103 20.95 26.10 -11.61
CA LEU F 103 21.30 25.43 -10.37
C LEU F 103 20.09 25.31 -9.45
N ILE F 104 19.95 24.15 -8.80
CA ILE F 104 18.86 23.92 -7.87
C ILE F 104 19.46 23.58 -6.50
N VAL F 105 19.05 24.33 -5.48
CA VAL F 105 19.50 24.03 -4.12
C VAL F 105 18.30 23.26 -3.56
N ALA F 106 18.46 21.95 -3.38
CA ALA F 106 17.39 21.09 -2.89
C ALA F 106 16.87 21.39 -1.49
N GLN F 107 15.62 21.82 -1.41
CA GLN F 107 14.98 22.13 -0.13
C GLN F 107 14.49 20.82 0.46
N GLY F 108 14.14 19.89 -0.42
CA GLY F 108 13.66 18.59 0.00
C GLY F 108 13.73 17.64 -1.18
N ALA F 109 13.40 16.37 -0.95
CA ALA F 109 13.44 15.41 -2.04
C ALA F 109 12.31 14.39 -1.95
N VAL F 110 11.41 14.44 -2.92
CA VAL F 110 10.29 13.50 -2.95
C VAL F 110 10.86 12.10 -3.11
N PRO F 111 10.55 11.20 -2.15
CA PRO F 111 11.01 9.82 -2.12
C PRO F 111 10.25 8.83 -3.00
N LEU F 112 10.57 8.81 -4.29
CA LEU F 112 9.93 7.89 -5.23
C LEU F 112 10.80 6.65 -5.40
N ASP F 113 11.80 6.51 -4.55
CA ASP F 113 12.72 5.37 -4.64
C ASP F 113 12.41 4.26 -3.65
N GLY F 114 13.05 3.11 -3.86
CA GLY F 114 12.83 1.99 -2.98
C GLY F 114 13.79 1.94 -1.81
N THR F 115 14.94 2.60 -1.93
CA THR F 115 15.90 2.57 -0.84
C THR F 115 15.36 3.24 0.41
N THR F 116 14.88 4.48 0.26
CA THR F 116 14.33 5.20 1.41
C THR F 116 13.18 4.38 1.96
N ARG F 117 12.38 3.83 1.06
CA ARG F 117 11.24 3.00 1.43
C ARG F 117 11.64 1.81 2.31
N GLN F 118 12.69 1.09 1.94
CA GLN F 118 13.11 -0.06 2.74
C GLN F 118 13.65 0.35 4.10
N TYR F 119 14.38 1.46 4.16
CA TYR F 119 14.92 1.93 5.44
C TYR F 119 13.79 2.39 6.34
N LEU F 120 12.73 2.92 5.74
CA LEU F 120 11.58 3.42 6.47
C LEU F 120 10.49 2.38 6.63
N GLU F 121 10.72 1.20 6.07
CA GLU F 121 9.75 0.13 6.15
C GLU F 121 8.38 0.58 5.64
N GLY F 122 8.37 1.32 4.53
CA GLY F 122 7.13 1.76 3.96
C GLY F 122 6.47 2.98 4.56
N ARG F 123 7.03 3.53 5.62
CA ARG F 123 6.43 4.70 6.26
C ARG F 123 6.60 5.99 5.42
N PRO F 124 5.63 6.92 5.53
CA PRO F 124 5.70 8.19 4.79
C PRO F 124 6.90 8.96 5.34
N TYR F 125 7.40 9.95 4.61
CA TYR F 125 8.54 10.71 5.08
C TYR F 125 8.81 11.91 4.19
N ALA F 126 9.46 12.92 4.77
CA ALA F 126 9.80 14.13 4.05
C ALA F 126 11.33 14.27 4.10
N PRO F 127 12.02 13.77 3.07
CA PRO F 127 13.48 13.88 3.09
C PRO F 127 13.93 15.33 2.87
N VAL F 128 14.65 15.88 3.84
CA VAL F 128 15.16 17.24 3.72
C VAL F 128 16.65 17.26 4.08
N PRO F 129 17.37 18.31 3.68
CA PRO F 129 18.79 18.36 4.01
C PRO F 129 18.94 18.86 5.44
N ASP F 130 20.17 18.93 5.91
CA ASP F 130 20.41 19.46 7.23
C ASP F 130 20.08 20.94 7.07
N PRO F 131 19.28 21.52 7.98
CA PRO F 131 18.95 22.94 7.83
C PRO F 131 20.13 23.89 7.60
N GLU F 132 21.18 23.77 8.39
CA GLU F 132 22.33 24.66 8.23
C GLU F 132 23.03 24.48 6.88
N VAL F 133 23.18 23.24 6.43
CA VAL F 133 23.82 22.98 5.15
C VAL F 133 22.94 23.54 4.03
N PHE F 134 21.63 23.41 4.22
CA PHE F 134 20.68 23.92 3.25
C PHE F 134 20.84 25.43 3.18
N ARG F 135 20.87 26.04 4.36
CA ARG F 135 21.01 27.50 4.47
C ARG F 135 22.32 27.99 3.86
N ALA F 136 23.41 27.30 4.15
CA ALA F 136 24.73 27.66 3.62
C ALA F 136 24.75 27.61 2.10
N LEU F 137 24.27 26.51 1.51
CA LEU F 137 24.25 26.39 0.06
C LEU F 137 23.55 27.57 -0.58
N TRP F 138 22.37 27.90 -0.04
CA TRP F 138 21.57 29.01 -0.52
C TRP F 138 22.34 30.32 -0.36
N ARG F 139 22.86 30.54 0.85
CA ARG F 139 23.61 31.76 1.14
C ARG F 139 24.81 31.99 0.23
N ARG F 140 25.56 30.92 -0.08
CA ARG F 140 26.72 31.06 -0.95
C ARG F 140 26.32 31.33 -2.41
N ALA F 141 25.26 30.70 -2.87
CA ALA F 141 24.81 30.91 -4.24
C ALA F 141 24.53 32.39 -4.43
N GLU F 142 23.92 33.01 -3.43
CA GLU F 142 23.62 34.44 -3.51
C GLU F 142 24.89 35.30 -3.47
N ALA F 143 25.77 34.98 -2.52
CA ALA F 143 27.01 35.72 -2.36
C ALA F 143 27.95 35.66 -3.57
N LEU F 144 27.85 34.61 -4.37
CA LEU F 144 28.71 34.46 -5.54
C LEU F 144 28.01 34.98 -6.80
N GLY F 145 26.81 35.51 -6.63
CA GLY F 145 26.06 36.05 -7.75
C GLY F 145 25.57 35.06 -8.79
N TYR F 146 25.46 33.78 -8.42
CA TYR F 146 25.02 32.76 -9.36
C TYR F 146 23.50 32.51 -9.30
N PRO F 147 22.82 32.65 -10.44
CA PRO F 147 21.36 32.42 -10.46
C PRO F 147 21.05 31.00 -10.01
N HIS F 148 20.00 30.84 -9.24
CA HIS F 148 19.62 29.53 -8.72
C HIS F 148 18.14 29.45 -8.37
N ARG F 149 17.68 28.23 -8.08
CA ARG F 149 16.29 27.98 -7.70
C ARG F 149 16.34 27.17 -6.41
N VAL F 150 15.42 27.45 -5.50
CA VAL F 150 15.33 26.73 -4.23
C VAL F 150 13.98 26.05 -4.18
N GLY F 151 13.98 24.73 -4.13
CA GLY F 151 12.73 23.99 -4.08
C GLY F 151 12.91 22.48 -4.03
N LEU F 152 11.85 21.77 -4.39
CA LEU F 152 11.86 20.31 -4.37
C LEU F 152 12.40 19.63 -5.62
N VAL F 153 12.92 18.43 -5.42
CA VAL F 153 13.39 17.59 -6.50
C VAL F 153 12.75 16.25 -6.17
N ALA F 154 12.76 15.32 -7.10
CA ALA F 154 12.18 14.03 -6.82
C ALA F 154 13.27 13.00 -7.07
N SER F 155 13.47 12.11 -6.10
CA SER F 155 14.47 11.05 -6.23
C SER F 155 13.75 9.81 -6.73
N GLU F 156 14.13 9.33 -7.92
CA GLU F 156 13.48 8.16 -8.50
C GLU F 156 14.43 7.01 -8.79
N ASP F 157 13.86 5.87 -9.16
CA ASP F 157 14.63 4.67 -9.46
C ASP F 157 14.77 4.35 -10.96
N ALA F 158 13.65 4.35 -11.68
CA ALA F 158 13.65 4.04 -13.11
C ALA F 158 13.82 5.27 -13.98
N PHE F 159 15.03 5.48 -14.47
CA PHE F 159 15.36 6.62 -15.32
C PHE F 159 14.54 6.68 -16.61
N TYR F 160 14.38 5.53 -17.26
CA TYR F 160 13.66 5.44 -18.52
C TYR F 160 12.16 5.16 -18.43
N ALA F 161 11.59 5.31 -17.24
CA ALA F 161 10.16 5.04 -17.08
C ALA F 161 9.35 6.34 -17.08
N THR F 162 9.85 7.34 -16.37
CA THR F 162 9.15 8.62 -16.27
C THR F 162 8.95 9.31 -17.60
N THR F 163 7.69 9.64 -17.88
CA THR F 163 7.32 10.31 -19.13
C THR F 163 7.18 11.82 -18.90
N PRO F 164 7.27 12.61 -19.98
CA PRO F 164 7.14 14.07 -19.86
C PRO F 164 5.80 14.48 -19.25
N GLU F 165 4.75 13.71 -19.53
CA GLU F 165 3.44 14.02 -18.98
C GLU F 165 3.46 13.88 -17.45
N GLU F 166 4.06 12.79 -16.96
CA GLU F 166 4.15 12.54 -15.52
C GLU F 166 4.99 13.62 -14.86
N ALA F 167 6.11 13.95 -15.49
CA ALA F 167 7.00 14.98 -14.96
C ALA F 167 6.22 16.28 -14.76
N ARG F 168 5.42 16.67 -15.75
CA ARG F 168 4.62 17.89 -15.64
C ARG F 168 3.59 17.77 -14.52
N ALA F 169 3.08 16.55 -14.33
CA ALA F 169 2.11 16.33 -13.27
C ALA F 169 2.80 16.66 -11.94
N TRP F 170 3.95 16.04 -11.69
CA TRP F 170 4.70 16.28 -10.46
C TRP F 170 5.07 17.75 -10.28
N ALA F 171 5.21 18.46 -11.39
CA ALA F 171 5.56 19.88 -11.33
C ALA F 171 4.44 20.63 -10.61
N ARG F 172 3.20 20.21 -10.81
CA ARG F 172 2.08 20.88 -10.17
C ARG F 172 2.12 20.74 -8.65
N TYR F 173 2.98 19.86 -8.15
CA TYR F 173 3.13 19.64 -6.71
C TYR F 173 4.39 20.27 -6.16
N GLY F 174 5.11 21.03 -6.98
CA GLY F 174 6.32 21.68 -6.51
C GLY F 174 7.61 21.04 -6.95
N VAL F 175 7.53 19.90 -7.64
CA VAL F 175 8.74 19.22 -8.08
C VAL F 175 9.40 19.95 -9.25
N LEU F 176 10.61 20.46 -8.99
CA LEU F 176 11.37 21.21 -9.98
C LEU F 176 12.09 20.31 -10.96
N ALA F 177 12.65 19.21 -10.47
CA ALA F 177 13.39 18.28 -11.31
C ALA F 177 13.52 16.90 -10.69
N PHE F 178 13.95 15.94 -11.50
CA PHE F 178 14.14 14.56 -11.04
C PHE F 178 15.61 14.19 -11.02
N GLU F 179 16.03 13.50 -9.97
CA GLU F 179 17.40 13.02 -9.86
C GLU F 179 17.35 11.65 -9.19
N MET F 180 18.48 11.05 -8.88
CA MET F 180 18.46 9.71 -8.30
C MET F 180 19.25 9.41 -7.04
N GLU F 181 19.46 10.37 -6.15
CA GLU F 181 20.21 10.08 -4.92
C GLU F 181 19.79 10.88 -3.69
N ALA F 182 19.30 12.09 -3.90
CA ALA F 182 18.91 12.99 -2.82
C ALA F 182 18.14 12.39 -1.63
N SER F 183 17.00 11.77 -1.92
CA SER F 183 16.14 11.18 -0.89
C SER F 183 16.87 10.28 0.11
N ALA F 184 17.66 9.33 -0.40
CA ALA F 184 18.38 8.43 0.50
C ALA F 184 19.44 9.19 1.31
N LEU F 185 20.10 10.14 0.66
CA LEU F 185 21.13 10.91 1.36
C LEU F 185 20.50 11.67 2.52
N PHE F 186 19.43 12.40 2.23
CA PHE F 186 18.74 13.16 3.26
C PHE F 186 18.30 12.27 4.42
N LEU F 187 17.64 11.17 4.10
CA LEU F 187 17.18 10.24 5.12
C LEU F 187 18.34 9.77 6.00
N LEU F 188 19.41 9.25 5.37
CA LEU F 188 20.56 8.77 6.12
C LEU F 188 21.20 9.88 6.94
N GLY F 189 21.08 11.12 6.48
CA GLY F 189 21.63 12.24 7.23
C GLY F 189 20.97 12.33 8.60
N ARG F 190 19.66 12.17 8.65
CA ARG F 190 18.94 12.23 9.92
C ARG F 190 19.18 10.98 10.76
N MET F 191 19.04 9.80 10.14
CA MET F 191 19.26 8.52 10.82
C MET F 191 20.68 8.37 11.37
N ARG F 192 21.67 8.76 10.57
CA ARG F 192 23.06 8.62 10.96
C ARG F 192 23.69 9.81 11.65
N GLY F 193 22.90 10.87 11.82
CA GLY F 193 23.39 12.07 12.50
C GLY F 193 24.50 12.86 11.84
N VAL F 194 24.45 13.03 10.52
CA VAL F 194 25.45 13.82 9.83
C VAL F 194 24.73 14.92 9.06
N ARG F 195 25.45 15.96 8.68
CA ARG F 195 24.86 17.08 7.96
C ARG F 195 24.97 16.93 6.45
N THR F 196 23.84 16.73 5.78
CA THR F 196 23.88 16.59 4.33
C THR F 196 23.11 17.68 3.63
N GLY F 197 23.32 17.78 2.32
CA GLY F 197 22.64 18.77 1.52
C GLY F 197 22.85 18.38 0.07
N ALA F 198 22.17 19.05 -0.85
CA ALA F 198 22.33 18.74 -2.27
C ALA F 198 22.06 19.92 -3.17
N ILE F 199 22.94 20.10 -4.15
CA ILE F 199 22.79 21.16 -5.14
C ILE F 199 22.95 20.45 -6.48
N LEU F 200 22.10 20.80 -7.43
CA LEU F 200 22.12 20.13 -8.72
C LEU F 200 22.18 21.10 -9.90
N ALA F 201 22.67 20.60 -11.03
CA ALA F 201 22.75 21.40 -12.24
C ALA F 201 21.88 20.67 -13.26
N VAL F 202 20.78 21.30 -13.67
CA VAL F 202 19.89 20.70 -14.64
C VAL F 202 20.70 20.42 -15.89
N SER F 203 20.73 19.16 -16.33
CA SER F 203 21.49 18.81 -17.52
C SER F 203 20.58 18.43 -18.68
N ASN F 204 19.28 18.45 -18.45
CA ASN F 204 18.33 18.08 -19.51
C ASN F 204 16.89 18.22 -19.06
N ARG F 205 15.98 18.00 -20.01
CA ARG F 205 14.54 18.03 -19.75
C ARG F 205 14.11 16.59 -19.80
N ILE F 206 13.15 16.21 -18.94
CA ILE F 206 12.66 14.84 -18.92
C ILE F 206 12.20 14.47 -20.32
N GLY F 207 12.72 13.35 -20.82
CA GLY F 207 12.34 12.90 -22.14
C GLY F 207 13.38 13.21 -23.20
N ASP F 208 14.29 14.15 -22.90
CA ASP F 208 15.33 14.51 -23.85
C ASP F 208 16.18 13.29 -24.22
N PRO F 209 16.43 13.10 -25.53
CA PRO F 209 17.24 11.98 -26.02
C PRO F 209 18.72 12.16 -25.65
N GLU F 210 19.12 13.41 -25.45
CA GLU F 210 20.50 13.73 -25.10
C GLU F 210 20.58 14.82 -24.04
N LEU F 211 21.77 14.96 -23.46
CA LEU F 211 22.04 15.97 -22.44
C LEU F 211 22.42 17.28 -23.16
N ALA F 212 22.18 18.42 -22.52
CA ALA F 212 22.49 19.70 -23.14
C ALA F 212 23.96 19.78 -23.53
N PRO F 213 24.30 20.68 -24.47
CA PRO F 213 25.68 20.87 -24.92
C PRO F 213 26.64 20.98 -23.73
N PRO F 214 27.74 20.22 -23.75
CA PRO F 214 28.72 20.25 -22.67
C PRO F 214 29.19 21.65 -22.27
N GLU F 215 28.90 22.64 -23.09
CA GLU F 215 29.30 24.01 -22.80
C GLU F 215 28.38 24.69 -21.80
N VAL F 216 27.11 24.80 -22.16
CA VAL F 216 26.10 25.43 -21.31
C VAL F 216 26.04 24.74 -19.95
N LEU F 217 26.28 23.43 -19.99
CA LEU F 217 26.24 22.61 -18.79
C LEU F 217 27.48 22.78 -17.91
N GLN F 218 28.65 22.85 -18.55
CA GLN F 218 29.92 23.00 -17.84
C GLN F 218 30.01 24.19 -16.87
N GLU F 219 29.57 25.38 -17.29
CA GLU F 219 29.63 26.52 -16.39
C GLU F 219 28.71 26.28 -15.19
N GLY F 220 27.59 25.62 -15.45
CA GLY F 220 26.66 25.34 -14.38
C GLY F 220 27.29 24.42 -13.36
N VAL F 221 28.07 23.46 -13.83
CA VAL F 221 28.72 22.50 -12.95
C VAL F 221 29.84 23.12 -12.12
N ARG F 222 30.56 24.07 -12.70
CA ARG F 222 31.65 24.72 -11.99
C ARG F 222 31.05 25.53 -10.84
N ARG F 223 30.01 26.30 -11.15
CA ARG F 223 29.32 27.11 -10.14
C ARG F 223 28.82 26.24 -8.99
N MET F 224 28.20 25.12 -9.35
CA MET F 224 27.65 24.17 -8.40
C MET F 224 28.72 23.68 -7.42
N VAL F 225 29.86 23.27 -7.96
CA VAL F 225 30.95 22.76 -7.15
C VAL F 225 31.54 23.86 -6.27
N GLU F 226 31.66 25.06 -6.80
CA GLU F 226 32.23 26.17 -6.02
C GLU F 226 31.34 26.44 -4.80
N VAL F 227 30.04 26.59 -5.04
CA VAL F 227 29.09 26.84 -3.97
C VAL F 227 29.16 25.75 -2.89
N ALA F 228 29.20 24.50 -3.33
CA ALA F 228 29.25 23.39 -2.39
C ALA F 228 30.54 23.43 -1.57
N LEU F 229 31.64 23.86 -2.19
CA LEU F 229 32.90 23.93 -1.46
C LEU F 229 32.80 25.02 -0.38
N GLU F 230 32.37 26.21 -0.78
CA GLU F 230 32.22 27.31 0.18
C GLU F 230 31.32 26.83 1.31
N ALA F 231 30.20 26.23 0.94
CA ALA F 231 29.22 25.74 1.90
C ALA F 231 29.75 24.79 2.97
N VAL F 232 30.33 23.66 2.55
CA VAL F 232 30.84 22.70 3.53
C VAL F 232 31.84 23.30 4.51
N LEU F 233 32.44 24.44 4.17
CA LEU F 233 33.40 25.08 5.07
C LEU F 233 32.66 25.89 6.13
N GLU F 234 31.47 26.35 5.79
CA GLU F 234 30.65 27.15 6.69
C GLU F 234 30.16 26.32 7.89
N VAL F 235 29.96 25.03 7.66
CA VAL F 235 29.49 24.13 8.72
C VAL F 235 30.58 23.20 9.26
S SO4 G . -2.67 24.14 17.50
O1 SO4 G . -1.59 23.34 16.90
O2 SO4 G . -2.75 25.44 16.82
O3 SO4 G . -2.40 24.33 18.93
O4 SO4 G . -3.96 23.44 17.34
O5' ADN H . -4.03 19.50 20.95
C5' ADN H . -3.82 18.92 19.67
C4' ADN H . -3.62 20.11 18.72
O4' ADN H . -2.45 20.96 19.04
C3' ADN H . -3.38 19.67 17.29
O3' ADN H . -4.14 20.56 16.46
C2' ADN H . -1.85 19.80 17.05
O2' ADN H . -1.51 20.55 15.88
C1' ADN H . -1.32 20.37 18.39
N9 ADN H . -0.62 19.36 19.30
C8 ADN H . -0.05 19.68 20.55
N7 ADN H . 0.50 18.67 21.19
C5 ADN H . 0.30 17.59 20.32
C6 ADN H . 0.65 16.18 20.41
N6 ADN H . 1.30 15.65 21.46
N1 ADN H . 0.30 15.37 19.35
C2 ADN H . -0.36 15.90 18.29
N3 ADN H . -0.74 17.20 18.10
C4 ADN H . -0.38 17.99 19.15
S SO4 I . -21.41 18.30 10.09
O1 SO4 I . -20.05 18.81 10.31
O2 SO4 I . -22.22 19.34 9.43
O3 SO4 I . -22.02 17.94 11.38
O4 SO4 I . -21.38 17.09 9.23
O5' ADN J . -18.86 21.08 5.37
C5' ADN J . -18.11 19.89 5.57
C4' ADN J . -18.69 19.29 6.87
O4' ADN J . -20.11 18.92 6.80
C3' ADN J . -18.00 17.99 7.22
O3' ADN J . -17.87 18.02 8.66
C2' ADN J . -18.94 16.85 6.75
O2' ADN J . -19.21 15.84 7.73
C1' ADN J . -20.18 17.62 6.20
N9 ADN J . -20.31 17.72 4.69
C8 ADN J . -21.37 18.37 4.03
N7 ADN J . -21.29 18.36 2.72
C5 ADN J . -20.10 17.66 2.47
C6 ADN J . -19.41 17.31 1.23
N6 ADN J . -19.86 17.62 0.00
N1 ADN J . -18.22 16.61 1.36
C2 ADN J . -17.74 16.29 2.60
N3 ADN J . -18.30 16.57 3.80
C4 ADN J . -19.48 17.27 3.67
S SO4 K . -19.27 -22.38 4.82
O1 SO4 K . -20.52 -22.38 4.05
O2 SO4 K . -19.08 -21.06 5.46
O3 SO4 K . -18.15 -22.67 3.91
O4 SO4 K . -19.33 -23.42 5.86
S SO4 L . -37.93 -4.00 13.25
O1 SO4 L . -38.00 -4.99 14.34
O2 SO4 L . -36.64 -4.15 12.56
O3 SO4 L . -38.04 -2.65 13.81
O4 SO4 L . -39.04 -4.23 12.30
O5' ADN M . -13.87 -24.20 6.32
C5' ADN M . -13.68 -22.89 5.83
C4' ADN M . -15.05 -22.48 5.27
O4' ADN M . -16.13 -22.46 6.27
C3' ADN M . -15.06 -21.08 4.71
O3' ADN M . -15.85 -21.16 3.50
C2' ADN M . -15.73 -20.17 5.77
O2' ADN M . -16.80 -19.36 5.26
C1' ADN M . -16.10 -21.16 6.90
N9 ADN M . -15.23 -21.13 8.12
C8 ADN M . -15.51 -21.84 9.32
N7 ADN M . -14.63 -21.69 10.28
C5 ADN M . -13.67 -20.84 9.73
C6 ADN M . -12.42 -20.28 10.23
N6 ADN M . -11.97 -20.54 11.46
N1 ADN M . -11.71 -19.45 9.40
C2 ADN M . -12.16 -19.18 8.14
N3 ADN M . -13.30 -19.65 7.56
C4 ADN M . -14.02 -20.47 8.40
S SO4 N . -9.13 -25.22 -13.38
O1 SO4 N . -8.21 -24.07 -13.46
O2 SO4 N . -10.13 -24.99 -12.31
O3 SO4 N . -8.35 -26.43 -13.05
O4 SO4 N . -9.82 -25.40 -14.67
O5' ADN O . -13.15 -21.01 -14.61
C5' ADN O . -12.24 -20.32 -13.76
C4' ADN O . -11.26 -21.41 -13.31
O4' ADN O . -10.51 -22.05 -14.39
C3' ADN O . -10.18 -20.88 -12.38
O3' ADN O . -10.06 -21.88 -11.36
C2' ADN O . -8.89 -20.74 -13.22
O2' ADN O . -7.74 -21.37 -12.66
C1' ADN O . -9.32 -21.26 -14.64
N9 ADN O . -9.56 -20.20 -15.69
C8 ADN O . -9.82 -20.48 -17.05
N7 ADN O . -10.00 -19.43 -17.81
C5 ADN O . -9.88 -18.35 -16.92
C6 ADN O . -9.96 -16.91 -17.09
N6 ADN O . -10.24 -16.33 -18.28
N1 ADN O . -9.79 -16.12 -15.97
C2 ADN O . -9.51 -16.70 -14.78
N3 ADN O . -9.41 -18.03 -14.49
C4 ADN O . -9.59 -18.79 -15.62
S SO4 P . 27.82 -7.82 -8.03
O1 SO4 P . 29.00 -8.30 -7.29
O2 SO4 P . 27.64 -6.37 -7.80
O3 SO4 P . 26.63 -8.55 -7.59
O4 SO4 P . 28.02 -8.07 -9.46
O5' ADN Q . 28.21 -5.36 -2.71
C5' ADN Q . 26.83 -5.27 -3.04
C4' ADN Q . 26.75 -5.79 -4.49
O4' ADN Q . 27.17 -7.19 -4.66
C3' ADN Q . 25.33 -5.78 -5.03
O3' ADN Q . 25.48 -5.33 -6.40
C2' ADN Q . 24.81 -7.23 -4.97
O2' ADN Q . 24.25 -7.71 -6.19
C1' ADN Q . 26.02 -8.02 -4.41
N9 ADN Q . 25.91 -8.45 -2.96
C8 ADN Q . 26.87 -9.23 -2.30
N7 ADN Q . 26.62 -9.50 -1.05
C5 ADN Q . 25.39 -8.87 -0.82
C6 ADN Q . 24.53 -8.77 0.34
N6 ADN Q . 24.84 -9.34 1.51
N1 ADN Q . 23.36 -8.06 0.22
C2 ADN Q . 23.03 -7.48 -0.98
N3 ADN Q . 23.75 -7.50 -2.14
C4 ADN Q . 24.92 -8.22 -1.99
S SO4 R . 24.84 12.74 -11.02
O1 SO4 R . 25.18 13.25 -12.36
O2 SO4 R . 25.84 13.26 -10.06
O3 SO4 R . 24.88 11.26 -11.02
O4 SO4 R . 23.49 13.20 -10.66
S SO4 S . 21.35 33.83 5.84
O1 SO4 S . 22.40 33.44 6.80
O2 SO4 S . 21.77 35.04 5.10
O3 SO4 S . 20.10 34.13 6.58
O4 SO4 S . 21.12 32.73 4.89
O5' ADN T . 22.16 10.55 -15.69
C5' ADN T . 21.35 10.10 -14.59
C4' ADN T . 22.05 10.64 -13.33
O4' ADN T . 22.13 12.11 -13.25
C3' ADN T . 21.33 10.26 -12.05
O3' ADN T . 22.36 9.94 -11.09
C2' ADN T . 20.52 11.51 -11.61
O2' ADN T . 20.70 11.90 -10.25
C1' ADN T . 20.91 12.57 -12.69
N9 ADN T . 19.87 12.87 -13.74
C8 ADN T . 20.03 13.82 -14.76
N7 ADN T . 19.01 13.94 -15.58
C5 ADN T . 18.09 13.01 -15.10
C6 ADN T . 16.76 12.62 -15.53
N6 ADN T . 16.14 13.15 -16.59
N1 ADN T . 16.11 11.65 -14.79
C2 ADN T . 16.72 11.09 -13.72
N3 ADN T . 17.96 11.37 -13.22
C4 ADN T . 18.59 12.35 -13.96
#